data_5ZUJ
# 
_entry.id   5ZUJ 
# 
_audit_conform.dict_name       mmcif_pdbx.dic 
_audit_conform.dict_version    5.380 
_audit_conform.dict_location   http://mmcif.pdb.org/dictionaries/ascii/mmcif_pdbx.dic 
# 
loop_
_database_2.database_id 
_database_2.database_code 
_database_2.pdbx_database_accession 
_database_2.pdbx_DOI 
PDB   5ZUJ         pdb_00005zuj 10.2210/pdb5zuj/pdb 
WWPDB D_1300007482 ?            ?                   
# 
_pdbx_database_status.status_code                     REL 
_pdbx_database_status.status_code_sf                  REL 
_pdbx_database_status.status_code_mr                  ? 
_pdbx_database_status.entry_id                        5ZUJ 
_pdbx_database_status.recvd_initial_deposition_date   2018-05-07 
_pdbx_database_status.SG_entry                        N 
_pdbx_database_status.deposit_site                    PDBJ 
_pdbx_database_status.process_site                    PDBJ 
_pdbx_database_status.status_code_cs                  ? 
_pdbx_database_status.methods_development_category    ? 
_pdbx_database_status.pdb_format_compatible           Y 
_pdbx_database_status.status_code_nmr_data            ? 
# 
loop_
_audit_author.name 
_audit_author.pdbx_ordinal 
_audit_author.identifier_ORCID 
'Huang, W.C.'       1 0000-0003-4437-3530 
'Maestre-Reyna, M.' 2 ?                   
'Hsiao, T.C.'       3 ?                   
'Tsai, M.D.'        4 ?                   
# 
_citation.abstract                  ? 
_citation.abstract_id_CAS           ? 
_citation.book_id_ISBN              ? 
_citation.book_publisher            ? 
_citation.book_publisher_city       ? 
_citation.book_title                ? 
_citation.coordinate_linkage        ? 
_citation.country                   GE 
_citation.database_id_Medline       ? 
_citation.details                   ? 
_citation.id                        primary 
_citation.journal_abbrev            Chembiochem 
_citation.journal_id_ASTM           ? 
_citation.journal_id_CSD            ? 
_citation.journal_id_ISSN           1439-7633 
_citation.journal_full              ? 
_citation.journal_issue             ? 
_citation.journal_volume            20 
_citation.language                  ? 
_citation.page_first                140 
_citation.page_last                 146 
_citation.title                     'Binding and Enhanced Binding between Key Immunity Proteins TRAF6 and TIFA.' 
_citation.year                      2019 
_citation.database_id_CSD           ? 
_citation.pdbx_database_id_DOI      10.1002/cbic.201800436 
_citation.pdbx_database_id_PubMed   30378729 
_citation.unpublished_flag          ? 
# 
loop_
_citation_author.citation_id 
_citation_author.name 
_citation_author.ordinal 
_citation_author.identifier_ORCID 
primary 'Huang, W.C.'       1 0000-0003-4437-3530 
primary 'Liao, J.H.'        2 0000-0002-6853-1073 
primary 'Hsiao, T.C.'       3 0000-0001-6435-2214 
primary 'Wei, T.W.'         4 ?                   
primary 'Maestre-Reyna, M.' 5 0000-0002-9566-7216 
primary 'Bessho, Y.'        6 0000-0001-9297-7473 
primary 'Tsai, M.D.'        7 0000-0003-1374-0414 
# 
_cell.angle_alpha                  90.00 
_cell.angle_alpha_esd              ? 
_cell.angle_beta                   90.00 
_cell.angle_beta_esd               ? 
_cell.angle_gamma                  120.00 
_cell.angle_gamma_esd              ? 
_cell.entry_id                     5ZUJ 
_cell.details                      ? 
_cell.formula_units_Z              ? 
_cell.length_a                     51.518 
_cell.length_a_esd                 ? 
_cell.length_b                     51.518 
_cell.length_b_esd                 ? 
_cell.length_c                     335.679 
_cell.length_c_esd                 ? 
_cell.volume                       ? 
_cell.volume_esd                   ? 
_cell.Z_PDB                        12 
_cell.reciprocal_angle_alpha       ? 
_cell.reciprocal_angle_beta        ? 
_cell.reciprocal_angle_gamma       ? 
_cell.reciprocal_angle_alpha_esd   ? 
_cell.reciprocal_angle_beta_esd    ? 
_cell.reciprocal_angle_gamma_esd   ? 
_cell.reciprocal_length_a          ? 
_cell.reciprocal_length_b          ? 
_cell.reciprocal_length_c          ? 
_cell.reciprocal_length_a_esd      ? 
_cell.reciprocal_length_b_esd      ? 
_cell.reciprocal_length_c_esd      ? 
_cell.pdbx_unique_axis             ? 
# 
_symmetry.entry_id                         5ZUJ 
_symmetry.cell_setting                     ? 
_symmetry.Int_Tables_number                178 
_symmetry.space_group_name_Hall            ? 
_symmetry.space_group_name_H-M             'P 61 2 2' 
_symmetry.pdbx_full_space_group_name_H-M   ? 
# 
loop_
_entity.id 
_entity.type 
_entity.src_method 
_entity.pdbx_description 
_entity.formula_weight 
_entity.pdbx_number_of_molecules 
_entity.pdbx_ec 
_entity.pdbx_mutation 
_entity.pdbx_fragment 
_entity.details 
1 polymer man 'TNF receptor-associated factor 6'                                                   18857.770 1  2.3.2.27 ? ? ? 
2 polymer syn 'peptide 170-184 from TRAF-interacting protein with FHA domain-containing protein A' 1639.500  1  ?        
'S174Q, M179D' ? ? 
3 water   nat water                                                                                18.015    63 ?        ? ? ? 
# 
loop_
_entity_name_com.entity_id 
_entity_name_com.name 
1 
'E3 ubiquitin-protein ligase TRAF6,Interleukin-1 signal transducer,RING finger protein 85,RING-type E3 ubiquitin transferase TRAF6' 
2 'TRAF2-binding protein' 
# 
loop_
_entity_poly.entity_id 
_entity_poly.type 
_entity_poly.nstd_linkage 
_entity_poly.nstd_monomer 
_entity_poly.pdbx_seq_one_letter_code 
_entity_poly.pdbx_seq_one_letter_code_can 
_entity_poly.pdbx_strand_id 
_entity_poly.pdbx_target_identifier 
1 'polypeptide(L)' no no 
;MNGIYIWKIGNFGMHLKCQEEEKPVVIHSPGFYTGKPGYKLCMRLHLQLPTAQRCANYISLFVHTMQGEYDSHLPWPFQG
TIRLTILDQSEAPVRQNHEEIMDAKPELLAFQRPTIPRNPKGFGYVTFMHLEALRQRTFIKDDTLLVRCEVSTLEHHHHH
H
;
;MNGIYIWKIGNFGMHLKCQEEEKPVVIHSPGFYTGKPGYKLCMRLHLQLPTAQRCANYISLFVHTMQGEYDSHLPWPFQG
TIRLTILDQSEAPVRQNHEEIMDAKPELLAFQRPTIPRNPKGFGYVTFMHLEALRQRTFIKDDTLLVRCEVSTLEHHHHH
H
;
A ? 
2 'polypeptide(L)' no no SSQSQSPTEDDENES SSQSQSPTEDDENES I ? 
# 
loop_
_entity_poly_seq.entity_id 
_entity_poly_seq.num 
_entity_poly_seq.mon_id 
_entity_poly_seq.hetero 
1 1   MET n 
1 2   ASN n 
1 3   GLY n 
1 4   ILE n 
1 5   TYR n 
1 6   ILE n 
1 7   TRP n 
1 8   LYS n 
1 9   ILE n 
1 10  GLY n 
1 11  ASN n 
1 12  PHE n 
1 13  GLY n 
1 14  MET n 
1 15  HIS n 
1 16  LEU n 
1 17  LYS n 
1 18  CYS n 
1 19  GLN n 
1 20  GLU n 
1 21  GLU n 
1 22  GLU n 
1 23  LYS n 
1 24  PRO n 
1 25  VAL n 
1 26  VAL n 
1 27  ILE n 
1 28  HIS n 
1 29  SER n 
1 30  PRO n 
1 31  GLY n 
1 32  PHE n 
1 33  TYR n 
1 34  THR n 
1 35  GLY n 
1 36  LYS n 
1 37  PRO n 
1 38  GLY n 
1 39  TYR n 
1 40  LYS n 
1 41  LEU n 
1 42  CYS n 
1 43  MET n 
1 44  ARG n 
1 45  LEU n 
1 46  HIS n 
1 47  LEU n 
1 48  GLN n 
1 49  LEU n 
1 50  PRO n 
1 51  THR n 
1 52  ALA n 
1 53  GLN n 
1 54  ARG n 
1 55  CYS n 
1 56  ALA n 
1 57  ASN n 
1 58  TYR n 
1 59  ILE n 
1 60  SER n 
1 61  LEU n 
1 62  PHE n 
1 63  VAL n 
1 64  HIS n 
1 65  THR n 
1 66  MET n 
1 67  GLN n 
1 68  GLY n 
1 69  GLU n 
1 70  TYR n 
1 71  ASP n 
1 72  SER n 
1 73  HIS n 
1 74  LEU n 
1 75  PRO n 
1 76  TRP n 
1 77  PRO n 
1 78  PHE n 
1 79  GLN n 
1 80  GLY n 
1 81  THR n 
1 82  ILE n 
1 83  ARG n 
1 84  LEU n 
1 85  THR n 
1 86  ILE n 
1 87  LEU n 
1 88  ASP n 
1 89  GLN n 
1 90  SER n 
1 91  GLU n 
1 92  ALA n 
1 93  PRO n 
1 94  VAL n 
1 95  ARG n 
1 96  GLN n 
1 97  ASN n 
1 98  HIS n 
1 99  GLU n 
1 100 GLU n 
1 101 ILE n 
1 102 MET n 
1 103 ASP n 
1 104 ALA n 
1 105 LYS n 
1 106 PRO n 
1 107 GLU n 
1 108 LEU n 
1 109 LEU n 
1 110 ALA n 
1 111 PHE n 
1 112 GLN n 
1 113 ARG n 
1 114 PRO n 
1 115 THR n 
1 116 ILE n 
1 117 PRO n 
1 118 ARG n 
1 119 ASN n 
1 120 PRO n 
1 121 LYS n 
1 122 GLY n 
1 123 PHE n 
1 124 GLY n 
1 125 TYR n 
1 126 VAL n 
1 127 THR n 
1 128 PHE n 
1 129 MET n 
1 130 HIS n 
1 131 LEU n 
1 132 GLU n 
1 133 ALA n 
1 134 LEU n 
1 135 ARG n 
1 136 GLN n 
1 137 ARG n 
1 138 THR n 
1 139 PHE n 
1 140 ILE n 
1 141 LYS n 
1 142 ASP n 
1 143 ASP n 
1 144 THR n 
1 145 LEU n 
1 146 LEU n 
1 147 VAL n 
1 148 ARG n 
1 149 CYS n 
1 150 GLU n 
1 151 VAL n 
1 152 SER n 
1 153 THR n 
1 154 LEU n 
1 155 GLU n 
1 156 HIS n 
1 157 HIS n 
1 158 HIS n 
1 159 HIS n 
1 160 HIS n 
1 161 HIS n 
2 1   SER n 
2 2   SER n 
2 3   GLN n 
2 4   SER n 
2 5   GLN n 
2 6   SER n 
2 7   PRO n 
2 8   THR n 
2 9   GLU n 
2 10  ASP n 
2 11  ASP n 
2 12  GLU n 
2 13  ASN n 
2 14  GLU n 
2 15  SER n 
# 
_entity_src_gen.entity_id                          1 
_entity_src_gen.pdbx_src_id                        1 
_entity_src_gen.pdbx_alt_source_flag               sample 
_entity_src_gen.pdbx_seq_type                      'Biological sequence' 
_entity_src_gen.pdbx_beg_seq_num                   1 
_entity_src_gen.pdbx_end_seq_num                   161 
_entity_src_gen.gene_src_common_name               Human 
_entity_src_gen.gene_src_genus                     ? 
_entity_src_gen.pdbx_gene_src_gene                 'TRAF6, RNF85' 
_entity_src_gen.gene_src_species                   ? 
_entity_src_gen.gene_src_strain                    ? 
_entity_src_gen.gene_src_tissue                    ? 
_entity_src_gen.gene_src_tissue_fraction           ? 
_entity_src_gen.gene_src_details                   ? 
_entity_src_gen.pdbx_gene_src_fragment             ? 
_entity_src_gen.pdbx_gene_src_scientific_name      'Homo sapiens' 
_entity_src_gen.pdbx_gene_src_ncbi_taxonomy_id     9606 
_entity_src_gen.pdbx_gene_src_variant              ? 
_entity_src_gen.pdbx_gene_src_cell_line            ? 
_entity_src_gen.pdbx_gene_src_atcc                 ? 
_entity_src_gen.pdbx_gene_src_organ                ? 
_entity_src_gen.pdbx_gene_src_organelle            ? 
_entity_src_gen.pdbx_gene_src_cell                 ? 
_entity_src_gen.pdbx_gene_src_cellular_location    ? 
_entity_src_gen.host_org_common_name               ? 
_entity_src_gen.pdbx_host_org_scientific_name      'Escherichia coli' 
_entity_src_gen.pdbx_host_org_ncbi_taxonomy_id     562 
_entity_src_gen.host_org_genus                     ? 
_entity_src_gen.pdbx_host_org_gene                 ? 
_entity_src_gen.pdbx_host_org_organ                ? 
_entity_src_gen.host_org_species                   ? 
_entity_src_gen.pdbx_host_org_tissue               ? 
_entity_src_gen.pdbx_host_org_tissue_fraction      ? 
_entity_src_gen.pdbx_host_org_strain               ? 
_entity_src_gen.pdbx_host_org_variant              ? 
_entity_src_gen.pdbx_host_org_cell_line            ? 
_entity_src_gen.pdbx_host_org_atcc                 ? 
_entity_src_gen.pdbx_host_org_culture_collection   ? 
_entity_src_gen.pdbx_host_org_cell                 ? 
_entity_src_gen.pdbx_host_org_organelle            ? 
_entity_src_gen.pdbx_host_org_cellular_location    ? 
_entity_src_gen.pdbx_host_org_vector_type          ? 
_entity_src_gen.pdbx_host_org_vector               ? 
_entity_src_gen.host_org_details                   ? 
_entity_src_gen.expression_system_id               ? 
_entity_src_gen.plasmid_name                       ? 
_entity_src_gen.plasmid_details                    ? 
_entity_src_gen.pdbx_description                   ? 
# 
_pdbx_entity_src_syn.entity_id              2 
_pdbx_entity_src_syn.pdbx_src_id            1 
_pdbx_entity_src_syn.pdbx_alt_source_flag   sample 
_pdbx_entity_src_syn.pdbx_beg_seq_num       1 
_pdbx_entity_src_syn.pdbx_end_seq_num       15 
_pdbx_entity_src_syn.organism_scientific    'Homo sapiens' 
_pdbx_entity_src_syn.organism_common_name   Human 
_pdbx_entity_src_syn.ncbi_taxonomy_id       9606 
_pdbx_entity_src_syn.details                ? 
# 
loop_
_struct_ref.id 
_struct_ref.db_name 
_struct_ref.db_code 
_struct_ref.pdbx_db_accession 
_struct_ref.pdbx_db_isoform 
_struct_ref.entity_id 
_struct_ref.pdbx_seq_one_letter_code 
_struct_ref.pdbx_align_begin 
1 UNP TRAF6_HUMAN Q9Y4K3 ? 1 
;NGIYIWKIGNFGMHLKCQEEEKPVVIHSPGFYTGKPGYKLCMRLHLQLPTAQRCANYISLFVHTMQGEYDSHLPWPFQGT
IRLTILDQSEAPVRQNHEEIMDAKPELLAFQRPTIPRNPKGFGYVTFMHLEALRQRTFIKDDTLLVRCEVST
;
350 
2 UNP TIFA_HUMAN  Q96CG3 ? 2 SSQSSSPTEMDENES 170 
# 
loop_
_struct_ref_seq.align_id 
_struct_ref_seq.ref_id 
_struct_ref_seq.pdbx_PDB_id_code 
_struct_ref_seq.pdbx_strand_id 
_struct_ref_seq.seq_align_beg 
_struct_ref_seq.pdbx_seq_align_beg_ins_code 
_struct_ref_seq.seq_align_end 
_struct_ref_seq.pdbx_seq_align_end_ins_code 
_struct_ref_seq.pdbx_db_accession 
_struct_ref_seq.db_align_beg 
_struct_ref_seq.pdbx_db_align_beg_ins_code 
_struct_ref_seq.db_align_end 
_struct_ref_seq.pdbx_db_align_end_ins_code 
_struct_ref_seq.pdbx_auth_seq_align_beg 
_struct_ref_seq.pdbx_auth_seq_align_end 
1 1 5ZUJ A 2 ? 153 ? Q9Y4K3 350 ? 501 ? 350 501 
2 2 5ZUJ I 1 ? 15  ? Q96CG3 170 ? 184 ? 170 184 
# 
loop_
_struct_ref_seq_dif.align_id 
_struct_ref_seq_dif.pdbx_pdb_id_code 
_struct_ref_seq_dif.mon_id 
_struct_ref_seq_dif.pdbx_pdb_strand_id 
_struct_ref_seq_dif.seq_num 
_struct_ref_seq_dif.pdbx_pdb_ins_code 
_struct_ref_seq_dif.pdbx_seq_db_name 
_struct_ref_seq_dif.pdbx_seq_db_accession_code 
_struct_ref_seq_dif.db_mon_id 
_struct_ref_seq_dif.pdbx_seq_db_seq_num 
_struct_ref_seq_dif.details 
_struct_ref_seq_dif.pdbx_auth_seq_num 
_struct_ref_seq_dif.pdbx_ordinal 
1 5ZUJ MET A 1   ? UNP Q9Y4K3 ?   ?   'expression tag'      349 1  
1 5ZUJ LEU A 154 ? UNP Q9Y4K3 ?   ?   'expression tag'      502 2  
1 5ZUJ GLU A 155 ? UNP Q9Y4K3 ?   ?   'expression tag'      503 3  
1 5ZUJ HIS A 156 ? UNP Q9Y4K3 ?   ?   'expression tag'      504 4  
1 5ZUJ HIS A 157 ? UNP Q9Y4K3 ?   ?   'expression tag'      505 5  
1 5ZUJ HIS A 158 ? UNP Q9Y4K3 ?   ?   'expression tag'      506 6  
1 5ZUJ HIS A 159 ? UNP Q9Y4K3 ?   ?   'expression tag'      507 7  
1 5ZUJ HIS A 160 ? UNP Q9Y4K3 ?   ?   'expression tag'      508 8  
1 5ZUJ HIS A 161 ? UNP Q9Y4K3 ?   ?   'expression tag'      509 9  
2 5ZUJ GLN I 5   ? UNP Q96CG3 SER 174 'engineered mutation' 174 10 
2 5ZUJ ASP I 10  ? UNP Q96CG3 MET 179 'engineered mutation' 179 11 
# 
loop_
_chem_comp.id 
_chem_comp.type 
_chem_comp.mon_nstd_flag 
_chem_comp.name 
_chem_comp.pdbx_synonyms 
_chem_comp.formula 
_chem_comp.formula_weight 
ALA 'L-peptide linking' y ALANINE         ? 'C3 H7 N O2'     89.093  
ARG 'L-peptide linking' y ARGININE        ? 'C6 H15 N4 O2 1' 175.209 
ASN 'L-peptide linking' y ASPARAGINE      ? 'C4 H8 N2 O3'    132.118 
ASP 'L-peptide linking' y 'ASPARTIC ACID' ? 'C4 H7 N O4'     133.103 
CYS 'L-peptide linking' y CYSTEINE        ? 'C3 H7 N O2 S'   121.158 
GLN 'L-peptide linking' y GLUTAMINE       ? 'C5 H10 N2 O3'   146.144 
GLU 'L-peptide linking' y 'GLUTAMIC ACID' ? 'C5 H9 N O4'     147.129 
GLY 'peptide linking'   y GLYCINE         ? 'C2 H5 N O2'     75.067  
HIS 'L-peptide linking' y HISTIDINE       ? 'C6 H10 N3 O2 1' 156.162 
HOH non-polymer         . WATER           ? 'H2 O'           18.015  
ILE 'L-peptide linking' y ISOLEUCINE      ? 'C6 H13 N O2'    131.173 
LEU 'L-peptide linking' y LEUCINE         ? 'C6 H13 N O2'    131.173 
LYS 'L-peptide linking' y LYSINE          ? 'C6 H15 N2 O2 1' 147.195 
MET 'L-peptide linking' y METHIONINE      ? 'C5 H11 N O2 S'  149.211 
PHE 'L-peptide linking' y PHENYLALANINE   ? 'C9 H11 N O2'    165.189 
PRO 'L-peptide linking' y PROLINE         ? 'C5 H9 N O2'     115.130 
SER 'L-peptide linking' y SERINE          ? 'C3 H7 N O3'     105.093 
THR 'L-peptide linking' y THREONINE       ? 'C4 H9 N O3'     119.119 
TRP 'L-peptide linking' y TRYPTOPHAN      ? 'C11 H12 N2 O2'  204.225 
TYR 'L-peptide linking' y TYROSINE        ? 'C9 H11 N O3'    181.189 
VAL 'L-peptide linking' y VALINE          ? 'C5 H11 N O2'    117.146 
# 
_exptl.absorpt_coefficient_mu     ? 
_exptl.absorpt_correction_T_max   ? 
_exptl.absorpt_correction_T_min   ? 
_exptl.absorpt_correction_type    ? 
_exptl.absorpt_process_details    ? 
_exptl.entry_id                   5ZUJ 
_exptl.crystals_number            1 
_exptl.details                    ? 
_exptl.method                     'X-RAY DIFFRACTION' 
_exptl.method_details             ? 
# 
_exptl_crystal.colour                      ? 
_exptl_crystal.density_diffrn              ? 
_exptl_crystal.density_Matthews            3.14 
_exptl_crystal.density_method              ? 
_exptl_crystal.density_percent_sol         60.79 
_exptl_crystal.description                 ? 
_exptl_crystal.F_000                       ? 
_exptl_crystal.id                          1 
_exptl_crystal.preparation                 ? 
_exptl_crystal.size_max                    ? 
_exptl_crystal.size_mid                    ? 
_exptl_crystal.size_min                    ? 
_exptl_crystal.size_rad                    ? 
_exptl_crystal.colour_lustre               ? 
_exptl_crystal.colour_modifier             ? 
_exptl_crystal.colour_primary              ? 
_exptl_crystal.density_meas                ? 
_exptl_crystal.density_meas_esd            ? 
_exptl_crystal.density_meas_gt             ? 
_exptl_crystal.density_meas_lt             ? 
_exptl_crystal.density_meas_temp           ? 
_exptl_crystal.density_meas_temp_esd       ? 
_exptl_crystal.density_meas_temp_gt        ? 
_exptl_crystal.density_meas_temp_lt        ? 
_exptl_crystal.pdbx_crystal_image_url      ? 
_exptl_crystal.pdbx_crystal_image_format   ? 
_exptl_crystal.pdbx_mosaicity              ? 
_exptl_crystal.pdbx_mosaicity_esd          ? 
# 
_exptl_crystal_grow.apparatus       ? 
_exptl_crystal_grow.atmosphere      ? 
_exptl_crystal_grow.crystal_id      1 
_exptl_crystal_grow.details         ? 
_exptl_crystal_grow.method          EVAPORATION 
_exptl_crystal_grow.method_ref      ? 
_exptl_crystal_grow.pH              7.5 
_exptl_crystal_grow.pressure        ? 
_exptl_crystal_grow.pressure_esd    ? 
_exptl_crystal_grow.seeding         ? 
_exptl_crystal_grow.seeding_ref     ? 
_exptl_crystal_grow.temp            277 
_exptl_crystal_grow.temp_details    ? 
_exptl_crystal_grow.temp_esd        ? 
_exptl_crystal_grow.time            ? 
_exptl_crystal_grow.pdbx_details    '0.1 M HEPES sodium, pH 7.5, 1M Sodium citrate tribasic dihydrate, 10 mM TCEP' 
_exptl_crystal_grow.pdbx_pH_range   ? 
# 
_diffrn.ambient_environment    ? 
_diffrn.ambient_temp           100 
_diffrn.ambient_temp_details   ? 
_diffrn.ambient_temp_esd       ? 
_diffrn.crystal_id             1 
_diffrn.crystal_support        ? 
_diffrn.crystal_treatment      ? 
_diffrn.details                ? 
_diffrn.id                     1 
_diffrn.ambient_pressure       ? 
_diffrn.ambient_pressure_esd   ? 
_diffrn.ambient_pressure_gt    ? 
_diffrn.ambient_pressure_lt    ? 
_diffrn.ambient_temp_gt        ? 
_diffrn.ambient_temp_lt        ? 
# 
_diffrn_detector.details                      ? 
_diffrn_detector.detector                     CCD 
_diffrn_detector.diffrn_id                    1 
_diffrn_detector.type                         'RAYONIX MX300-HS' 
_diffrn_detector.area_resol_mean              ? 
_diffrn_detector.dtime                        ? 
_diffrn_detector.pdbx_frames_total            ? 
_diffrn_detector.pdbx_collection_time_total   ? 
_diffrn_detector.pdbx_collection_date         2017-07-19 
# 
_diffrn_radiation.collimation                      ? 
_diffrn_radiation.diffrn_id                        1 
_diffrn_radiation.filter_edge                      ? 
_diffrn_radiation.inhomogeneity                    ? 
_diffrn_radiation.monochromator                    'LN2-Cooled, Fixed-Exit Double Crystal Monochromator' 
_diffrn_radiation.polarisn_norm                    ? 
_diffrn_radiation.polarisn_ratio                   ? 
_diffrn_radiation.probe                            ? 
_diffrn_radiation.type                             ? 
_diffrn_radiation.xray_symbol                      ? 
_diffrn_radiation.wavelength_id                    1 
_diffrn_radiation.pdbx_monochromatic_or_laue_m_l   M 
_diffrn_radiation.pdbx_wavelength_list             ? 
_diffrn_radiation.pdbx_wavelength                  ? 
_diffrn_radiation.pdbx_diffrn_protocol             'SINGLE WAVELENGTH' 
_diffrn_radiation.pdbx_analyzer                    ? 
_diffrn_radiation.pdbx_scattering_type             x-ray 
# 
_diffrn_radiation_wavelength.id           1 
_diffrn_radiation_wavelength.wavelength   1 
_diffrn_radiation_wavelength.wt           1.0 
# 
_diffrn_source.current                     ? 
_diffrn_source.details                     ? 
_diffrn_source.diffrn_id                   1 
_diffrn_source.power                       ? 
_diffrn_source.size                        ? 
_diffrn_source.source                      SYNCHROTRON 
_diffrn_source.target                      ? 
_diffrn_source.type                        'NSRRC BEAMLINE TPS 05A' 
_diffrn_source.voltage                     ? 
_diffrn_source.take-off_angle              ? 
_diffrn_source.pdbx_wavelength_list        1 
_diffrn_source.pdbx_wavelength             ? 
_diffrn_source.pdbx_synchrotron_beamline   'TPS 05A' 
_diffrn_source.pdbx_synchrotron_site       NSRRC 
# 
_reflns.B_iso_Wilson_estimate            49.30 
_reflns.entry_id                         5ZUJ 
_reflns.data_reduction_details           ? 
_reflns.data_reduction_method            ? 
_reflns.d_resolution_high                2.6 
_reflns.d_resolution_low                 44.62 
_reflns.details                          ? 
_reflns.limit_h_max                      ? 
_reflns.limit_h_min                      ? 
_reflns.limit_k_max                      ? 
_reflns.limit_k_min                      ? 
_reflns.limit_l_max                      ? 
_reflns.limit_l_min                      ? 
_reflns.number_all                       ? 
_reflns.number_obs                       9019 
_reflns.observed_criterion               ? 
_reflns.observed_criterion_F_max         ? 
_reflns.observed_criterion_F_min         ? 
_reflns.observed_criterion_I_max         ? 
_reflns.observed_criterion_I_min         ? 
_reflns.observed_criterion_sigma_F       ? 
_reflns.observed_criterion_sigma_I       ? 
_reflns.percent_possible_obs             99.81 
_reflns.R_free_details                   ? 
_reflns.Rmerge_F_all                     ? 
_reflns.Rmerge_F_obs                     ? 
_reflns.Friedel_coverage                 ? 
_reflns.number_gt                        ? 
_reflns.threshold_expression             ? 
_reflns.pdbx_redundancy                  1.96 
_reflns.pdbx_Rmerge_I_obs                0.05055 
_reflns.pdbx_Rmerge_I_all                ? 
_reflns.pdbx_Rsym_value                  ? 
_reflns.pdbx_netI_over_av_sigmaI         ? 
_reflns.pdbx_netI_over_sigmaI            10.57 
_reflns.pdbx_res_netI_over_av_sigmaI_2   ? 
_reflns.pdbx_res_netI_over_sigmaI_2      ? 
_reflns.pdbx_chi_squared                 ? 
_reflns.pdbx_scaling_rejects             ? 
_reflns.pdbx_d_res_high_opt              ? 
_reflns.pdbx_d_res_low_opt               ? 
_reflns.pdbx_d_res_opt_method            ? 
_reflns.phase_calculation_details        ? 
_reflns.pdbx_Rrim_I_all                  0.07149 
_reflns.pdbx_Rpim_I_all                  0.05055 
_reflns.pdbx_d_opt                       ? 
_reflns.pdbx_number_measured_all         ? 
_reflns.pdbx_diffrn_id                   1 
_reflns.pdbx_ordinal                     1 
_reflns.pdbx_CC_half                     0.997 
_reflns.pdbx_R_split                     ? 
# 
_reflns_shell.d_res_high                  2.6 
_reflns_shell.d_res_low                   2.693 
_reflns_shell.meanI_over_sigI_all         ? 
_reflns_shell.meanI_over_sigI_obs         2.17 
_reflns_shell.number_measured_all         ? 
_reflns_shell.number_measured_obs         ? 
_reflns_shell.number_possible             ? 
_reflns_shell.number_unique_all           ? 
_reflns_shell.number_unique_obs           863 
_reflns_shell.percent_possible_all        99.88 
_reflns_shell.percent_possible_obs        ? 
_reflns_shell.Rmerge_F_all                ? 
_reflns_shell.Rmerge_F_obs                ? 
_reflns_shell.Rmerge_I_all                ? 
_reflns_shell.Rmerge_I_obs                0.4142 
_reflns_shell.meanI_over_sigI_gt          ? 
_reflns_shell.meanI_over_uI_all           ? 
_reflns_shell.meanI_over_uI_gt            ? 
_reflns_shell.number_measured_gt          ? 
_reflns_shell.number_unique_gt            ? 
_reflns_shell.percent_possible_gt         ? 
_reflns_shell.Rmerge_F_gt                 ? 
_reflns_shell.Rmerge_I_gt                 ? 
_reflns_shell.pdbx_redundancy             ? 
_reflns_shell.pdbx_Rsym_value             ? 
_reflns_shell.pdbx_chi_squared            ? 
_reflns_shell.pdbx_netI_over_sigmaI_all   ? 
_reflns_shell.pdbx_netI_over_sigmaI_obs   ? 
_reflns_shell.pdbx_Rrim_I_all             0.5858 
_reflns_shell.pdbx_Rpim_I_all             0.4142 
_reflns_shell.pdbx_rejects                ? 
_reflns_shell.pdbx_ordinal                1 
_reflns_shell.pdbx_diffrn_id              1 
_reflns_shell.pdbx_CC_half                0.777 
_reflns_shell.pdbx_R_split                ? 
# 
_refine.aniso_B[1][1]                            ? 
_refine.aniso_B[1][2]                            ? 
_refine.aniso_B[1][3]                            ? 
_refine.aniso_B[2][2]                            ? 
_refine.aniso_B[2][3]                            ? 
_refine.aniso_B[3][3]                            ? 
_refine.B_iso_max                                ? 
_refine.B_iso_mean                               46.2 
_refine.B_iso_min                                ? 
_refine.correlation_coeff_Fo_to_Fc               ? 
_refine.correlation_coeff_Fo_to_Fc_free          ? 
_refine.details                                  ? 
_refine.diff_density_max                         ? 
_refine.diff_density_max_esd                     ? 
_refine.diff_density_min                         ? 
_refine.diff_density_min_esd                     ? 
_refine.diff_density_rms                         ? 
_refine.diff_density_rms_esd                     ? 
_refine.entry_id                                 5ZUJ 
_refine.pdbx_refine_id                           'X-RAY DIFFRACTION' 
_refine.ls_abs_structure_details                 ? 
_refine.ls_abs_structure_Flack                   ? 
_refine.ls_abs_structure_Flack_esd               ? 
_refine.ls_abs_structure_Rogers                  ? 
_refine.ls_abs_structure_Rogers_esd              ? 
_refine.ls_d_res_high                            2.600 
_refine.ls_d_res_low                             44.616 
_refine.ls_extinction_coef                       ? 
_refine.ls_extinction_coef_esd                   ? 
_refine.ls_extinction_expression                 ? 
_refine.ls_extinction_method                     ? 
_refine.ls_goodness_of_fit_all                   ? 
_refine.ls_goodness_of_fit_all_esd               ? 
_refine.ls_goodness_of_fit_obs                   ? 
_refine.ls_goodness_of_fit_obs_esd               ? 
_refine.ls_hydrogen_treatment                    ? 
_refine.ls_matrix_type                           ? 
_refine.ls_number_constraints                    ? 
_refine.ls_number_parameters                     ? 
_refine.ls_number_reflns_all                     ? 
_refine.ls_number_reflns_obs                     9015 
_refine.ls_number_reflns_R_free                  443 
_refine.ls_number_reflns_R_work                  ? 
_refine.ls_number_restraints                     ? 
_refine.ls_percent_reflns_obs                    99.82 
_refine.ls_percent_reflns_R_free                 4.91 
_refine.ls_R_factor_all                          ? 
_refine.ls_R_factor_obs                          0.1953 
_refine.ls_R_factor_R_free                       0.2416 
_refine.ls_R_factor_R_free_error                 ? 
_refine.ls_R_factor_R_free_error_details         ? 
_refine.ls_R_factor_R_work                       0.1929 
_refine.ls_R_Fsqd_factor_obs                     ? 
_refine.ls_R_I_factor_obs                        ? 
_refine.ls_redundancy_reflns_all                 ? 
_refine.ls_redundancy_reflns_obs                 ? 
_refine.ls_restrained_S_all                      ? 
_refine.ls_restrained_S_obs                      ? 
_refine.ls_shift_over_esd_max                    ? 
_refine.ls_shift_over_esd_mean                   ? 
_refine.ls_structure_factor_coef                 ? 
_refine.ls_weighting_details                     ? 
_refine.ls_weighting_scheme                      ? 
_refine.ls_wR_factor_all                         ? 
_refine.ls_wR_factor_obs                         ? 
_refine.ls_wR_factor_R_free                      ? 
_refine.ls_wR_factor_R_work                      ? 
_refine.occupancy_max                            ? 
_refine.occupancy_min                            ? 
_refine.solvent_model_details                    ? 
_refine.solvent_model_param_bsol                 ? 
_refine.solvent_model_param_ksol                 ? 
_refine.ls_R_factor_gt                           ? 
_refine.ls_goodness_of_fit_gt                    ? 
_refine.ls_goodness_of_fit_ref                   ? 
_refine.ls_shift_over_su_max                     ? 
_refine.ls_shift_over_su_max_lt                  ? 
_refine.ls_shift_over_su_mean                    ? 
_refine.ls_shift_over_su_mean_lt                 ? 
_refine.pdbx_ls_sigma_I                          ? 
_refine.pdbx_ls_sigma_F                          1.34 
_refine.pdbx_ls_sigma_Fsqd                       ? 
_refine.pdbx_data_cutoff_high_absF               ? 
_refine.pdbx_data_cutoff_high_rms_absF           ? 
_refine.pdbx_data_cutoff_low_absF                ? 
_refine.pdbx_isotropic_thermal_model             ? 
_refine.pdbx_ls_cross_valid_method               'FREE R-VALUE' 
_refine.pdbx_method_to_determine_struct          'MOLECULAR REPLACEMENT' 
_refine.pdbx_starting_model                      1LB5 
_refine.pdbx_stereochemistry_target_values       ? 
_refine.pdbx_R_Free_selection_details            ? 
_refine.pdbx_stereochem_target_val_spec_case     ? 
_refine.pdbx_overall_ESU_R                       ? 
_refine.pdbx_overall_ESU_R_Free                  ? 
_refine.pdbx_solvent_vdw_probe_radii             1.11 
_refine.pdbx_solvent_ion_probe_radii             ? 
_refine.pdbx_solvent_shrinkage_radii             0.90 
_refine.pdbx_real_space_R                        ? 
_refine.pdbx_density_correlation                 ? 
_refine.pdbx_pd_number_of_powder_patterns        ? 
_refine.pdbx_pd_number_of_points                 ? 
_refine.pdbx_pd_meas_number_of_points            ? 
_refine.pdbx_pd_proc_ls_prof_R_factor            ? 
_refine.pdbx_pd_proc_ls_prof_wR_factor           ? 
_refine.pdbx_pd_Marquardt_correlation_coeff      ? 
_refine.pdbx_pd_Fsqrd_R_factor                   ? 
_refine.pdbx_pd_ls_matrix_band_width             ? 
_refine.pdbx_overall_phase_error                 24.31 
_refine.pdbx_overall_SU_R_free_Cruickshank_DPI   ? 
_refine.pdbx_overall_SU_R_free_Blow_DPI          ? 
_refine.pdbx_overall_SU_R_Blow_DPI               ? 
_refine.pdbx_TLS_residual_ADP_flag               ? 
_refine.pdbx_diffrn_id                           1 
_refine.overall_SU_B                             ? 
_refine.overall_SU_ML                            0.31 
_refine.overall_SU_R_Cruickshank_DPI             ? 
_refine.overall_SU_R_free                        ? 
_refine.overall_FOM_free_R_set                   ? 
_refine.overall_FOM_work_R_set                   ? 
_refine.pdbx_average_fsc_overall                 ? 
_refine.pdbx_average_fsc_work                    ? 
_refine.pdbx_average_fsc_free                    ? 
# 
_refine_hist.pdbx_refine_id                   'X-RAY DIFFRACTION' 
_refine_hist.cycle_id                         LAST 
_refine_hist.pdbx_number_atoms_protein        1327 
_refine_hist.pdbx_number_atoms_nucleic_acid   0 
_refine_hist.pdbx_number_atoms_ligand         0 
_refine_hist.number_atoms_solvent             63 
_refine_hist.number_atoms_total               1390 
_refine_hist.d_res_high                       2.600 
_refine_hist.d_res_low                        44.616 
# 
loop_
_refine_ls_restr.pdbx_refine_id 
_refine_ls_restr.criterion 
_refine_ls_restr.dev_ideal 
_refine_ls_restr.dev_ideal_target 
_refine_ls_restr.number 
_refine_ls_restr.rejects 
_refine_ls_restr.type 
_refine_ls_restr.weight 
_refine_ls_restr.pdbx_restraint_function 
'X-RAY DIFFRACTION' ? 0.008 ? 1362 ? f_bond_d           ? ? 
'X-RAY DIFFRACTION' ? 1.012 ? 1846 ? f_angle_d          ? ? 
'X-RAY DIFFRACTION' ? 9.515 ? 820  ? f_dihedral_angle_d ? ? 
'X-RAY DIFFRACTION' ? 0.058 ? 199  ? f_chiral_restr     ? ? 
'X-RAY DIFFRACTION' ? 0.006 ? 240  ? f_plane_restr      ? ? 
# 
loop_
_refine_ls_shell.pdbx_refine_id 
_refine_ls_shell.d_res_high 
_refine_ls_shell.d_res_low 
_refine_ls_shell.number_reflns_all 
_refine_ls_shell.number_reflns_obs 
_refine_ls_shell.number_reflns_R_free 
_refine_ls_shell.number_reflns_R_work 
_refine_ls_shell.percent_reflns_obs 
_refine_ls_shell.percent_reflns_R_free 
_refine_ls_shell.R_factor_all 
_refine_ls_shell.R_factor_obs 
_refine_ls_shell.R_factor_R_free 
_refine_ls_shell.R_factor_R_free_error 
_refine_ls_shell.R_factor_R_work 
_refine_ls_shell.redundancy_reflns_all 
_refine_ls_shell.redundancy_reflns_obs 
_refine_ls_shell.wR_factor_all 
_refine_ls_shell.wR_factor_obs 
_refine_ls_shell.wR_factor_R_free 
_refine_ls_shell.wR_factor_R_work 
_refine_ls_shell.pdbx_total_number_of_bins_used 
_refine_ls_shell.pdbx_phase_error 
_refine_ls_shell.pdbx_fsc_work 
_refine_ls_shell.pdbx_fsc_free 
'X-RAY DIFFRACTION' 2.6000 2.693   . . 131 2750 100.00 . . . 0.2904 . 0.2471 . . . . . . . . . . 
'X-RAY DIFFRACTION' 2.693  3.7494  . . 151 2795 100.00 . . . 0.2849 . 0.2038 . . . . . . . . . . 
'X-RAY DIFFRACTION' 3.7494 44.6224 . . 161 3027 100.00 . . . 0.2066 . 0.1735 . . . . . . . . . . 
# 
_struct.entry_id                     5ZUJ 
_struct.title                        'Binding and Enhanced Binding between Key Immunity Proteins TRAF6 and TIFA' 
_struct.pdbx_model_details           ? 
_struct.pdbx_formula_weight          ? 
_struct.pdbx_formula_weight_method   ? 
_struct.pdbx_model_type_details      ? 
_struct.pdbx_CASP_flag               N 
# 
_struct_keywords.entry_id        5ZUJ 
_struct_keywords.text            'Complex, TRAF6, TIFA mutant peptide, PROTEIN BINDING' 
_struct_keywords.pdbx_keywords   'PROTEIN BINDING' 
# 
loop_
_struct_asym.id 
_struct_asym.pdbx_blank_PDB_chainid_flag 
_struct_asym.pdbx_modified 
_struct_asym.entity_id 
_struct_asym.details 
A N N 1 ? 
B N N 2 ? 
C N N 3 ? 
D N N 3 ? 
# 
loop_
_struct_conf.conf_type_id 
_struct_conf.id 
_struct_conf.pdbx_PDB_helix_id 
_struct_conf.beg_label_comp_id 
_struct_conf.beg_label_asym_id 
_struct_conf.beg_label_seq_id 
_struct_conf.pdbx_beg_PDB_ins_code 
_struct_conf.end_label_comp_id 
_struct_conf.end_label_asym_id 
_struct_conf.end_label_seq_id 
_struct_conf.pdbx_end_PDB_ins_code 
_struct_conf.beg_auth_comp_id 
_struct_conf.beg_auth_asym_id 
_struct_conf.beg_auth_seq_id 
_struct_conf.end_auth_comp_id 
_struct_conf.end_auth_asym_id 
_struct_conf.end_auth_seq_id 
_struct_conf.pdbx_PDB_helix_class 
_struct_conf.details 
_struct_conf.pdbx_PDB_helix_length 
HELX_P HELX_P1 AA1 ASN A 11  ? GLU A 21  ? ASN A 359 GLU A 369 1 ? 11 
HELX_P HELX_P2 AA2 ALA A 52  ? ALA A 56  ? ALA A 400 ALA A 404 5 ? 5  
HELX_P HELX_P3 AA3 TYR A 70  ? LEU A 74  ? TYR A 418 LEU A 422 5 ? 5  
HELX_P HELX_P4 AA4 GLU A 91  ? ARG A 95  ? GLU A 439 ARG A 443 5 ? 5  
HELX_P HELX_P5 AA5 LEU A 108 ? GLN A 112 ? LEU A 456 GLN A 460 5 ? 5  
HELX_P HELX_P6 AA6 GLU A 132 ? ARG A 137 ? GLU A 480 ARG A 485 5 ? 6  
# 
_struct_conf_type.id          HELX_P 
_struct_conf_type.criteria    ? 
_struct_conf_type.reference   ? 
# 
loop_
_struct_mon_prot_cis.pdbx_id 
_struct_mon_prot_cis.label_comp_id 
_struct_mon_prot_cis.label_seq_id 
_struct_mon_prot_cis.label_asym_id 
_struct_mon_prot_cis.label_alt_id 
_struct_mon_prot_cis.pdbx_PDB_ins_code 
_struct_mon_prot_cis.auth_comp_id 
_struct_mon_prot_cis.auth_seq_id 
_struct_mon_prot_cis.auth_asym_id 
_struct_mon_prot_cis.pdbx_label_comp_id_2 
_struct_mon_prot_cis.pdbx_label_seq_id_2 
_struct_mon_prot_cis.pdbx_label_asym_id_2 
_struct_mon_prot_cis.pdbx_PDB_ins_code_2 
_struct_mon_prot_cis.pdbx_auth_comp_id_2 
_struct_mon_prot_cis.pdbx_auth_seq_id_2 
_struct_mon_prot_cis.pdbx_auth_asym_id_2 
_struct_mon_prot_cis.pdbx_PDB_model_num 
_struct_mon_prot_cis.pdbx_omega_angle 
1 LYS 36 A . ? LYS 384 A PRO 37 A ? PRO 385 A 1 0.57  
2 TRP 76 A . ? TRP 424 A PRO 77 A ? PRO 425 A 1 -0.82 
# 
loop_
_struct_sheet.id 
_struct_sheet.type 
_struct_sheet.number_strands 
_struct_sheet.details 
AA1 ? 4 ? 
AA2 ? 3 ? 
AA3 ? 5 ? 
# 
loop_
_struct_sheet_order.sheet_id 
_struct_sheet_order.range_id_1 
_struct_sheet_order.range_id_2 
_struct_sheet_order.offset 
_struct_sheet_order.sense 
AA1 1 2 ? anti-parallel 
AA1 2 3 ? anti-parallel 
AA1 3 4 ? anti-parallel 
AA2 1 2 ? anti-parallel 
AA2 2 3 ? anti-parallel 
AA3 1 2 ? anti-parallel 
AA3 2 3 ? anti-parallel 
AA3 3 4 ? anti-parallel 
AA3 4 5 ? anti-parallel 
# 
loop_
_struct_sheet_range.sheet_id 
_struct_sheet_range.id 
_struct_sheet_range.beg_label_comp_id 
_struct_sheet_range.beg_label_asym_id 
_struct_sheet_range.beg_label_seq_id 
_struct_sheet_range.pdbx_beg_PDB_ins_code 
_struct_sheet_range.end_label_comp_id 
_struct_sheet_range.end_label_asym_id 
_struct_sheet_range.end_label_seq_id 
_struct_sheet_range.pdbx_end_PDB_ins_code 
_struct_sheet_range.beg_auth_comp_id 
_struct_sheet_range.beg_auth_asym_id 
_struct_sheet_range.beg_auth_seq_id 
_struct_sheet_range.end_auth_comp_id 
_struct_sheet_range.end_auth_asym_id 
_struct_sheet_range.end_auth_seq_id 
AA1 1 GLY A 3   ? ILE A 9   ? GLY A 351 ILE A 357 
AA1 2 LEU A 145 ? SER A 152 ? LEU A 493 SER A 500 
AA1 3 GLY A 80  ? ILE A 86  ? GLY A 428 ILE A 434 
AA1 4 HIS A 98  ? ALA A 104 ? HIS A 446 ALA A 452 
AA2 1 VAL A 25  ? HIS A 28  ? VAL A 373 HIS A 376 
AA2 2 LYS A 40  ? LEU A 47  ? LYS A 388 LEU A 395 
AA2 3 PHE A 32  ? TYR A 33  ? PHE A 380 TYR A 381 
AA3 1 VAL A 25  ? HIS A 28  ? VAL A 373 HIS A 376 
AA3 2 LYS A 40  ? LEU A 47  ? LYS A 388 LEU A 395 
AA3 3 TYR A 58  ? MET A 66  ? TYR A 406 MET A 414 
AA3 4 LYS A 121 ? HIS A 130 ? LYS A 469 HIS A 478 
AA3 5 THR B 8   ? ASP B 11  ? THR I 177 ASP I 180 
# 
loop_
_pdbx_struct_sheet_hbond.sheet_id 
_pdbx_struct_sheet_hbond.range_id_1 
_pdbx_struct_sheet_hbond.range_id_2 
_pdbx_struct_sheet_hbond.range_1_label_atom_id 
_pdbx_struct_sheet_hbond.range_1_label_comp_id 
_pdbx_struct_sheet_hbond.range_1_label_asym_id 
_pdbx_struct_sheet_hbond.range_1_label_seq_id 
_pdbx_struct_sheet_hbond.range_1_PDB_ins_code 
_pdbx_struct_sheet_hbond.range_1_auth_atom_id 
_pdbx_struct_sheet_hbond.range_1_auth_comp_id 
_pdbx_struct_sheet_hbond.range_1_auth_asym_id 
_pdbx_struct_sheet_hbond.range_1_auth_seq_id 
_pdbx_struct_sheet_hbond.range_2_label_atom_id 
_pdbx_struct_sheet_hbond.range_2_label_comp_id 
_pdbx_struct_sheet_hbond.range_2_label_asym_id 
_pdbx_struct_sheet_hbond.range_2_label_seq_id 
_pdbx_struct_sheet_hbond.range_2_PDB_ins_code 
_pdbx_struct_sheet_hbond.range_2_auth_atom_id 
_pdbx_struct_sheet_hbond.range_2_auth_comp_id 
_pdbx_struct_sheet_hbond.range_2_auth_asym_id 
_pdbx_struct_sheet_hbond.range_2_auth_seq_id 
AA1 1 2 N TRP A 7   ? N TRP A 355 O VAL A 147 ? O VAL A 495 
AA1 2 3 O SER A 152 ? O SER A 500 N THR A 81  ? N THR A 429 
AA1 3 4 N ILE A 86  ? N ILE A 434 O HIS A 98  ? O HIS A 446 
AA2 1 2 N ILE A 27  ? N ILE A 375 O LEU A 45  ? O LEU A 393 
AA2 2 3 O LEU A 41  ? O LEU A 389 N PHE A 32  ? N PHE A 380 
AA3 1 2 N ILE A 27  ? N ILE A 375 O LEU A 45  ? O LEU A 393 
AA3 2 3 N CYS A 42  ? N CYS A 390 O HIS A 64  ? O HIS A 412 
AA3 3 4 N ILE A 59  ? N ILE A 407 O MET A 129 ? O MET A 477 
AA3 4 5 N GLY A 124 ? N GLY A 472 O THR B 8   ? O THR I 177 
# 
_atom_sites.entry_id                    5ZUJ 
_atom_sites.fract_transf_matrix[1][1]   -0.00305794 
_atom_sites.fract_transf_matrix[1][2]   -0.02097667 
_atom_sites.fract_transf_matrix[1][3]   0.00728093 
_atom_sites.fract_transf_matrix[2][1]   0.01715068 
_atom_sites.fract_transf_matrix[2][2]   -0.01140743 
_atom_sites.fract_transf_matrix[2][3]   0.00883811 
_atom_sites.fract_transf_matrix[3][1]   -0.00070071 
_atom_sites.fract_transf_matrix[3][2]   0.00104006 
_atom_sites.fract_transf_matrix[3][3]   0.00270217 
_atom_sites.fract_transf_vector[1]      0.400136 
_atom_sites.fract_transf_vector[2]      0.426754 
_atom_sites.fract_transf_vector[3]      -0.029804 
# 
loop_
_atom_type.symbol 
C 
N 
O 
S 
# 
loop_
_atom_site.group_PDB 
_atom_site.id 
_atom_site.type_symbol 
_atom_site.label_atom_id 
_atom_site.label_alt_id 
_atom_site.label_comp_id 
_atom_site.label_asym_id 
_atom_site.label_entity_id 
_atom_site.label_seq_id 
_atom_site.pdbx_PDB_ins_code 
_atom_site.Cartn_x 
_atom_site.Cartn_y 
_atom_site.Cartn_z 
_atom_site.occupancy 
_atom_site.B_iso_or_equiv 
_atom_site.pdbx_formal_charge 
_atom_site.auth_seq_id 
_atom_site.auth_comp_id 
_atom_site.auth_asym_id 
_atom_site.auth_atom_id 
_atom_site.pdbx_PDB_model_num 
ATOM   1    N N   . ASN A 1 2   ? 5.286   15.940  5.572   1.00 67.41 ? 350 ASN A N   1 
ATOM   2    C CA  . ASN A 1 2   ? 5.865   15.022  4.595   1.00 71.28 ? 350 ASN A CA  1 
ATOM   3    C C   . ASN A 1 2   ? 6.403   13.734  5.234   1.00 68.96 ? 350 ASN A C   1 
ATOM   4    O O   . ASN A 1 2   ? 7.614   13.580  5.434   1.00 72.04 ? 350 ASN A O   1 
ATOM   5    C CB  . ASN A 1 2   ? 6.988   15.709  3.808   1.00 67.97 ? 350 ASN A CB  1 
ATOM   6    C CG  . ASN A 1 2   ? 7.261   15.020  2.479   1.00 67.85 ? 350 ASN A CG  1 
ATOM   7    O OD1 . ASN A 1 2   ? 7.639   13.844  2.441   1.00 66.99 ? 350 ASN A OD1 1 
ATOM   8    N ND2 . ASN A 1 2   ? 7.056   15.744  1.382   1.00 68.08 ? 350 ASN A ND2 1 
ATOM   9    N N   . GLY A 1 3   ? 5.497   12.799  5.521   1.00 55.21 ? 351 GLY A N   1 
ATOM   10   C CA  . GLY A 1 3   ? 5.859   11.583  6.225   1.00 53.78 ? 351 GLY A CA  1 
ATOM   11   C C   . GLY A 1 3   ? 6.284   10.446  5.309   1.00 57.63 ? 351 GLY A C   1 
ATOM   12   O O   . GLY A 1 3   ? 5.782   10.273  4.197   1.00 57.00 ? 351 GLY A O   1 
ATOM   13   N N   . ILE A 1 4   ? 7.231   9.658   5.799   1.00 55.29 ? 352 ILE A N   1 
ATOM   14   C CA  . ILE A 1 4   ? 7.768   8.518   5.071   1.00 47.59 ? 352 ILE A CA  1 
ATOM   15   C C   . ILE A 1 4   ? 7.671   7.302   5.975   1.00 45.16 ? 352 ILE A C   1 
ATOM   16   O O   . ILE A 1 4   ? 7.977   7.388   7.168   1.00 52.39 ? 352 ILE A O   1 
ATOM   17   C CB  . ILE A 1 4   ? 9.221   8.763   4.629   1.00 48.51 ? 352 ILE A CB  1 
ATOM   18   C CG1 . ILE A 1 4   ? 9.352   10.147  3.988   1.00 58.72 ? 352 ILE A CG1 1 
ATOM   19   C CG2 . ILE A 1 4   ? 9.684   7.677   3.674   1.00 55.55 ? 352 ILE A CG2 1 
ATOM   20   C CD1 . ILE A 1 4   ? 9.967   11.216  4.925   1.00 67.07 ? 352 ILE A CD1 1 
ATOM   21   N N   . TYR A 1 5   ? 7.201   6.189   5.428   1.00 41.12 ? 353 TYR A N   1 
ATOM   22   C CA  . TYR A 1 5   ? 7.123   4.948   6.181   1.00 40.94 ? 353 TYR A CA  1 
ATOM   23   C C   . TYR A 1 5   ? 7.596   3.786   5.320   1.00 42.74 ? 353 TYR A C   1 
ATOM   24   O O   . TYR A 1 5   ? 7.142   3.615   4.183   1.00 39.55 ? 353 TYR A O   1 
ATOM   25   C CB  . TYR A 1 5   ? 5.705   4.659   6.673   1.00 36.46 ? 353 TYR A CB  1 
ATOM   26   C CG  . TYR A 1 5   ? 5.674   3.394   7.497   1.00 40.19 ? 353 TYR A CG  1 
ATOM   27   C CD1 . TYR A 1 5   ? 6.259   3.364   8.756   1.00 38.92 ? 353 TYR A CD1 1 
ATOM   28   C CD2 . TYR A 1 5   ? 5.101   2.221   7.008   1.00 39.16 ? 353 TYR A CD2 1 
ATOM   29   C CE1 . TYR A 1 5   ? 6.260   2.218   9.520   1.00 41.75 ? 353 TYR A CE1 1 
ATOM   30   C CE2 . TYR A 1 5   ? 5.095   1.060   7.771   1.00 39.88 ? 353 TYR A CE2 1 
ATOM   31   C CZ  . TYR A 1 5   ? 5.681   1.068   9.034   1.00 44.40 ? 353 TYR A CZ  1 
ATOM   32   O OH  . TYR A 1 5   ? 5.696   -0.056  9.835   1.00 42.76 ? 353 TYR A OH  1 
ATOM   33   N N   . ILE A 1 6   ? 8.493   2.977   5.867   1.00 38.74 ? 354 ILE A N   1 
ATOM   34   C CA  . ILE A 1 6   ? 8.958   1.778   5.193   1.00 38.34 ? 354 ILE A CA  1 
ATOM   35   C C   . ILE A 1 6   ? 8.373   0.577   5.911   1.00 37.88 ? 354 ILE A C   1 
ATOM   36   O O   . ILE A 1 6   ? 8.624   0.366   7.103   1.00 41.42 ? 354 ILE A O   1 
ATOM   37   C CB  . ILE A 1 6   ? 10.486  1.716   5.131   1.00 38.44 ? 354 ILE A CB  1 
ATOM   38   C CG1 . ILE A 1 6   ? 10.985  2.888   4.288   1.00 37.97 ? 354 ILE A CG1 1 
ATOM   39   C CG2 . ILE A 1 6   ? 10.928  0.365   4.571   1.00 43.57 ? 354 ILE A CG2 1 
ATOM   40   C CD1 . ILE A 1 6   ? 12.282  2.654   3.607   1.00 39.55 ? 354 ILE A CD1 1 
ATOM   41   N N   . TRP A 1 7   ? 7.574   -0.188  5.189   1.00 37.15 ? 355 TRP A N   1 
ATOM   42   C CA  . TRP A 1 7   ? 6.881   -1.349  5.724   1.00 39.42 ? 355 TRP A CA  1 
ATOM   43   C C   . TRP A 1 7   ? 7.731   -2.570  5.406   1.00 41.15 ? 355 TRP A C   1 
ATOM   44   O O   . TRP A 1 7   ? 7.922   -2.908  4.231   1.00 42.87 ? 355 TRP A O   1 
ATOM   45   C CB  . TRP A 1 7   ? 5.492   -1.440  5.100   1.00 36.00 ? 355 TRP A CB  1 
ATOM   46   C CG  . TRP A 1 7   ? 4.663   -2.577  5.532   1.00 34.77 ? 355 TRP A CG  1 
ATOM   47   C CD1 . TRP A 1 7   ? 4.842   -3.369  6.632   1.00 34.98 ? 355 TRP A CD1 1 
ATOM   48   C CD2 . TRP A 1 7   ? 3.493   -3.062  4.869   1.00 36.66 ? 355 TRP A CD2 1 
ATOM   49   N NE1 . TRP A 1 7   ? 3.839   -4.317  6.697   1.00 35.50 ? 355 TRP A NE1 1 
ATOM   50   C CE2 . TRP A 1 7   ? 3.003   -4.149  5.622   1.00 35.15 ? 355 TRP A CE2 1 
ATOM   51   C CE3 . TRP A 1 7   ? 2.804   -2.674  3.710   1.00 36.05 ? 355 TRP A CE3 1 
ATOM   52   C CZ2 . TRP A 1 7   ? 1.863   -4.855  5.251   1.00 33.45 ? 355 TRP A CZ2 1 
ATOM   53   C CZ3 . TRP A 1 7   ? 1.668   -3.372  3.347   1.00 31.81 ? 355 TRP A CZ3 1 
ATOM   54   C CH2 . TRP A 1 7   ? 1.208   -4.450  4.115   1.00 34.04 ? 355 TRP A CH2 1 
ATOM   55   N N   . LYS A 1 8   ? 8.259   -3.218  6.442   1.00 38.25 ? 356 LYS A N   1 
ATOM   56   C CA  . LYS A 1 8   ? 9.117   -4.382  6.265   1.00 37.93 ? 356 LYS A CA  1 
ATOM   57   C C   . LYS A 1 8   ? 8.253   -5.631  6.373   1.00 41.75 ? 356 LYS A C   1 
ATOM   58   O O   . LYS A 1 8   ? 7.840   -6.015  7.472   1.00 42.31 ? 356 LYS A O   1 
ATOM   59   C CB  . LYS A 1 8   ? 10.237  -4.397  7.299   1.00 39.72 ? 356 LYS A CB  1 
ATOM   60   C CG  . LYS A 1 8   ? 11.180  -3.226  7.192   1.00 45.09 ? 356 LYS A CG  1 
ATOM   61   C CD  . LYS A 1 8   ? 12.564  -3.552  7.748   1.00 54.96 ? 356 LYS A CD  1 
ATOM   62   C CE  . LYS A 1 8   ? 13.404  -2.271  7.902   1.00 67.84 ? 356 LYS A CE  1 
ATOM   63   N NZ  . LYS A 1 8   ? 14.847  -2.513  8.244   1.00 76.16 ? 356 LYS A NZ  1 
ATOM   64   N N   . ILE A 1 9   ? 7.965   -6.255  5.234   1.00 44.62 ? 357 ILE A N   1 
ATOM   65   C CA  . ILE A 1 9   ? 7.197   -7.495  5.188   1.00 41.59 ? 357 ILE A CA  1 
ATOM   66   C C   . ILE A 1 9   ? 8.205   -8.632  5.089   1.00 42.97 ? 357 ILE A C   1 
ATOM   67   O O   . ILE A 1 9   ? 8.770   -8.894  4.025   1.00 47.94 ? 357 ILE A O   1 
ATOM   68   C CB  . ILE A 1 9   ? 6.211   -7.519  4.021   1.00 41.29 ? 357 ILE A CB  1 
ATOM   69   C CG1 . ILE A 1 9   ? 5.357   -6.247  3.993   1.00 34.74 ? 357 ILE A CG1 1 
ATOM   70   C CG2 . ILE A 1 9   ? 5.356   -8.765  4.098   1.00 39.26 ? 357 ILE A CG2 1 
ATOM   71   C CD1 . ILE A 1 9   ? 4.557   -6.106  2.700   1.00 32.46 ? 357 ILE A CD1 1 
ATOM   72   N N   . GLY A 1 10  ? 8.458   -9.302  6.210   1.00 44.92 ? 358 GLY A N   1 
ATOM   73   C CA  . GLY A 1 10  ? 9.372   -10.417 6.240   1.00 43.20 ? 358 GLY A CA  1 
ATOM   74   C C   . GLY A 1 10  ? 8.628   -11.737 6.165   1.00 45.14 ? 358 GLY A C   1 
ATOM   75   O O   . GLY A 1 10  ? 7.401   -11.796 6.127   1.00 44.77 ? 358 GLY A O   1 
ATOM   76   N N   . ASN A 1 11  ? 9.411   -12.817 6.159   1.00 46.22 ? 359 ASN A N   1 
ATOM   77   C CA  . ASN A 1 11  ? 8.862   -14.162 6.012   1.00 47.79 ? 359 ASN A CA  1 
ATOM   78   C C   . ASN A 1 11  ? 8.064   -14.250 4.717   1.00 47.99 ? 359 ASN A C   1 
ATOM   79   O O   . ASN A 1 11  ? 7.014   -14.892 4.641   1.00 48.19 ? 359 ASN A O   1 
ATOM   80   C CB  . ASN A 1 11  ? 8.017   -14.551 7.231   1.00 46.19 ? 359 ASN A CB  1 
ATOM   81   C CG  . ASN A 1 11  ? 7.796   -16.050 7.342   1.00 57.67 ? 359 ASN A CG  1 
ATOM   82   O OD1 . ASN A 1 11  ? 8.528   -16.860 6.750   1.00 62.37 ? 359 ASN A OD1 1 
ATOM   83   N ND2 . ASN A 1 11  ? 6.784   -16.435 8.122   1.00 63.01 ? 359 ASN A ND2 1 
ATOM   84   N N   . PHE A 1 12  ? 8.586   -13.588 3.682   1.00 45.59 ? 360 PHE A N   1 
ATOM   85   C CA  . PHE A 1 12  ? 7.811   -13.359 2.476   1.00 42.51 ? 360 PHE A CA  1 
ATOM   86   C C   . PHE A 1 12  ? 7.653   -14.626 1.647   1.00 43.84 ? 360 PHE A C   1 
ATOM   87   O O   . PHE A 1 12  ? 6.627   -14.796 0.981   1.00 44.48 ? 360 PHE A O   1 
ATOM   88   C CB  . PHE A 1 12  ? 8.460   -12.253 1.650   1.00 44.37 ? 360 PHE A CB  1 
ATOM   89   C CG  . PHE A 1 12  ? 7.605   -11.777 0.505   1.00 46.52 ? 360 PHE A CG  1 
ATOM   90   C CD1 . PHE A 1 12  ? 6.552   -10.907 0.727   1.00 46.09 ? 360 PHE A CD1 1 
ATOM   91   C CD2 . PHE A 1 12  ? 7.849   -12.206 -0.788  1.00 44.62 ? 360 PHE A CD2 1 
ATOM   92   C CE1 . PHE A 1 12  ? 5.768   -10.473 -0.316  1.00 45.08 ? 360 PHE A CE1 1 
ATOM   93   C CE2 . PHE A 1 12  ? 7.067   -11.773 -1.834  1.00 46.47 ? 360 PHE A CE2 1 
ATOM   94   C CZ  . PHE A 1 12  ? 6.024   -10.910 -1.597  1.00 46.63 ? 360 PHE A CZ  1 
ATOM   95   N N   . GLY A 1 13  ? 8.646   -15.519 1.664   1.00 40.88 ? 361 GLY A N   1 
ATOM   96   C CA  . GLY A 1 13  ? 8.504   -16.770 0.934   1.00 39.47 ? 361 GLY A CA  1 
ATOM   97   C C   . GLY A 1 13  ? 7.261   -17.533 1.339   1.00 42.56 ? 361 GLY A C   1 
ATOM   98   O O   . GLY A 1 13  ? 6.590   -18.137 0.500   1.00 44.33 ? 361 GLY A O   1 
ATOM   99   N N   . MET A 1 14  ? 6.914   -17.474 2.629   1.00 41.33 ? 362 MET A N   1 
ATOM   100  C CA  . MET A 1 14  ? 5.735   -18.162 3.137   1.00 41.35 ? 362 MET A CA  1 
ATOM   101  C C   . MET A 1 14  ? 4.446   -17.529 2.615   1.00 42.92 ? 362 MET A C   1 
ATOM   102  O O   . MET A 1 14  ? 3.481   -18.238 2.291   1.00 41.93 ? 362 MET A O   1 
ATOM   103  C CB  . MET A 1 14  ? 5.771   -18.149 4.663   1.00 42.29 ? 362 MET A CB  1 
ATOM   104  C CG  . MET A 1 14  ? 4.556   -18.755 5.332   1.00 45.33 ? 362 MET A CG  1 
ATOM   105  S SD  . MET A 1 14  ? 3.215   -17.573 5.588   1.00 52.43 ? 362 MET A SD  1 
ATOM   106  C CE  . MET A 1 14  ? 3.698   -16.748 7.106   1.00 41.33 ? 362 MET A CE  1 
ATOM   107  N N   . HIS A 1 15  ? 4.392   -16.197 2.567   1.00 40.38 ? 363 HIS A N   1 
ATOM   108  C CA  . HIS A 1 15  ? 3.231   -15.541 1.983   1.00 41.27 ? 363 HIS A CA  1 
ATOM   109  C C   . HIS A 1 15  ? 3.084   -15.926 0.516   1.00 43.97 ? 363 HIS A C   1 
ATOM   110  O O   . HIS A 1 15  ? 1.967   -16.149 0.028   1.00 42.74 ? 363 HIS A O   1 
ATOM   111  C CB  . HIS A 1 15  ? 3.355   -14.026 2.140   1.00 37.04 ? 363 HIS A CB  1 
ATOM   112  C CG  . HIS A 1 15  ? 3.327   -13.560 3.565   1.00 41.71 ? 363 HIS A CG  1 
ATOM   113  N ND1 . HIS A 1 15  ? 4.451   -13.526 4.360   1.00 46.31 ? 363 HIS A ND1 1 
ATOM   114  C CD2 . HIS A 1 15  ? 2.311   -13.101 4.335   1.00 42.94 ? 363 HIS A CD2 1 
ATOM   115  C CE1 . HIS A 1 15  ? 4.130   -13.073 5.560   1.00 44.32 ? 363 HIS A CE1 1 
ATOM   116  N NE2 . HIS A 1 15  ? 2.837   -12.807 5.571   1.00 40.53 ? 363 HIS A NE2 1 
ATOM   117  N N   . LEU A 1 16  ? 4.213   -16.030 -0.194  1.00 43.49 ? 364 LEU A N   1 
ATOM   118  C CA  . LEU A 1 16  ? 4.211   -16.446 -1.590  1.00 42.13 ? 364 LEU A CA  1 
ATOM   119  C C   . LEU A 1 16  ? 3.740   -17.880 -1.748  1.00 42.96 ? 364 LEU A C   1 
ATOM   120  O O   . LEU A 1 16  ? 2.989   -18.200 -2.679  1.00 41.26 ? 364 LEU A O   1 
ATOM   121  C CB  . LEU A 1 16  ? 5.611   -16.310 -2.158  1.00 46.21 ? 364 LEU A CB  1 
ATOM   122  C CG  . LEU A 1 16  ? 5.816   -14.970 -2.838  1.00 51.75 ? 364 LEU A CG  1 
ATOM   123  C CD1 . LEU A 1 16  ? 7.291   -14.808 -3.139  1.00 46.63 ? 364 LEU A CD1 1 
ATOM   124  C CD2 . LEU A 1 16  ? 4.954   -14.920 -4.101  1.00 54.35 ? 364 LEU A CD2 1 
ATOM   125  N N   . LYS A 1 17  ? 4.207   -18.762 -0.869  1.00 39.86 ? 365 LYS A N   1 
ATOM   126  C CA  . LYS A 1 17  ? 3.759   -20.142 -0.913  1.00 40.46 ? 365 LYS A CA  1 
ATOM   127  C C   . LYS A 1 17  ? 2.266   -20.231 -0.636  1.00 43.47 ? 365 LYS A C   1 
ATOM   128  O O   . LYS A 1 17  ? 1.568   -21.049 -1.245  1.00 45.24 ? 365 LYS A O   1 
ATOM   129  C CB  . LYS A 1 17  ? 4.569   -20.971 0.078   1.00 40.13 ? 365 LYS A CB  1 
ATOM   130  C CG  . LYS A 1 17  ? 4.331   -22.450 -0.032  1.00 53.35 ? 365 LYS A CG  1 
ATOM   131  C CD  . LYS A 1 17  ? 5.532   -23.251 0.467   1.00 64.33 ? 365 LYS A CD  1 
ATOM   132  C CE  . LYS A 1 17  ? 5.683   -24.583 -0.288  1.00 69.29 ? 365 LYS A CE  1 
ATOM   133  N NZ  . LYS A 1 17  ? 4.952   -24.630 -1.601  1.00 65.94 ? 365 LYS A NZ  1 
ATOM   134  N N   . CYS A 1 18  ? 1.754   -19.370 0.252   1.00 36.77 ? 366 CYS A N   1 
ATOM   135  C CA  . CYS A 1 18  ? 0.313   -19.294 0.478   1.00 40.06 ? 366 CYS A CA  1 
ATOM   136  C C   . CYS A 1 18  ? -0.424  -18.914 -0.791  1.00 38.93 ? 366 CYS A C   1 
ATOM   137  O O   . CYS A 1 18  ? -1.425  -19.543 -1.154  1.00 38.61 ? 366 CYS A O   1 
ATOM   138  C CB  . CYS A 1 18  ? -0.012  -18.267 1.566   1.00 38.75 ? 366 CYS A CB  1 
ATOM   139  S SG  . CYS A 1 18  ? 0.232   -18.855 3.212   1.00 42.43 ? 366 CYS A SG  1 
ATOM   140  N N   . GLN A 1 19  ? 0.022   -17.840 -1.443  1.00 36.20 ? 367 GLN A N   1 
ATOM   141  C CA  . GLN A 1 19  ? -0.616  -17.397 -2.674  1.00 36.46 ? 367 GLN A CA  1 
ATOM   142  C C   . GLN A 1 19  ? -0.617  -18.504 -3.719  1.00 41.57 ? 367 GLN A C   1 
ATOM   143  O O   . GLN A 1 19  ? -1.617  -18.707 -4.418  1.00 40.15 ? 367 GLN A O   1 
ATOM   144  C CB  . GLN A 1 19  ? 0.090   -16.152 -3.207  1.00 35.49 ? 367 GLN A CB  1 
ATOM   145  C CG  . GLN A 1 19  ? -0.579  -15.533 -4.415  1.00 33.93 ? 367 GLN A CG  1 
ATOM   146  C CD  . GLN A 1 19  ? -0.107  -16.140 -5.719  1.00 39.12 ? 367 GLN A CD  1 
ATOM   147  O OE1 . GLN A 1 19  ? 0.965   -16.753 -5.797  1.00 42.51 ? 367 GLN A OE1 1 
ATOM   148  N NE2 . GLN A 1 19  ? -0.911  -15.982 -6.756  1.00 40.82 ? 367 GLN A NE2 1 
ATOM   149  N N   . GLU A 1 20  ? 0.494   -19.239 -3.831  1.00 41.94 ? 368 GLU A N   1 
ATOM   150  C CA  . GLU A 1 20  ? 0.569   -20.307 -4.822  1.00 46.31 ? 368 GLU A CA  1 
ATOM   151  C C   . GLU A 1 20  ? -0.437  -21.406 -4.533  1.00 44.28 ? 368 GLU A C   1 
ATOM   152  O O   . GLU A 1 20  ? -0.902  -22.082 -5.456  1.00 48.37 ? 368 GLU A O   1 
ATOM   153  C CB  . GLU A 1 20  ? 1.985   -20.888 -4.876  1.00 47.14 ? 368 GLU A CB  1 
ATOM   154  C CG  . GLU A 1 20  ? 2.964   -20.005 -5.631  1.00 53.79 ? 368 GLU A CG  1 
ATOM   155  C CD  . GLU A 1 20  ? 4.429   -20.323 -5.336  1.00 63.93 ? 368 GLU A CD  1 
ATOM   156  O OE1 . GLU A 1 20  ? 4.730   -20.846 -4.233  1.00 57.73 ? 368 GLU A OE1 1 
ATOM   157  O OE2 . GLU A 1 20  ? 5.280   -20.038 -6.215  1.00 69.17 ? 368 GLU A OE2 1 
ATOM   158  N N   . GLU A 1 21  ? -0.794  -21.600 -3.274  1.00 41.83 ? 369 GLU A N   1 
ATOM   159  C CA  . GLU A 1 21  ? -1.757  -22.630 -2.930  1.00 41.60 ? 369 GLU A CA  1 
ATOM   160  C C   . GLU A 1 21  ? -3.173  -22.108 -2.905  1.00 42.07 ? 369 GLU A C   1 
ATOM   161  O O   . GLU A 1 21  ? -4.076  -22.824 -2.469  1.00 43.63 ? 369 GLU A O   1 
ATOM   162  C CB  . GLU A 1 21  ? -1.382  -23.259 -1.601  1.00 42.71 ? 369 GLU A CB  1 
ATOM   163  C CG  . GLU A 1 21  ? 0.026   -23.808 -1.679  1.00 43.18 ? 369 GLU A CG  1 
ATOM   164  C CD  . GLU A 1 21  ? 0.598   -24.170 -0.340  1.00 55.74 ? 369 GLU A CD  1 
ATOM   165  O OE1 . GLU A 1 21  ? 1.793   -24.554 -0.319  1.00 59.80 ? 369 GLU A OE1 1 
ATOM   166  O OE2 . GLU A 1 21  ? -0.140  -24.078 0.677   1.00 51.74 ? 369 GLU A OE2 1 
ATOM   167  N N   . GLU A 1 22  ? -3.382  -20.891 -3.395  1.00 40.90 ? 370 GLU A N   1 
ATOM   168  C CA  . GLU A 1 22  ? -4.705  -20.288 -3.493  1.00 43.95 ? 370 GLU A CA  1 
ATOM   169  C C   . GLU A 1 22  ? -5.330  -20.049 -2.125  1.00 43.25 ? 370 GLU A C   1 
ATOM   170  O O   . GLU A 1 22  ? -6.551  -20.123 -1.970  1.00 43.60 ? 370 GLU A O   1 
ATOM   171  C CB  . GLU A 1 22  ? -5.625  -21.126 -4.368  1.00 42.76 ? 370 GLU A CB  1 
ATOM   172  C CG  . GLU A 1 22  ? -4.986  -21.464 -5.687  1.00 51.68 ? 370 GLU A CG  1 
ATOM   173  C CD  . GLU A 1 22  ? -5.919  -22.213 -6.598  1.00 56.45 ? 370 GLU A CD  1 
ATOM   174  O OE1 . GLU A 1 22  ? -5.438  -22.762 -7.611  1.00 63.02 ? 370 GLU A OE1 1 
ATOM   175  O OE2 . GLU A 1 22  ? -7.133  -22.254 -6.294  1.00 59.15 ? 370 GLU A OE2 1 
ATOM   176  N N   . LYS A 1 23  ? -4.489  -19.757 -1.132  1.00 41.20 ? 371 LYS A N   1 
ATOM   177  C CA  . LYS A 1 23  ? -4.912  -19.253 0.162   1.00 41.17 ? 371 LYS A CA  1 
ATOM   178  C C   . LYS A 1 23  ? -4.738  -17.746 0.178   1.00 38.84 ? 371 LYS A C   1 
ATOM   179  O O   . LYS A 1 23  ? -3.640  -17.259 -0.110  1.00 42.83 ? 371 LYS A O   1 
ATOM   180  C CB  . LYS A 1 23  ? -4.089  -19.883 1.282   1.00 43.21 ? 371 LYS A CB  1 
ATOM   181  C CG  . LYS A 1 23  ? -4.049  -21.400 1.276   1.00 41.06 ? 371 LYS A CG  1 
ATOM   182  C CD  . LYS A 1 23  ? -2.903  -21.895 2.140   1.00 44.39 ? 371 LYS A CD  1 
ATOM   183  C CE  . LYS A 1 23  ? -2.810  -23.410 2.091   1.00 48.90 ? 371 LYS A CE  1 
ATOM   184  N NZ  . LYS A 1 23  ? -4.174  -24.000 2.117   1.00 47.21 ? 371 LYS A NZ  1 
ATOM   185  N N   . PRO A 1 24  ? -5.769  -16.974 0.495   1.00 35.99 ? 372 PRO A N   1 
ATOM   186  C CA  . PRO A 1 24  ? -5.657  -15.516 0.376   1.00 37.13 ? 372 PRO A CA  1 
ATOM   187  C C   . PRO A 1 24  ? -4.575  -14.949 1.283   1.00 37.22 ? 372 PRO A C   1 
ATOM   188  O O   . PRO A 1 24  ? -4.301  -15.461 2.367   1.00 39.57 ? 372 PRO A O   1 
ATOM   189  C CB  . PRO A 1 24  ? -7.043  -15.011 0.792   1.00 36.37 ? 372 PRO A CB  1 
ATOM   190  C CG  . PRO A 1 24  ? -7.933  -16.178 0.745   1.00 35.54 ? 372 PRO A CG  1 
ATOM   191  C CD  . PRO A 1 24  ? -7.101  -17.402 0.944   1.00 39.37 ? 372 PRO A CD  1 
ATOM   192  N N   . VAL A 1 25  ? -3.955  -13.873 0.821   1.00 35.02 ? 373 VAL A N   1 
ATOM   193  C CA  . VAL A 1 25  ? -2.959  -13.149 1.590   1.00 34.84 ? 373 VAL A CA  1 
ATOM   194  C C   . VAL A 1 25  ? -3.396  -11.695 1.584   1.00 36.32 ? 373 VAL A C   1 
ATOM   195  O O   . VAL A 1 25  ? -3.365  -11.042 0.535   1.00 35.93 ? 373 VAL A O   1 
ATOM   196  C CB  . VAL A 1 25  ? -1.543  -13.294 1.013   1.00 38.30 ? 373 VAL A CB  1 
ATOM   197  C CG1 . VAL A 1 25  ? -0.550  -12.550 1.883   1.00 33.28 ? 373 VAL A CG1 1 
ATOM   198  C CG2 . VAL A 1 25  ? -1.162  -14.767 0.851   1.00 37.02 ? 373 VAL A CG2 1 
ATOM   199  N N   . VAL A 1 26  ? -3.844  -11.201 2.736   1.00 34.44 ? 374 VAL A N   1 
ATOM   200  C CA  . VAL A 1 26  ? -4.163  -9.789  2.924   1.00 35.98 ? 374 VAL A CA  1 
ATOM   201  C C   . VAL A 1 26  ? -3.477  -9.342  4.202   1.00 34.71 ? 374 VAL A C   1 
ATOM   202  O O   . VAL A 1 26  ? -3.750  -9.886  5.274   1.00 37.81 ? 374 VAL A O   1 
ATOM   203  C CB  . VAL A 1 26  ? -5.677  -9.533  3.011   1.00 36.54 ? 374 VAL A CB  1 
ATOM   204  C CG1 . VAL A 1 26  ? -5.938  -8.052  3.162   1.00 33.78 ? 374 VAL A CG1 1 
ATOM   205  C CG2 . VAL A 1 26  ? -6.389  -10.082 1.786   1.00 32.68 ? 374 VAL A CG2 1 
ATOM   206  N N   . ILE A 1 27  ? -2.571  -8.380  4.093   1.00 34.63 ? 375 ILE A N   1 
ATOM   207  C CA  . ILE A 1 27  ? -1.852  -7.889  5.255   1.00 34.23 ? 375 ILE A CA  1 
ATOM   208  C C   . ILE A 1 27  ? -1.965  -6.374  5.306   1.00 34.43 ? 375 ILE A C   1 
ATOM   209  O O   . ILE A 1 27  ? -2.141  -5.704  4.285   1.00 34.76 ? 375 ILE A O   1 
ATOM   210  C CB  . ILE A 1 27  ? -0.377  -8.340  5.254   1.00 35.65 ? 375 ILE A CB  1 
ATOM   211  C CG1 . ILE A 1 27  ? 0.304   -7.940  3.950   1.00 36.92 ? 375 ILE A CG1 1 
ATOM   212  C CG2 . ILE A 1 27  ? -0.296  -9.841  5.430   1.00 34.27 ? 375 ILE A CG2 1 
ATOM   213  C CD1 . ILE A 1 27  ? 1.626   -8.605  3.745   1.00 33.68 ? 375 ILE A CD1 1 
ATOM   214  N N   . HIS A 1 28  ? -1.903  -5.835  6.514   1.00 38.89 ? 376 HIS A N   1 
ATOM   215  C CA  . HIS A 1 28  ? -1.945  -4.399  6.722   1.00 35.39 ? 376 HIS A CA  1 
ATOM   216  C C   . HIS A 1 28  ? -0.652  -3.958  7.380   1.00 34.94 ? 376 HIS A C   1 
ATOM   217  O O   . HIS A 1 28  ? -0.121  -4.648  8.254   1.00 37.15 ? 376 HIS A O   1 
ATOM   218  C CB  . HIS A 1 28  ? -3.119  -3.982  7.588   1.00 33.40 ? 376 HIS A CB  1 
ATOM   219  C CG  . HIS A 1 28  ? -4.449  -4.384  7.042   1.00 40.70 ? 376 HIS A CG  1 
ATOM   220  N ND1 . HIS A 1 28  ? -4.902  -5.686  7.069   1.00 40.97 ? 376 HIS A ND1 1 
ATOM   221  C CD2 . HIS A 1 28  ? -5.434  -3.652  6.469   1.00 41.49 ? 376 HIS A CD2 1 
ATOM   222  C CE1 . HIS A 1 28  ? -6.107  -5.739  6.531   1.00 41.79 ? 376 HIS A CE1 1 
ATOM   223  N NE2 . HIS A 1 28  ? -6.453  -4.517  6.164   1.00 42.36 ? 376 HIS A NE2 1 
ATOM   224  N N   . SER A 1 29  ? -0.149  -2.814  6.952   1.00 34.77 ? 377 SER A N   1 
ATOM   225  C CA  . SER A 1 29  ? 0.978   -2.228  7.626   1.00 36.96 ? 377 SER A CA  1 
ATOM   226  C C   . SER A 1 29  ? 0.541   -1.710  8.995   1.00 35.04 ? 377 SER A C   1 
ATOM   227  O O   . SER A 1 29  ? -0.647  -1.495  9.245   1.00 36.99 ? 377 SER A O   1 
ATOM   228  C CB  . SER A 1 29  ? 1.565   -1.101  6.779   1.00 35.78 ? 377 SER A CB  1 
ATOM   229  O OG  . SER A 1 29  ? 0.902   0.121   7.039   1.00 40.51 ? 377 SER A OG  1 
ATOM   230  N N   . PRO A 1 30  ? 1.476   -1.522  9.910   1.00 40.56 ? 378 PRO A N   1 
ATOM   231  C CA  . PRO A 1 30  ? 1.147   -0.741  11.109  1.00 39.23 ? 378 PRO A CA  1 
ATOM   232  C C   . PRO A 1 30  ? 0.743   0.665   10.696  1.00 37.38 ? 378 PRO A C   1 
ATOM   233  O O   . PRO A 1 30  ? 1.131   1.156   9.633   1.00 38.45 ? 378 PRO A O   1 
ATOM   234  C CB  . PRO A 1 30  ? 2.449   -0.743  11.917  1.00 36.13 ? 378 PRO A CB  1 
ATOM   235  C CG  . PRO A 1 30  ? 3.312   -1.815  11.294  1.00 39.96 ? 378 PRO A CG  1 
ATOM   236  C CD  . PRO A 1 30  ? 2.889   -1.935  9.867   1.00 37.34 ? 378 PRO A CD  1 
ATOM   237  N N   . GLY A 1 31  ? -0.074  1.302   11.528  1.00 37.62 ? 379 GLY A N   1 
ATOM   238  C CA  . GLY A 1 31  ? -0.445  2.681   11.267  1.00 36.01 ? 379 GLY A CA  1 
ATOM   239  C C   . GLY A 1 31  ? 0.743   3.608   11.450  1.00 36.84 ? 379 GLY A C   1 
ATOM   240  O O   . GLY A 1 31  ? 1.574   3.423   12.341  1.00 39.77 ? 379 GLY A O   1 
ATOM   241  N N   . PHE A 1 32  ? 0.828   4.616   10.588  1.00 35.50 ? 380 PHE A N   1 
ATOM   242  C CA  . PHE A 1 32  ? 1.874   5.624   10.690  1.00 36.74 ? 380 PHE A CA  1 
ATOM   243  C C   . PHE A 1 32  ? 1.253   6.999   10.481  1.00 40.36 ? 380 PHE A C   1 
ATOM   244  O O   . PHE A 1 32  ? 0.194   7.135   9.864   1.00 40.69 ? 380 PHE A O   1 
ATOM   245  C CB  . PHE A 1 32  ? 3.018   5.382   9.679   1.00 36.54 ? 380 PHE A CB  1 
ATOM   246  C CG  . PHE A 1 32  ? 2.552   5.200   8.265   1.00 38.24 ? 380 PHE A CG  1 
ATOM   247  C CD1 . PHE A 1 32  ? 2.086   3.970   7.828   1.00 37.56 ? 380 PHE A CD1 1 
ATOM   248  C CD2 . PHE A 1 32  ? 2.577   6.259   7.375   1.00 37.90 ? 380 PHE A CD2 1 
ATOM   249  C CE1 . PHE A 1 32  ? 1.642   3.806   6.534   1.00 38.40 ? 380 PHE A CE1 1 
ATOM   250  C CE2 . PHE A 1 32  ? 2.131   6.106   6.078   1.00 39.46 ? 380 PHE A CE2 1 
ATOM   251  C CZ  . PHE A 1 32  ? 1.664   4.874   5.656   1.00 39.13 ? 380 PHE A CZ  1 
ATOM   252  N N   . TYR A 1 33  ? 1.930   8.022   11.001  1.00 40.56 ? 381 TYR A N   1 
ATOM   253  C CA  . TYR A 1 33  ? 1.436   9.390   10.993  1.00 38.29 ? 381 TYR A CA  1 
ATOM   254  C C   . TYR A 1 33  ? 2.225   10.226  9.990   1.00 36.43 ? 381 TYR A C   1 
ATOM   255  O O   . TYR A 1 33  ? 3.445   10.101  9.890   1.00 41.77 ? 381 TYR A O   1 
ATOM   256  C CB  . TYR A 1 33  ? 1.537   10.015  12.398  1.00 37.10 ? 381 TYR A CB  1 
ATOM   257  C CG  . TYR A 1 33  ? 0.421   9.630   13.350  1.00 39.50 ? 381 TYR A CG  1 
ATOM   258  C CD1 . TYR A 1 33  ? 0.460   8.433   14.063  1.00 35.93 ? 381 TYR A CD1 1 
ATOM   259  C CD2 . TYR A 1 33  ? -0.680  10.476  13.546  1.00 40.26 ? 381 TYR A CD2 1 
ATOM   260  C CE1 . TYR A 1 33  ? -0.574  8.082   14.928  1.00 33.61 ? 381 TYR A CE1 1 
ATOM   261  C CE2 . TYR A 1 33  ? -1.707  10.137  14.407  1.00 32.26 ? 381 TYR A CE2 1 
ATOM   262  C CZ  . TYR A 1 33  ? -1.652  8.942   15.091  1.00 37.47 ? 381 TYR A CZ  1 
ATOM   263  O OH  . TYR A 1 33  ? -2.684  8.609   15.955  1.00 48.36 ? 381 TYR A OH  1 
ATOM   264  N N   . THR A 1 34  ? 1.533   11.091  9.253   1.00 35.76 ? 382 THR A N   1 
ATOM   265  C CA  . THR A 1 34  ? 2.225   11.998  8.344   1.00 36.76 ? 382 THR A CA  1 
ATOM   266  C C   . THR A 1 34  ? 3.041   13.036  9.088   1.00 39.01 ? 382 THR A C   1 
ATOM   267  O O   . THR A 1 34  ? 3.911   13.685  8.498   1.00 47.54 ? 382 THR A O   1 
ATOM   268  C CB  . THR A 1 34  ? 1.211   12.683  7.446   1.00 37.73 ? 382 THR A CB  1 
ATOM   269  O OG1 . THR A 1 34  ? 0.326   13.476  8.254   1.00 37.78 ? 382 THR A OG1 1 
ATOM   270  C CG2 . THR A 1 34  ? 0.412   11.628  6.713   1.00 38.27 ? 382 THR A CG2 1 
ATOM   271  N N   . GLY A 1 35  ? 2.762   13.194  10.369  1.00 40.85 ? 383 GLY A N   1 
ATOM   272  C CA  . GLY A 1 35  ? 3.424   14.151  11.232  1.00 36.80 ? 383 GLY A CA  1 
ATOM   273  C C   . GLY A 1 35  ? 2.780   14.022  12.591  1.00 38.38 ? 383 GLY A C   1 
ATOM   274  O O   . GLY A 1 35  ? 1.812   13.275  12.769  1.00 41.45 ? 383 GLY A O   1 
ATOM   275  N N   . LYS A 1 36  ? 3.334   14.752  13.557  1.00 40.20 ? 384 LYS A N   1 
ATOM   276  C CA  . LYS A 1 36  ? 2.781   14.842  14.910  1.00 35.81 ? 384 LYS A CA  1 
ATOM   277  C C   . LYS A 1 36  ? 2.680   16.325  15.226  1.00 34.40 ? 384 LYS A C   1 
ATOM   278  O O   . LYS A 1 36  ? 3.665   16.953  15.638  1.00 34.66 ? 384 LYS A O   1 
ATOM   279  C CB  . LYS A 1 36  ? 3.651   14.107  15.925  1.00 38.42 ? 384 LYS A CB  1 
ATOM   280  C CG  . LYS A 1 36  ? 3.610   12.599  15.799  1.00 40.00 ? 384 LYS A CG  1 
ATOM   281  C CD  . LYS A 1 36  ? 4.838   11.958  16.442  1.00 45.88 ? 384 LYS A CD  1 
ATOM   282  C CE  . LYS A 1 36  ? 4.470   10.688  17.235  1.00 58.25 ? 384 LYS A CE  1 
ATOM   283  N NZ  . LYS A 1 36  ? 3.712   9.681   16.431  1.00 48.07 ? 384 LYS A NZ  1 
ATOM   284  N N   . PRO A 1 37  ? 1.518   16.940  14.998  1.00 34.53 ? 385 PRO A N   1 
ATOM   285  C CA  . PRO A 1 37  ? 0.245   16.422  14.480  1.00 37.42 ? 385 PRO A CA  1 
ATOM   286  C C   . PRO A 1 37  ? 0.242   16.060  12.983  1.00 36.15 ? 385 PRO A C   1 
ATOM   287  O O   . PRO A 1 37  ? 1.044   16.580  12.206  1.00 35.34 ? 385 PRO A O   1 
ATOM   288  C CB  . PRO A 1 37  ? -0.710  17.587  14.746  1.00 37.12 ? 385 PRO A CB  1 
ATOM   289  C CG  . PRO A 1 37  ? 0.138   18.782  14.608  1.00 33.57 ? 385 PRO A CG  1 
ATOM   290  C CD  . PRO A 1 37  ? 1.478   18.397  15.177  1.00 34.25 ? 385 PRO A CD  1 
ATOM   291  N N   . GLY A 1 38  ? -0.677  15.181  12.599  1.00 39.03 ? 386 GLY A N   1 
ATOM   292  C CA  . GLY A 1 38  ? -0.772  14.700  11.234  1.00 34.76 ? 386 GLY A CA  1 
ATOM   293  C C   . GLY A 1 38  ? -1.788  13.577  11.138  1.00 39.03 ? 386 GLY A C   1 
ATOM   294  O O   . GLY A 1 38  ? -2.377  13.143  12.133  1.00 37.11 ? 386 GLY A O   1 
ATOM   295  N N   . TYR A 1 39  ? -1.978  13.099  9.912   1.00 39.42 ? 387 TYR A N   1 
ATOM   296  C CA  . TYR A 1 39  ? -2.952  12.046  9.668   1.00 34.60 ? 387 TYR A CA  1 
ATOM   297  C C   . TYR A 1 39  ? -2.356  10.690  9.982   1.00 35.59 ? 387 TYR A C   1 
ATOM   298  O O   . TYR A 1 39  ? -1.148  10.485  9.871   1.00 35.71 ? 387 TYR A O   1 
ATOM   299  C CB  . TYR A 1 39  ? -3.418  12.069  8.217   1.00 38.25 ? 387 TYR A CB  1 
ATOM   300  C CG  . TYR A 1 39  ? -4.023  13.389  7.826   1.00 42.29 ? 387 TYR A CG  1 
ATOM   301  C CD1 . TYR A 1 39  ? -5.375  13.627  8.015   1.00 41.29 ? 387 TYR A CD1 1 
ATOM   302  C CD2 . TYR A 1 39  ? -3.240  14.407  7.291   1.00 39.19 ? 387 TYR A CD2 1 
ATOM   303  C CE1 . TYR A 1 39  ? -5.936  14.822  7.668   1.00 40.38 ? 387 TYR A CE1 1 
ATOM   304  C CE2 . TYR A 1 39  ? -3.798  15.610  6.939   1.00 38.05 ? 387 TYR A CE2 1 
ATOM   305  C CZ  . TYR A 1 39  ? -5.149  15.808  7.134   1.00 40.12 ? 387 TYR A CZ  1 
ATOM   306  O OH  . TYR A 1 39  ? -5.737  16.999  6.793   1.00 43.13 ? 387 TYR A OH  1 
ATOM   307  N N   . LYS A 1 40  ? -3.218  9.762   10.388  1.00 34.82 ? 388 LYS A N   1 
ATOM   308  C CA  . LYS A 1 40  ? -2.852  8.361   10.515  1.00 34.22 ? 388 LYS A CA  1 
ATOM   309  C C   . LYS A 1 40  ? -3.287  7.606   9.267   1.00 38.78 ? 388 LYS A C   1 
ATOM   310  O O   . LYS A 1 40  ? -4.452  7.690   8.859   1.00 38.57 ? 388 LYS A O   1 
ATOM   311  C CB  . LYS A 1 40  ? -3.495  7.727   11.743  1.00 37.85 ? 388 LYS A CB  1 
ATOM   312  C CG  . LYS A 1 40  ? -2.798  6.455   12.162  1.00 38.91 ? 388 LYS A CG  1 
ATOM   313  C CD  . LYS A 1 40  ? -3.465  5.800   13.354  1.00 35.27 ? 388 LYS A CD  1 
ATOM   314  C CE  . LYS A 1 40  ? -2.487  4.848   13.997  1.00 37.70 ? 388 LYS A CE  1 
ATOM   315  N NZ  . LYS A 1 40  ? -3.137  3.844   14.869  1.00 42.25 ? 388 LYS A NZ  1 
ATOM   316  N N   . LEU A 1 41  ? -2.348  6.870   8.668   1.00 41.78 ? 389 LEU A N   1 
ATOM   317  C CA  . LEU A 1 41  ? -2.611  6.007   7.522   1.00 36.87 ? 389 LEU A CA  1 
ATOM   318  C C   . LEU A 1 41  ? -1.998  4.631   7.743   1.00 36.99 ? 389 LEU A C   1 
ATOM   319  O O   . LEU A 1 41  ? -1.161  4.426   8.626   1.00 39.08 ? 389 LEU A O   1 
ATOM   320  C CB  . LEU A 1 41  ? -2.043  6.594   6.238   1.00 35.03 ? 389 LEU A CB  1 
ATOM   321  C CG  . LEU A 1 41  ? -2.275  8.074   6.011   1.00 35.00 ? 389 LEU A CG  1 
ATOM   322  C CD1 . LEU A 1 41  ? -1.254  8.624   5.041   1.00 35.83 ? 389 LEU A CD1 1 
ATOM   323  C CD2 . LEU A 1 41  ? -3.670  8.259   5.488   1.00 36.91 ? 389 LEU A CD2 1 
ATOM   324  N N   . CYS A 1 42  ? -2.433  3.679   6.927   1.00 37.21 ? 390 CYS A N   1 
ATOM   325  C CA  . CYS A 1 42  ? -1.743  2.402   6.798   1.00 38.71 ? 390 CYS A CA  1 
ATOM   326  C C   . CYS A 1 42  ? -1.855  1.947   5.355   1.00 38.38 ? 390 CYS A C   1 
ATOM   327  O O   . CYS A 1 42  ? -2.584  2.538   4.555   1.00 38.89 ? 390 CYS A O   1 
ATOM   328  C CB  . CYS A 1 42  ? -2.307  1.335   7.729   1.00 35.44 ? 390 CYS A CB  1 
ATOM   329  S SG  . CYS A 1 42  ? -3.985  0.910   7.370   1.00 42.29 ? 390 CYS A SG  1 
ATOM   330  N N   . MET A 1 43  ? -1.115  0.899   5.020   1.00 35.17 ? 391 MET A N   1 
ATOM   331  C CA  . MET A 1 43  ? -1.225  0.277   3.713   1.00 32.40 ? 391 MET A CA  1 
ATOM   332  C C   . MET A 1 43  ? -1.907  -1.071  3.863   1.00 33.91 ? 391 MET A C   1 
ATOM   333  O O   . MET A 1 43  ? -1.871  -1.683  4.934   1.00 33.60 ? 391 MET A O   1 
ATOM   334  C CB  . MET A 1 43  ? 0.144   0.111   3.061   1.00 30.37 ? 391 MET A CB  1 
ATOM   335  C CG  . MET A 1 43  ? 0.783   1.435   2.704   1.00 31.83 ? 391 MET A CG  1 
ATOM   336  S SD  . MET A 1 43  ? 2.485   1.254   2.160   1.00 41.80 ? 391 MET A SD  1 
ATOM   337  C CE  . MET A 1 43  ? 3.357   1.113   3.717   1.00 37.63 ? 391 MET A CE  1 
ATOM   338  N N   . ARG A 1 44  ? -2.574  -1.499  2.795   1.00 30.49 ? 392 ARG A N   1 
ATOM   339  C CA  . ARG A 1 44  ? -3.088  -2.850  2.677   1.00 29.73 ? 392 ARG A CA  1 
ATOM   340  C C   . ARG A 1 44  ? -2.471  -3.481  1.435   1.00 33.14 ? 392 ARG A C   1 
ATOM   341  O O   . ARG A 1 44  ? -2.416  -2.851  0.369   1.00 29.45 ? 392 ARG A O   1 
ATOM   342  C CB  . ARG A 1 44  ? -4.614  -2.857  2.600   1.00 33.14 ? 392 ARG A CB  1 
ATOM   343  C CG  . ARG A 1 44  ? -5.218  -4.089  1.955   1.00 34.33 ? 392 ARG A CG  1 
ATOM   344  C CD  . ARG A 1 44  ? -6.706  -4.195  2.248   1.00 35.73 ? 392 ARG A CD  1 
ATOM   345  N NE  . ARG A 1 44  ? -7.446  -3.120  1.593   1.00 40.15 ? 392 ARG A NE  1 
ATOM   346  C CZ  . ARG A 1 44  ? -8.112  -3.230  0.442   1.00 42.96 ? 392 ARG A CZ  1 
ATOM   347  N NH1 . ARG A 1 44  ? -8.172  -4.381  -0.217  1.00 40.84 ? 392 ARG A NH1 1 
ATOM   348  N NH2 . ARG A 1 44  ? -8.737  -2.171  -0.046  1.00 44.13 ? 392 ARG A NH2 1 
ATOM   349  N N   . LEU A 1 45  ? -1.994  -4.712  1.583   1.00 33.77 ? 393 LEU A N   1 
ATOM   350  C CA  . LEU A 1 45  ? -1.324  -5.443  0.519   1.00 34.52 ? 393 LEU A CA  1 
ATOM   351  C C   . LEU A 1 45  ? -2.035  -6.770  0.287   1.00 35.42 ? 393 LEU A C   1 
ATOM   352  O O   . LEU A 1 45  ? -2.374  -7.470  1.248   1.00 36.37 ? 393 LEU A O   1 
ATOM   353  C CB  . LEU A 1 45  ? 0.143   -5.679  0.861   1.00 31.40 ? 393 LEU A CB  1 
ATOM   354  C CG  . LEU A 1 45  ? 0.930   -6.339  -0.265  1.00 31.41 ? 393 LEU A CG  1 
ATOM   355  C CD1 . LEU A 1 45  ? 2.313   -5.750  -0.361  1.00 31.23 ? 393 LEU A CD1 1 
ATOM   356  C CD2 . LEU A 1 45  ? 1.020   -7.825  -0.055  1.00 31.04 ? 393 LEU A CD2 1 
ATOM   357  N N   . HIS A 1 46  ? -2.267  -7.103  -0.984  1.00 33.65 ? 394 HIS A N   1 
ATOM   358  C CA  . HIS A 1 46  ? -2.797  -8.394  -1.406  1.00 33.80 ? 394 HIS A CA  1 
ATOM   359  C C   . HIS A 1 46  ? -1.781  -9.122  -2.263  1.00 35.12 ? 394 HIS A C   1 
ATOM   360  O O   . HIS A 1 46  ? -1.065  -8.507  -3.054  1.00 37.58 ? 394 HIS A O   1 
ATOM   361  C CB  . HIS A 1 46  ? -4.022  -8.282  -2.288  1.00 35.60 ? 394 HIS A CB  1 
ATOM   362  C CG  . HIS A 1 46  ? -5.268  -7.935  -1.573  1.00 37.22 ? 394 HIS A CG  1 
ATOM   363  N ND1 . HIS A 1 46  ? -6.424  -8.671  -1.718  1.00 40.17 ? 394 HIS A ND1 1 
ATOM   364  C CD2 . HIS A 1 46  ? -5.564  -6.909  -0.741  1.00 39.06 ? 394 HIS A CD2 1 
ATOM   365  C CE1 . HIS A 1 46  ? -7.376  -8.122  -0.985  1.00 44.26 ? 394 HIS A CE1 1 
ATOM   366  N NE2 . HIS A 1 46  ? -6.878  -7.058  -0.375  1.00 42.03 ? 394 HIS A NE2 1 
ATOM   367  N N   . LEU A 1 47  ? -1.788  -10.433 -2.167  1.00 33.13 ? 395 LEU A N   1 
ATOM   368  C CA  . LEU A 1 47  ? -1.283  -11.284 -3.232  1.00 33.85 ? 395 LEU A CA  1 
ATOM   369  C C   . LEU A 1 47  ? -2.522  -11.918 -3.852  1.00 38.54 ? 395 LEU A C   1 
ATOM   370  O O   . LEU A 1 47  ? -3.098  -12.852 -3.284  1.00 39.66 ? 395 LEU A O   1 
ATOM   371  C CB  . LEU A 1 47  ? -0.301  -12.310 -2.700  1.00 34.88 ? 395 LEU A CB  1 
ATOM   372  C CG  . LEU A 1 47  ? 0.769   -11.730 -1.769  1.00 35.04 ? 395 LEU A CG  1 
ATOM   373  C CD1 . LEU A 1 47  ? 1.707   -12.819 -1.308  1.00 37.90 ? 395 LEU A CD1 1 
ATOM   374  C CD2 . LEU A 1 47  ? 1.552   -10.636 -2.443  1.00 36.52 ? 395 LEU A CD2 1 
ATOM   375  N N   . GLN A 1 48  ? -2.962  -11.370 -4.986  1.00 36.70 ? 396 GLN A N   1 
ATOM   376  C CA  . GLN A 1 48  ? -4.158  -11.882 -5.637  1.00 33.85 ? 396 GLN A CA  1 
ATOM   377  C C   . GLN A 1 48  ? -3.977  -13.346 -5.999  1.00 36.75 ? 396 GLN A C   1 
ATOM   378  O O   . GLN A 1 48  ? -2.894  -13.774 -6.400  1.00 35.10 ? 396 GLN A O   1 
ATOM   379  C CB  . GLN A 1 48  ? -4.465  -11.072 -6.885  1.00 38.38 ? 396 GLN A CB  1 
ATOM   380  C CG  . GLN A 1 48  ? -4.730  -9.625  -6.612  1.00 38.68 ? 396 GLN A CG  1 
ATOM   381  C CD  . GLN A 1 48  ? -6.033  -9.412  -5.849  1.00 44.43 ? 396 GLN A CD  1 
ATOM   382  O OE1 . GLN A 1 48  ? -6.917  -10.278 -5.832  1.00 47.36 ? 396 GLN A OE1 1 
ATOM   383  N NE2 . GLN A 1 48  ? -6.156  -8.255  -5.214  1.00 42.21 ? 396 GLN A NE2 1 
ATOM   384  N N   . LEU A 1 49  ? -5.044  -14.122 -5.841  1.00 37.55 ? 397 LEU A N   1 
ATOM   385  C CA  . LEU A 1 49  ? -4.937  -15.550 -6.066  1.00 35.34 ? 397 LEU A CA  1 
ATOM   386  C C   . LEU A 1 49  ? -4.760  -15.846 -7.555  1.00 39.80 ? 397 LEU A C   1 
ATOM   387  O O   . LEU A 1 49  ? -5.171  -15.057 -8.409  1.00 40.76 ? 397 LEU A O   1 
ATOM   388  C CB  . LEU A 1 49  ? -6.175  -16.254 -5.539  1.00 38.84 ? 397 LEU A CB  1 
ATOM   389  C CG  . LEU A 1 49  ? -6.287  -16.282 -4.018  1.00 41.23 ? 397 LEU A CG  1 
ATOM   390  C CD1 . LEU A 1 49  ? -7.416  -17.193 -3.593  1.00 38.12 ? 397 LEU A CD1 1 
ATOM   391  C CD2 . LEU A 1 49  ? -4.970  -16.706 -3.368  1.00 38.15 ? 397 LEU A CD2 1 
ATOM   392  N N   . PRO A 1 50  ? -4.145  -16.979 -7.895  1.00 41.86 ? 398 PRO A N   1 
ATOM   393  C CA  . PRO A 1 50  ? -4.087  -17.372 -9.314  1.00 39.74 ? 398 PRO A CA  1 
ATOM   394  C C   . PRO A 1 50  ? -5.457  -17.499 -9.949  1.00 41.21 ? 398 PRO A C   1 
ATOM   395  O O   . PRO A 1 50  ? -5.585  -17.355 -11.166 1.00 42.41 ? 398 PRO A O   1 
ATOM   396  C CB  . PRO A 1 50  ? -3.361  -18.723 -9.279  1.00 36.91 ? 398 PRO A CB  1 
ATOM   397  C CG  . PRO A 1 50  ? -2.667  -18.765 -7.972  1.00 42.43 ? 398 PRO A CG  1 
ATOM   398  C CD  . PRO A 1 50  ? -3.527  -17.984 -7.018  1.00 41.59 ? 398 PRO A CD  1 
ATOM   399  N N   . THR A 1 51  ? -6.491  -17.713 -9.155  1.00 42.28 ? 399 THR A N   1 
ATOM   400  C CA  . THR A 1 51  ? -7.849  -17.851 -9.639  1.00 43.20 ? 399 THR A CA  1 
ATOM   401  C C   . THR A 1 51  ? -8.596  -16.522 -9.750  1.00 49.41 ? 399 THR A C   1 
ATOM   402  O O   . THR A 1 51  ? -9.806  -16.534 -9.988  1.00 54.55 ? 399 THR A O   1 
ATOM   403  C CB  . THR A 1 51  ? -8.607  -18.779 -8.697  1.00 45.61 ? 399 THR A CB  1 
ATOM   404  O OG1 . THR A 1 51  ? -8.598  -18.211 -7.384  1.00 49.57 ? 399 THR A OG1 1 
ATOM   405  C CG2 . THR A 1 51  ? -7.914  -20.108 -8.618  1.00 45.79 ? 399 THR A CG2 1 
ATOM   406  N N   . ALA A 1 52  ? -7.919  -15.384 -9.597  1.00 49.48 ? 400 ALA A N   1 
ATOM   407  C CA  . ALA A 1 52  ? -8.605  -14.111 -9.347  1.00 45.28 ? 400 ALA A CA  1 
ATOM   408  C C   . ALA A 1 52  ? -8.871  -13.284 -10.608 1.00 59.28 ? 400 ALA A C   1 
ATOM   409  O O   . ALA A 1 52  ? -8.633  -12.074 -10.622 1.00 63.64 ? 400 ALA A O   1 
ATOM   410  C CB  . ALA A 1 52  ? -7.809  -13.290 -8.344  1.00 42.99 ? 400 ALA A CB  1 
ATOM   411  N N   . GLN A 1 53  ? -9.384  -13.902 -11.667 1.00 62.44 ? 401 GLN A N   1 
ATOM   412  C CA  . GLN A 1 53  ? -9.914  -13.164 -12.829 1.00 66.12 ? 401 GLN A CA  1 
ATOM   413  C C   . GLN A 1 53  ? -8.805  -12.288 -13.414 1.00 65.92 ? 401 GLN A C   1 
ATOM   414  O O   . GLN A 1 53  ? -7.707  -12.800 -13.702 1.00 53.91 ? 401 GLN A O   1 
ATOM   415  C CB  . GLN A 1 53  ? -11.174 -12.417 -12.390 1.00 62.87 ? 401 GLN A CB  1 
ATOM   416  C CG  . GLN A 1 53  ? -12.455 -13.238 -12.438 1.00 63.23 ? 401 GLN A CG  1 
ATOM   417  C CD  . GLN A 1 53  ? -13.628 -12.519 -11.795 1.00 65.76 ? 401 GLN A CD  1 
ATOM   418  N N   . ARG A 1 54  ? -9.023  -10.977 -13.580 1.00 65.94 ? 402 ARG A N   1 
ATOM   419  C CA  . ARG A 1 54  ? -8.104  -10.164 -14.373 1.00 66.03 ? 402 ARG A CA  1 
ATOM   420  C C   . ARG A 1 54  ? -6.799  -9.894  -13.636 1.00 64.71 ? 402 ARG A C   1 
ATOM   421  O O   . ARG A 1 54  ? -5.751  -9.712  -14.274 1.00 59.63 ? 402 ARG A O   1 
ATOM   422  C CB  . ARG A 1 54  ? -8.771  -8.840  -14.760 1.00 65.09 ? 402 ARG A CB  1 
ATOM   423  N N   . CYS A 1 55  ? -6.832  -9.871  -12.305 1.00 53.33 ? 403 CYS A N   1 
ATOM   424  C CA  . CYS A 1 55  ? -5.675  -9.446  -11.538 1.00 47.45 ? 403 CYS A CA  1 
ATOM   425  C C   . CYS A 1 55  ? -4.953  -10.607 -10.868 1.00 43.61 ? 403 CYS A C   1 
ATOM   426  O O   . CYS A 1 55  ? -4.168  -10.382 -9.943  1.00 40.59 ? 403 CYS A O   1 
ATOM   427  C CB  . CYS A 1 55  ? -6.094  -8.392  -10.509 1.00 48.23 ? 403 CYS A CB  1 
ATOM   428  S SG  . CYS A 1 55  ? -7.428  -8.916  -9.409  1.00 60.16 ? 403 CYS A SG  1 
ATOM   429  N N   . ALA A 1 56  ? -5.187  -11.834 -11.329 1.00 45.35 ? 404 ALA A N   1 
ATOM   430  C CA  . ALA A 1 56  ? -4.473  -12.991 -10.802 1.00 42.63 ? 404 ALA A CA  1 
ATOM   431  C C   . ALA A 1 56  ? -2.970  -12.750 -10.790 1.00 39.79 ? 404 ALA A C   1 
ATOM   432  O O   . ALA A 1 56  ? -2.399  -12.286 -11.781 1.00 42.40 ? 404 ALA A O   1 
ATOM   433  C CB  . ALA A 1 56  ? -4.791  -14.240 -11.631 1.00 37.29 ? 404 ALA A CB  1 
ATOM   434  N N   . ASN A 1 57  ? -2.347  -13.049 -9.646  1.00 39.17 ? 405 ASN A N   1 
ATOM   435  C CA  . ASN A 1 57  ? -0.901  -13.078 -9.431  1.00 37.49 ? 405 ASN A CA  1 
ATOM   436  C C   . ASN A 1 57  ? -0.288  -11.690 -9.339  1.00 38.67 ? 405 ASN A C   1 
ATOM   437  O O   . ASN A 1 57  ? 0.923   -11.512 -9.558  1.00 36.23 ? 405 ASN A O   1 
ATOM   438  C CB  . ASN A 1 57  ? -0.197  -13.902 -10.508 1.00 36.65 ? 405 ASN A CB  1 
ATOM   439  C CG  . ASN A 1 57  ? -0.854  -15.246 -10.709 1.00 39.32 ? 405 ASN A CG  1 
ATOM   440  O OD1 . ASN A 1 57  ? -1.027  -16.015 -9.761  1.00 42.49 ? 405 ASN A OD1 1 
ATOM   441  N ND2 . ASN A 1 57  ? -1.248  -15.528 -11.937 1.00 33.82 ? 405 ASN A ND2 1 
ATOM   442  N N   . TYR A 1 58  ? -1.097  -10.703 -8.989  1.00 37.85 ? 406 TYR A N   1 
ATOM   443  C CA  . TYR A 1 58  ? -0.635  -9.343  -8.796  1.00 35.71 ? 406 TYR A CA  1 
ATOM   444  C C   . TYR A 1 58  ? -0.542  -9.025  -7.317  1.00 35.09 ? 406 TYR A C   1 
ATOM   445  O O   . TYR A 1 58  ? -1.326  -9.523  -6.504  1.00 36.69 ? 406 TYR A O   1 
ATOM   446  C CB  . TYR A 1 58  ? -1.580  -8.347  -9.457  1.00 36.01 ? 406 TYR A CB  1 
ATOM   447  C CG  . TYR A 1 58  ? -1.251  -8.053  -10.880 1.00 36.78 ? 406 TYR A CG  1 
ATOM   448  C CD1 . TYR A 1 58  ? -0.287  -7.106  -11.201 1.00 35.91 ? 406 TYR A CD1 1 
ATOM   449  C CD2 . TYR A 1 58  ? -1.899  -8.729  -11.917 1.00 36.76 ? 406 TYR A CD2 1 
ATOM   450  C CE1 . TYR A 1 58  ? 0.029   -6.835  -12.526 1.00 41.19 ? 406 TYR A CE1 1 
ATOM   451  C CE2 . TYR A 1 58  ? -1.596  -8.462  -13.235 1.00 36.82 ? 406 TYR A CE2 1 
ATOM   452  C CZ  . TYR A 1 58  ? -0.634  -7.514  -13.537 1.00 38.93 ? 406 TYR A CZ  1 
ATOM   453  O OH  . TYR A 1 58  ? -0.334  -7.232  -14.845 1.00 41.57 ? 406 TYR A OH  1 
ATOM   454  N N   . ILE A 1 59  ? 0.434   -8.192  -6.982  1.00 34.83 ? 407 ILE A N   1 
ATOM   455  C CA  . ILE A 1 59  ? 0.454   -7.505  -5.700  1.00 35.76 ? 407 ILE A CA  1 
ATOM   456  C C   . ILE A 1 59  ? -0.488  -6.314  -5.804  1.00 35.88 ? 407 ILE A C   1 
ATOM   457  O O   . ILE A 1 59  ? -0.317  -5.460  -6.679  1.00 36.83 ? 407 ILE A O   1 
ATOM   458  C CB  . ILE A 1 59  ? 1.874   -7.057  -5.331  1.00 38.56 ? 407 ILE A CB  1 
ATOM   459  C CG1 . ILE A 1 59  ? 2.813   -8.266  -5.245  1.00 41.10 ? 407 ILE A CG1 1 
ATOM   460  C CG2 . ILE A 1 59  ? 1.867   -6.269  -4.027  1.00 32.82 ? 407 ILE A CG2 1 
ATOM   461  C CD1 . ILE A 1 59  ? 4.226   -7.912  -4.834  1.00 36.84 ? 407 ILE A CD1 1 
ATOM   462  N N   . SER A 1 60  ? -1.511  -6.285  -4.944  1.00 36.09 ? 408 SER A N   1 
ATOM   463  C CA  . SER A 1 60  ? -2.352  -5.114  -4.745  1.00 34.72 ? 408 SER A CA  1 
ATOM   464  C C   . SER A 1 60  ? -1.852  -4.328  -3.543  1.00 36.53 ? 408 SER A C   1 
ATOM   465  O O   . SER A 1 60  ? -1.475  -4.907  -2.518  1.00 34.18 ? 408 SER A O   1 
ATOM   466  C CB  . SER A 1 60  ? -3.811  -5.492  -4.511  1.00 36.88 ? 408 SER A CB  1 
ATOM   467  O OG  . SER A 1 60  ? -4.292  -6.347  -5.513  1.00 37.60 ? 408 SER A OG  1 
ATOM   468  N N   . LEU A 1 61  ? -1.880  -3.006  -3.667  1.00 34.50 ? 409 LEU A N   1 
ATOM   469  C CA  . LEU A 1 61  ? -1.336  -2.107  -2.660  1.00 29.35 ? 409 LEU A CA  1 
ATOM   470  C C   . LEU A 1 61  ? -2.308  -0.955  -2.529  1.00 34.93 ? 409 LEU A C   1 
ATOM   471  O O   . LEU A 1 61  ? -2.482  -0.204  -3.490  1.00 35.84 ? 409 LEU A O   1 
ATOM   472  C CB  . LEU A 1 61  ? 0.038   -1.600  -3.068  1.00 29.72 ? 409 LEU A CB  1 
ATOM   473  C CG  . LEU A 1 61  ? 0.854   -0.871  -2.017  1.00 33.75 ? 409 LEU A CG  1 
ATOM   474  C CD1 . LEU A 1 61  ? 0.934   -1.726  -0.764  1.00 34.05 ? 409 LEU A CD1 1 
ATOM   475  C CD2 . LEU A 1 61  ? 2.234   -0.597  -2.565  1.00 32.28 ? 409 LEU A CD2 1 
ATOM   476  N N   . PHE A 1 62  ? -2.938  -0.812  -1.361  1.00 31.09 ? 410 PHE A N   1 
ATOM   477  C CA  . PHE A 1 62  ? -3.822  0.314   -1.106  1.00 32.83 ? 410 PHE A CA  1 
ATOM   478  C C   . PHE A 1 62  ? -3.411  1.071   0.149   1.00 37.43 ? 410 PHE A C   1 
ATOM   479  O O   . PHE A 1 62  ? -2.867  0.500   1.103   1.00 35.74 ? 410 PHE A O   1 
ATOM   480  C CB  . PHE A 1 62  ? -5.265  -0.127  -0.950  1.00 32.65 ? 410 PHE A CB  1 
ATOM   481  C CG  . PHE A 1 62  ? -5.746  -0.948  -2.065  1.00 33.55 ? 410 PHE A CG  1 
ATOM   482  C CD1 . PHE A 1 62  ? -6.238  -0.349  -3.213  1.00 36.89 ? 410 PHE A CD1 1 
ATOM   483  C CD2 . PHE A 1 62  ? -5.694  -2.332  -1.991  1.00 38.20 ? 410 PHE A CD2 1 
ATOM   484  C CE1 . PHE A 1 62  ? -6.681  -1.111  -4.278  1.00 36.14 ? 410 PHE A CE1 1 
ATOM   485  C CE2 . PHE A 1 62  ? -6.133  -3.110  -3.063  1.00 39.12 ? 410 PHE A CE2 1 
ATOM   486  C CZ  . PHE A 1 62  ? -6.634  -2.493  -4.202  1.00 36.98 ? 410 PHE A CZ  1 
ATOM   487  N N   . VAL A 1 63  ? -3.702  2.359   0.142   1.00 33.84 ? 411 VAL A N   1 
ATOM   488  C CA  . VAL A 1 63  ? -3.526  3.207   1.305   1.00 33.65 ? 411 VAL A CA  1 
ATOM   489  C C   . VAL A 1 63  ? -4.885  3.405   1.962   1.00 36.88 ? 411 VAL A C   1 
ATOM   490  O O   . VAL A 1 63  ? -5.896  3.621   1.278   1.00 36.50 ? 411 VAL A O   1 
ATOM   491  C CB  . VAL A 1 63  ? -2.885  4.546   0.907   1.00 37.97 ? 411 VAL A CB  1 
ATOM   492  C CG1 . VAL A 1 63  ? -3.161  5.592   1.954   1.00 38.19 ? 411 VAL A CG1 1 
ATOM   493  C CG2 . VAL A 1 63  ? -1.410  4.361   0.732   1.00 39.28 ? 411 VAL A CG2 1 
ATOM   494  N N   . HIS A 1 64  ? -4.913  3.293   3.292   1.00 36.47 ? 412 HIS A N   1 
ATOM   495  C CA  . HIS A 1 64  ? -6.123  3.428   4.089   1.00 35.98 ? 412 HIS A CA  1 
ATOM   496  C C   . HIS A 1 64  ? -5.990  4.555   5.097   1.00 36.04 ? 412 HIS A C   1 
ATOM   497  O O   . HIS A 1 64  ? -4.936  4.759   5.707   1.00 38.77 ? 412 HIS A O   1 
ATOM   498  C CB  . HIS A 1 64  ? -6.456  2.155   4.843   1.00 36.58 ? 412 HIS A CB  1 
ATOM   499  C CG  . HIS A 1 64  ? -7.104  1.123   3.998   1.00 38.29 ? 412 HIS A CG  1 
ATOM   500  N ND1 . HIS A 1 64  ? -8.469  0.953   3.959   1.00 41.80 ? 412 HIS A ND1 1 
ATOM   501  C CD2 . HIS A 1 64  ? -6.581  0.207   3.150   1.00 36.19 ? 412 HIS A CD2 1 
ATOM   502  C CE1 . HIS A 1 64  ? -8.759  -0.029  3.123   1.00 44.34 ? 412 HIS A CE1 1 
ATOM   503  N NE2 . HIS A 1 64  ? -7.632  -0.496  2.617   1.00 39.02 ? 412 HIS A NE2 1 
ATOM   504  N N   . THR A 1 65  ? -7.085  5.246   5.290   1.00 37.78 ? 413 THR A N   1 
ATOM   505  C CA  . THR A 1 65  ? -7.186  6.297   6.272   1.00 37.21 ? 413 THR A CA  1 
ATOM   506  C C   . THR A 1 65  ? -7.632  5.701   7.610   1.00 37.69 ? 413 THR A C   1 
ATOM   507  O O   . THR A 1 65  ? -8.461  4.785   7.649   1.00 37.77 ? 413 THR A O   1 
ATOM   508  C CB  . THR A 1 65  ? -8.149  7.338   5.707   1.00 35.26 ? 413 THR A CB  1 
ATOM   509  O OG1 . THR A 1 65  ? -7.442  8.554   5.489   1.00 36.04 ? 413 THR A OG1 1 
ATOM   510  C CG2 . THR A 1 65  ? -9.362  7.543   6.558   1.00 40.14 ? 413 THR A CG2 1 
ATOM   511  N N   . MET A 1 66  ? -7.021  6.170   8.701   1.00 34.90 ? 414 MET A N   1 
ATOM   512  C CA  . MET A 1 66  ? -7.241  5.613   10.029  1.00 37.39 ? 414 MET A CA  1 
ATOM   513  C C   . MET A 1 66  ? -7.636  6.700   11.028  1.00 37.95 ? 414 MET A C   1 
ATOM   514  O O   . MET A 1 66  ? -7.260  7.862   10.885  1.00 37.79 ? 414 MET A O   1 
ATOM   515  C CB  . MET A 1 66  ? -5.992  4.909   10.534  1.00 35.89 ? 414 MET A CB  1 
ATOM   516  C CG  . MET A 1 66  ? -5.867  3.485   10.069  1.00 42.19 ? 414 MET A CG  1 
ATOM   517  S SD  . MET A 1 66  ? -4.252  2.777   10.475  1.00 49.36 ? 414 MET A SD  1 
ATOM   518  C CE  . MET A 1 66  ? -4.725  1.808   11.915  1.00 35.74 ? 414 MET A CE  1 
ATOM   519  N N   . GLN A 1 67  ? -8.394  6.314   12.052  1.00 35.25 ? 415 GLN A N   1 
ATOM   520  C CA  . GLN A 1 67  ? -8.634  7.226   13.166  1.00 45.52 ? 415 GLN A CA  1 
ATOM   521  C C   . GLN A 1 67  ? -7.331  7.541   13.894  1.00 41.40 ? 415 GLN A C   1 
ATOM   522  O O   . GLN A 1 67  ? -6.619  6.634   14.331  1.00 43.74 ? 415 GLN A O   1 
ATOM   523  C CB  . GLN A 1 67  ? -9.635  6.626   14.140  1.00 39.21 ? 415 GLN A CB  1 
ATOM   524  C CG  . GLN A 1 67  ? -11.043 6.840   13.726  1.00 46.69 ? 415 GLN A CG  1 
ATOM   525  C CD  . GLN A 1 67  ? -12.011 6.342   14.763  1.00 53.58 ? 415 GLN A CD  1 
ATOM   526  O OE1 . GLN A 1 67  ? -11.634 5.596   15.667  1.00 56.58 ? 415 GLN A OE1 1 
ATOM   527  N NE2 . GLN A 1 67  ? -13.268 6.752   14.646  1.00 56.17 ? 415 GLN A NE2 1 
ATOM   528  N N   . GLY A 1 68  ? -7.020  8.831   14.020  1.00 37.64 ? 416 GLY A N   1 
ATOM   529  C CA  . GLY A 1 68  ? -5.761  9.251   14.589  1.00 39.90 ? 416 GLY A CA  1 
ATOM   530  C C   . GLY A 1 68  ? -5.963  10.231  15.731  1.00 43.39 ? 416 GLY A C   1 
ATOM   531  O O   . GLY A 1 68  ? -6.998  10.886  15.849  1.00 43.73 ? 416 GLY A O   1 
ATOM   532  N N   . GLU A 1 69  ? -4.935  10.318  16.573  1.00 43.68 ? 417 GLU A N   1 
ATOM   533  C CA  . GLU A 1 69  ? -4.999  11.185  17.742  1.00 41.03 ? 417 GLU A CA  1 
ATOM   534  C C   . GLU A 1 69  ? -5.264  12.638  17.389  1.00 38.48 ? 417 GLU A C   1 
ATOM   535  O O   . GLU A 1 69  ? -5.730  13.385  18.244  1.00 39.61 ? 417 GLU A O   1 
ATOM   536  C CB  . GLU A 1 69  ? -3.697  11.089  18.531  1.00 47.26 ? 417 GLU A CB  1 
ATOM   537  C CG  . GLU A 1 69  ? -3.773  10.158  19.743  1.00 60.37 ? 417 GLU A CG  1 
ATOM   538  C CD  . GLU A 1 69  ? -2.505  10.211  20.592  1.00 76.66 ? 417 GLU A CD  1 
ATOM   539  O OE1 . GLU A 1 69  ? -2.593  10.628  21.776  1.00 71.12 ? 417 GLU A OE1 1 
ATOM   540  O OE2 . GLU A 1 69  ? -1.419  9.845   20.064  1.00 80.67 ? 417 GLU A OE2 1 
ATOM   541  N N   . TYR A 1 70  ? -4.997  13.054  16.156  1.00 39.76 ? 418 TYR A N   1 
ATOM   542  C CA  . TYR A 1 70  ? -5.067  14.455  15.779  1.00 38.27 ? 418 TYR A CA  1 
ATOM   543  C C   . TYR A 1 70  ? -6.283  14.789  14.936  1.00 41.60 ? 418 TYR A C   1 
ATOM   544  O O   . TYR A 1 70  ? -6.376  15.921  14.446  1.00 43.04 ? 418 TYR A O   1 
ATOM   545  C CB  . TYR A 1 70  ? -3.800  14.854  15.026  1.00 35.60 ? 418 TYR A CB  1 
ATOM   546  C CG  . TYR A 1 70  ? -2.563  14.535  15.803  1.00 39.76 ? 418 TYR A CG  1 
ATOM   547  C CD1 . TYR A 1 70  ? -2.134  15.369  16.837  1.00 36.76 ? 418 TYR A CD1 1 
ATOM   548  C CD2 . TYR A 1 70  ? -1.837  13.389  15.534  1.00 36.13 ? 418 TYR A CD2 1 
ATOM   549  C CE1 . TYR A 1 70  ? -0.993  15.075  17.554  1.00 35.54 ? 418 TYR A CE1 1 
ATOM   550  C CE2 . TYR A 1 70  ? -0.712  13.081  16.250  1.00 38.65 ? 418 TYR A CE2 1 
ATOM   551  C CZ  . TYR A 1 70  ? -0.290  13.921  17.264  1.00 38.79 ? 418 TYR A CZ  1 
ATOM   552  O OH  . TYR A 1 70  ? 0.847   13.596  17.972  1.00 37.81 ? 418 TYR A OH  1 
ATOM   553  N N   . ASP A 1 71  ? -7.220  13.849  14.770  1.00 39.71 ? 419 ASP A N   1 
ATOM   554  C CA  . ASP A 1 71  ? -8.223  13.973  13.712  1.00 40.02 ? 419 ASP A CA  1 
ATOM   555  C C   . ASP A 1 71  ? -9.056  15.243  13.863  1.00 42.14 ? 419 ASP A C   1 
ATOM   556  O O   . ASP A 1 71  ? -9.377  15.906  12.867  1.00 42.11 ? 419 ASP A O   1 
ATOM   557  C CB  . ASP A 1 71  ? -9.126  12.741  13.695  1.00 40.64 ? 419 ASP A CB  1 
ATOM   558  C CG  . ASP A 1 71  ? -8.535  11.570  12.910  1.00 44.75 ? 419 ASP A CG  1 
ATOM   559  O OD1 . ASP A 1 71  ? -7.357  11.636  12.479  1.00 42.06 ? 419 ASP A OD1 1 
ATOM   560  O OD2 . ASP A 1 71  ? -9.268  10.559  12.743  1.00 47.40 ? 419 ASP A OD2 1 
ATOM   561  N N   . SER A 1 72  ? -9.400  15.617  15.098  1.00 44.22 ? 420 SER A N   1 
ATOM   562  C CA  . SER A 1 72  ? -10.274 16.773  15.292  1.00 47.75 ? 420 SER A CA  1 
ATOM   563  C C   . SER A 1 72  ? -9.573  18.100  15.032  1.00 46.39 ? 420 SER A C   1 
ATOM   564  O O   . SER A 1 72  ? -10.256 19.116  14.861  1.00 49.72 ? 420 SER A O   1 
ATOM   565  C CB  . SER A 1 72  ? -10.853 16.761  16.698  1.00 43.60 ? 420 SER A CB  1 
ATOM   566  O OG  . SER A 1 72  ? -9.886  16.264  17.599  1.00 56.31 ? 420 SER A OG  1 
ATOM   567  N N   . HIS A 1 73  ? -8.240  18.116  14.987  1.00 43.18 ? 421 HIS A N   1 
ATOM   568  C CA  . HIS A 1 73  ? -7.479  19.319  14.686  1.00 39.48 ? 421 HIS A CA  1 
ATOM   569  C C   . HIS A 1 73  ? -7.074  19.428  13.229  1.00 45.13 ? 421 HIS A C   1 
ATOM   570  O O   . HIS A 1 73  ? -6.499  20.453  12.836  1.00 44.78 ? 421 HIS A O   1 
ATOM   571  C CB  . HIS A 1 73  ? -6.214  19.373  15.540  1.00 44.37 ? 421 HIS A CB  1 
ATOM   572  C CG  . HIS A 1 73  ? -6.478  19.296  17.010  1.00 48.55 ? 421 HIS A CG  1 
ATOM   573  N ND1 . HIS A 1 73  ? -6.675  20.416  17.786  1.00 46.44 ? 421 HIS A ND1 1 
ATOM   574  C CD2 . HIS A 1 73  ? -6.581  18.234  17.843  1.00 49.56 ? 421 HIS A CD2 1 
ATOM   575  C CE1 . HIS A 1 73  ? -6.887  20.047  19.037  1.00 51.67 ? 421 HIS A CE1 1 
ATOM   576  N NE2 . HIS A 1 73  ? -6.834  18.728  19.098  1.00 51.67 ? 421 HIS A NE2 1 
ATOM   577  N N   . LEU A 1 74  ? -7.333  18.407  12.434  1.00 43.59 ? 422 LEU A N   1 
ATOM   578  C CA  . LEU A 1 74  ? -6.820  18.390  11.082  1.00 43.14 ? 422 LEU A CA  1 
ATOM   579  C C   . LEU A 1 74  ? -7.909  18.782  10.099  1.00 42.06 ? 422 LEU A C   1 
ATOM   580  O O   . LEU A 1 74  ? -9.101  18.652  10.387  1.00 47.09 ? 422 LEU A O   1 
ATOM   581  C CB  . LEU A 1 74  ? -6.288  16.996  10.742  1.00 46.59 ? 422 LEU A CB  1 
ATOM   582  C CG  . LEU A 1 74  ? -5.042  16.500  11.473  1.00 42.46 ? 422 LEU A CG  1 
ATOM   583  C CD1 . LEU A 1 74  ? -4.979  14.980  11.410  1.00 42.84 ? 422 LEU A CD1 1 
ATOM   584  C CD2 . LEU A 1 74  ? -3.806  17.088  10.838  1.00 46.05 ? 422 LEU A CD2 1 
ATOM   585  N N   . PRO A 1 75  ? -7.538  19.289  8.931   1.00 43.06 ? 423 PRO A N   1 
ATOM   586  C CA  . PRO A 1 75  ? -8.540  19.551  7.891   1.00 48.22 ? 423 PRO A CA  1 
ATOM   587  C C   . PRO A 1 75  ? -8.967  18.275  7.180   1.00 45.63 ? 423 PRO A C   1 
ATOM   588  O O   . PRO A 1 75  ? -8.151  17.399  6.880   1.00 43.00 ? 423 PRO A O   1 
ATOM   589  C CB  . PRO A 1 75  ? -7.814  20.507  6.929   1.00 40.49 ? 423 PRO A CB  1 
ATOM   590  C CG  . PRO A 1 75  ? -6.385  20.241  7.144   1.00 40.09 ? 423 PRO A CG  1 
ATOM   591  C CD  . PRO A 1 75  ? -6.228  19.865  8.596   1.00 45.07 ? 423 PRO A CD  1 
ATOM   592  N N   . TRP A 1 76  ? -10.265 18.189  6.906   1.00 44.25 ? 424 TRP A N   1 
ATOM   593  C CA  . TRP A 1 76  ? -10.873 17.070  6.210   1.00 42.19 ? 424 TRP A CA  1 
ATOM   594  C C   . TRP A 1 76  ? -11.743 17.585  5.075   1.00 45.46 ? 424 TRP A C   1 
ATOM   595  O O   . TRP A 1 76  ? -12.302 18.682  5.165   1.00 40.37 ? 424 TRP A O   1 
ATOM   596  C CB  . TRP A 1 76  ? -11.719 16.219  7.161   1.00 41.82 ? 424 TRP A CB  1 
ATOM   597  C CG  . TRP A 1 76  ? -10.917 15.531  8.188   1.00 42.70 ? 424 TRP A CG  1 
ATOM   598  C CD1 . TRP A 1 76  ? -10.744 15.915  9.482   1.00 40.52 ? 424 TRP A CD1 1 
ATOM   599  C CD2 . TRP A 1 76  ? -10.158 14.331  8.020   1.00 41.64 ? 424 TRP A CD2 1 
ATOM   600  N NE1 . TRP A 1 76  ? -9.934  15.022  10.137  1.00 40.84 ? 424 TRP A NE1 1 
ATOM   601  C CE2 . TRP A 1 76  ? -9.559  14.040  9.260   1.00 42.59 ? 424 TRP A CE2 1 
ATOM   602  C CE3 . TRP A 1 76  ? -9.926  13.477  6.944   1.00 44.19 ? 424 TRP A CE3 1 
ATOM   603  C CZ2 . TRP A 1 76  ? -8.749  12.928  9.453   1.00 43.46 ? 424 TRP A CZ2 1 
ATOM   604  C CZ3 . TRP A 1 76  ? -9.122  12.368  7.137   1.00 44.07 ? 424 TRP A CZ3 1 
ATOM   605  C CH2 . TRP A 1 76  ? -8.543  12.105  8.379   1.00 45.24 ? 424 TRP A CH2 1 
ATOM   606  N N   . PRO A 1 77  ? -11.866 16.815  3.980   1.00 47.03 ? 425 PRO A N   1 
ATOM   607  C CA  . PRO A 1 77  ? -11.217 15.516  3.771   1.00 43.31 ? 425 PRO A CA  1 
ATOM   608  C C   . PRO A 1 77  ? -9.704  15.618  3.570   1.00 47.60 ? 425 PRO A C   1 
ATOM   609  O O   . PRO A 1 77  ? -9.169  16.715  3.394   1.00 45.01 ? 425 PRO A O   1 
ATOM   610  C CB  . PRO A 1 77  ? -11.891 14.997  2.500   1.00 45.97 ? 425 PRO A CB  1 
ATOM   611  C CG  . PRO A 1 77  ? -12.314 16.220  1.788   1.00 46.96 ? 425 PRO A CG  1 
ATOM   612  C CD  . PRO A 1 77  ? -12.752 17.165  2.856   1.00 46.42 ? 425 PRO A CD  1 
ATOM   613  N N   . PHE A 1 78  ? -9.031  14.472  3.607   1.00 46.69 ? 426 PHE A N   1 
ATOM   614  C CA  . PHE A 1 78  ? -7.595  14.434  3.388   1.00 43.25 ? 426 PHE A CA  1 
ATOM   615  C C   . PHE A 1 78  ? -7.251  14.799  1.949   1.00 45.65 ? 426 PHE A C   1 
ATOM   616  O O   . PHE A 1 78  ? -7.955  14.427  1.008   1.00 44.62 ? 426 PHE A O   1 
ATOM   617  C CB  . PHE A 1 78  ? -7.045  13.042  3.702   1.00 43.32 ? 426 PHE A CB  1 
ATOM   618  C CG  . PHE A 1 78  ? -5.592  12.883  3.361   1.00 42.93 ? 426 PHE A CG  1 
ATOM   619  C CD1 . PHE A 1 78  ? -5.196  12.493  2.084   1.00 39.80 ? 426 PHE A CD1 1 
ATOM   620  C CD2 . PHE A 1 78  ? -4.617  13.145  4.310   1.00 40.39 ? 426 PHE A CD2 1 
ATOM   621  C CE1 . PHE A 1 78  ? -3.855  12.376  1.767   1.00 41.99 ? 426 PHE A CE1 1 
ATOM   622  C CE2 . PHE A 1 78  ? -3.271  13.014  3.995   1.00 42.27 ? 426 PHE A CE2 1 
ATOM   623  C CZ  . PHE A 1 78  ? -2.890  12.626  2.725   1.00 40.49 ? 426 PHE A CZ  1 
ATOM   624  N N   . GLN A 1 79  ? -6.122  15.484  1.782   1.00 47.33 ? 427 GLN A N   1 
ATOM   625  C CA  . GLN A 1 79  ? -5.646  15.933  0.485   1.00 45.15 ? 427 GLN A CA  1 
ATOM   626  C C   . GLN A 1 79  ? -4.135  15.838  0.456   1.00 43.44 ? 427 GLN A C   1 
ATOM   627  O O   . GLN A 1 79  ? -3.470  16.302  1.386   1.00 45.35 ? 427 GLN A O   1 
ATOM   628  C CB  . GLN A 1 79  ? -6.068  17.374  0.225   1.00 44.08 ? 427 GLN A CB  1 
ATOM   629  C CG  . GLN A 1 79  ? -6.808  17.584  -1.057  1.00 55.04 ? 427 GLN A CG  1 
ATOM   630  C CD  . GLN A 1 79  ? -7.289  19.018  -1.186  1.00 64.78 ? 427 GLN A CD  1 
ATOM   631  O OE1 . GLN A 1 79  ? -7.231  19.789  -0.222  1.00 64.82 ? 427 GLN A OE1 1 
ATOM   632  N NE2 . GLN A 1 79  ? -7.759  19.387  -2.377  1.00 60.78 ? 427 GLN A NE2 1 
ATOM   633  N N   . GLY A 1 80  ? -3.586  15.261  -0.605  1.00 46.43 ? 428 GLY A N   1 
ATOM   634  C CA  . GLY A 1 80  ? -2.145  15.236  -0.731  1.00 45.06 ? 428 GLY A CA  1 
ATOM   635  C C   . GLY A 1 80  ? -1.687  14.355  -1.875  1.00 48.91 ? 428 GLY A C   1 
ATOM   636  O O   . GLY A 1 80  ? -2.463  13.950  -2.742  1.00 46.98 ? 428 GLY A O   1 
ATOM   637  N N   . THR A 1 81  ? -0.394  14.076  -1.854  1.00 49.32 ? 429 THR A N   1 
ATOM   638  C CA  . THR A 1 81  ? 0.237   13.259  -2.867  1.00 47.58 ? 429 THR A CA  1 
ATOM   639  C C   . THR A 1 81  ? 0.935   12.108  -2.175  1.00 49.41 ? 429 THR A C   1 
ATOM   640  O O   . THR A 1 81  ? 1.794   12.328  -1.316  1.00 47.01 ? 429 THR A O   1 
ATOM   641  C CB  . THR A 1 81  ? 1.222   14.080  -3.685  1.00 51.67 ? 429 THR A CB  1 
ATOM   642  O OG1 . THR A 1 81  ? 0.480   14.940  -4.554  1.00 53.92 ? 429 THR A OG1 1 
ATOM   643  C CG2 . THR A 1 81  ? 2.092   13.167  -4.522  1.00 50.50 ? 429 THR A CG2 1 
ATOM   644  N N   . ILE A 1 82  ? 0.571   10.888  -2.553  1.00 47.01 ? 430 ILE A N   1 
ATOM   645  C CA  . ILE A 1 82  ? 1.136   9.682   -1.969  1.00 44.45 ? 430 ILE A CA  1 
ATOM   646  C C   . ILE A 1 82  ? 1.999   8.993   -3.007  1.00 45.96 ? 430 ILE A C   1 
ATOM   647  O O   . ILE A 1 82  ? 1.582   8.811   -4.159  1.00 49.12 ? 430 ILE A O   1 
ATOM   648  C CB  . ILE A 1 82  ? 0.041   8.739   -1.461  1.00 40.10 ? 430 ILE A CB  1 
ATOM   649  C CG1 . ILE A 1 82  ? -0.774  9.466   -0.400  1.00 42.19 ? 430 ILE A CG1 1 
ATOM   650  C CG2 . ILE A 1 82  ? 0.662   7.467   -0.940  1.00 39.42 ? 430 ILE A CG2 1 
ATOM   651  C CD1 . ILE A 1 82  ? -2.129  8.867   -0.139  1.00 41.47 ? 430 ILE A CD1 1 
ATOM   652  N N   . ARG A 1 83  ? 3.198   8.602   -2.603  1.00 44.86 ? 431 ARG A N   1 
ATOM   653  C CA  . ARG A 1 83  ? 4.069   7.808   -3.446  1.00 41.95 ? 431 ARG A CA  1 
ATOM   654  C C   . ARG A 1 83  ? 4.227   6.421   -2.839  1.00 43.66 ? 431 ARG A C   1 
ATOM   655  O O   . ARG A 1 83  ? 4.654   6.295   -1.684  1.00 44.38 ? 431 ARG A O   1 
ATOM   656  C CB  . ARG A 1 83  ? 5.421   8.481   -3.617  1.00 48.15 ? 431 ARG A CB  1 
ATOM   657  C CG  . ARG A 1 83  ? 6.317   7.626   -4.449  1.00 57.03 ? 431 ARG A CG  1 
ATOM   658  C CD  . ARG A 1 83  ? 7.331   8.466   -5.136  1.00 64.84 ? 431 ARG A CD  1 
ATOM   659  N NE  . ARG A 1 83  ? 8.544   8.560   -4.344  1.00 70.46 ? 431 ARG A NE  1 
ATOM   660  C CZ  . ARG A 1 83  ? 9.360   9.603   -4.374  1.00 80.59 ? 431 ARG A CZ  1 
ATOM   661  N NH1 . ARG A 1 83  ? 10.455  9.606   -3.620  1.00 81.40 ? 431 ARG A NH1 1 
ATOM   662  N NH2 . ARG A 1 83  ? 9.078   10.638  -5.163  1.00 84.23 ? 431 ARG A NH2 1 
ATOM   663  N N   . LEU A 1 84  ? 3.877   5.395   -3.616  1.00 37.86 ? 432 LEU A N   1 
ATOM   664  C CA  . LEU A 1 84  ? 3.966   4.004   -3.194  1.00 38.95 ? 432 LEU A CA  1 
ATOM   665  C C   . LEU A 1 84  ? 5.078   3.314   -3.963  1.00 41.71 ? 432 LEU A C   1 
ATOM   666  O O   . LEU A 1 84  ? 5.077   3.315   -5.194  1.00 43.07 ? 432 LEU A O   1 
ATOM   667  C CB  . LEU A 1 84  ? 2.647   3.274   -3.432  1.00 36.71 ? 432 LEU A CB  1 
ATOM   668  C CG  . LEU A 1 84  ? 1.457   3.664   -2.566  1.00 37.51 ? 432 LEU A CG  1 
ATOM   669  C CD1 . LEU A 1 84  ? 0.229   2.951   -3.077  1.00 37.37 ? 432 LEU A CD1 1 
ATOM   670  C CD2 . LEU A 1 84  ? 1.709   3.334   -1.109  1.00 34.87 ? 432 LEU A CD2 1 
ATOM   671  N N   . THR A 1 85  ? 6.015   2.712   -3.244  1.00 42.35 ? 433 THR A N   1 
ATOM   672  C CA  . THR A 1 85  ? 7.203   2.169   -3.878  1.00 40.28 ? 433 THR A CA  1 
ATOM   673  C C   . THR A 1 85  ? 7.501   0.806   -3.295  1.00 39.20 ? 433 THR A C   1 
ATOM   674  O O   . THR A 1 85  ? 7.417   0.622   -2.081  1.00 41.89 ? 433 THR A O   1 
ATOM   675  C CB  . THR A 1 85  ? 8.412   3.082   -3.674  1.00 44.99 ? 433 THR A CB  1 
ATOM   676  O OG1 . THR A 1 85  ? 8.112   4.395   -4.146  1.00 47.62 ? 433 THR A OG1 1 
ATOM   677  C CG2 . THR A 1 85  ? 9.599   2.552   -4.446  1.00 46.69 ? 433 THR A CG2 1 
ATOM   678  N N   . ILE A 1 86  ? 7.825   -0.150  -4.156  1.00 36.95 ? 434 ILE A N   1 
ATOM   679  C CA  . ILE A 1 86  ? 8.437   -1.395  -3.726  1.00 39.00 ? 434 ILE A CA  1 
ATOM   680  C C   . ILE A 1 86  ? 9.925   -1.279  -3.999  1.00 40.67 ? 434 ILE A C   1 
ATOM   681  O O   . ILE A 1 86  ? 10.345  -1.073  -5.145  1.00 42.21 ? 434 ILE A O   1 
ATOM   682  C CB  . ILE A 1 86  ? 7.832   -2.614  -4.432  1.00 38.58 ? 434 ILE A CB  1 
ATOM   683  C CG1 . ILE A 1 86  ? 6.518   -2.982  -3.747  1.00 36.74 ? 434 ILE A CG1 1 
ATOM   684  C CG2 . ILE A 1 86  ? 8.819   -3.777  -4.378  1.00 34.95 ? 434 ILE A CG2 1 
ATOM   685  C CD1 . ILE A 1 86  ? 5.881   -4.252  -4.249  1.00 35.77 ? 434 ILE A CD1 1 
ATOM   686  N N   . LEU A 1 87  ? 10.717  -1.437  -2.950  1.00 40.19 ? 435 LEU A N   1 
ATOM   687  C CA  . LEU A 1 87  ? 12.121  -1.076  -3.005  1.00 42.29 ? 435 LEU A CA  1 
ATOM   688  C C   . LEU A 1 87  ? 12.960  -2.177  -3.627  1.00 42.82 ? 435 LEU A C   1 
ATOM   689  O O   . LEU A 1 87  ? 12.908  -3.340  -3.211  1.00 42.77 ? 435 LEU A O   1 
ATOM   690  C CB  . LEU A 1 87  ? 12.636  -0.735  -1.609  1.00 41.50 ? 435 LEU A CB  1 
ATOM   691  C CG  . LEU A 1 87  ? 12.005  0.602   -1.195  1.00 42.97 ? 435 LEU A CG  1 
ATOM   692  C CD1 . LEU A 1 87  ? 12.368  0.954   0.235   1.00 44.37 ? 435 LEU A CD1 1 
ATOM   693  C CD2 . LEU A 1 87  ? 12.350  1.737   -2.171  1.00 37.92 ? 435 LEU A CD2 1 
ATOM   694  N N   . ASP A 1 88  ? 13.744  -1.784  -4.624  1.00 44.58 ? 436 ASP A N   1 
ATOM   695  C CA  . ASP A 1 88  ? 14.758  -2.634  -5.221  1.00 44.40 ? 436 ASP A CA  1 
ATOM   696  C C   . ASP A 1 88  ? 15.952  -2.667  -4.277  1.00 48.26 ? 436 ASP A C   1 
ATOM   697  O O   . ASP A 1 88  ? 16.664  -1.672  -4.135  1.00 51.10 ? 436 ASP A O   1 
ATOM   698  C CB  . ASP A 1 88  ? 15.124  -2.086  -6.593  1.00 45.91 ? 436 ASP A CB  1 
ATOM   699  C CG  . ASP A 1 88  ? 16.133  -2.940  -7.321  1.00 48.58 ? 436 ASP A CG  1 
ATOM   700  O OD1 . ASP A 1 88  ? 16.551  -3.995  -6.794  1.00 49.23 ? 436 ASP A OD1 1 
ATOM   701  O OD2 . ASP A 1 88  ? 16.516  -2.535  -8.436  1.00 50.12 ? 436 ASP A OD2 1 
ATOM   702  N N   . GLN A 1 89  ? 16.167  -3.806  -3.626  1.00 50.25 ? 437 GLN A N   1 
ATOM   703  C CA  . GLN A 1 89  ? 17.210  -3.932  -2.609  1.00 50.24 ? 437 GLN A CA  1 
ATOM   704  C C   . GLN A 1 89  ? 18.556  -4.356  -3.181  1.00 59.61 ? 437 GLN A C   1 
ATOM   705  O O   . GLN A 1 89  ? 19.250  -5.179  -2.582  1.00 65.82 ? 437 GLN A O   1 
ATOM   706  C CB  . GLN A 1 89  ? 16.761  -4.909  -1.532  1.00 44.89 ? 437 GLN A CB  1 
ATOM   707  C CG  . GLN A 1 89  ? 15.419  -4.602  -0.937  1.00 47.17 ? 437 GLN A CG  1 
ATOM   708  C CD  . GLN A 1 89  ? 15.075  -5.536  0.207   1.00 50.08 ? 437 GLN A CD  1 
ATOM   709  O OE1 . GLN A 1 89  ? 15.747  -5.543  1.242   1.00 47.89 ? 437 GLN A OE1 1 
ATOM   710  N NE2 . GLN A 1 89  ? 14.024  -6.337  0.025   1.00 45.70 ? 437 GLN A NE2 1 
ATOM   711  N N   . SER A 1 90  ? 18.963  -3.832  -4.325  1.00 61.78 ? 438 SER A N   1 
ATOM   712  C CA  . SER A 1 90  ? 20.343  -3.958  -4.771  1.00 66.73 ? 438 SER A CA  1 
ATOM   713  C C   . SER A 1 90  ? 21.081  -2.631  -4.577  1.00 75.08 ? 438 SER A C   1 
ATOM   714  O O   . SER A 1 90  ? 20.480  -1.585  -4.299  1.00 70.36 ? 438 SER A O   1 
ATOM   715  C CB  . SER A 1 90  ? 20.396  -4.410  -6.231  1.00 61.82 ? 438 SER A CB  1 
ATOM   716  O OG  . SER A 1 90  ? 19.308  -3.874  -6.959  1.00 59.51 ? 438 SER A OG  1 
ATOM   717  N N   . GLU A 1 91  ? 22.409  -2.688  -4.722  1.00 81.33 ? 439 GLU A N   1 
ATOM   718  C CA  . GLU A 1 91  ? 23.245  -1.502  -4.545  1.00 82.58 ? 439 GLU A CA  1 
ATOM   719  C C   . GLU A 1 91  ? 22.916  -0.442  -5.596  1.00 81.45 ? 439 GLU A C   1 
ATOM   720  O O   . GLU A 1 91  ? 22.761  -0.749  -6.781  1.00 82.45 ? 439 GLU A O   1 
ATOM   721  C CB  . GLU A 1 91  ? 24.727  -1.881  -4.617  1.00 80.18 ? 439 GLU A CB  1 
ATOM   722  N N   . ALA A 1 92  ? 22.849  0.826   -5.148  1.00 81.71 ? 440 ALA A N   1 
ATOM   723  C CA  . ALA A 1 92  ? 22.348  2.003   -5.867  1.00 80.40 ? 440 ALA A CA  1 
ATOM   724  C C   . ALA A 1 92  ? 22.672  2.074   -7.362  1.00 83.20 ? 440 ALA A C   1 
ATOM   725  O O   . ALA A 1 92  ? 21.812  2.521   -8.137  1.00 77.47 ? 440 ALA A O   1 
ATOM   726  C CB  . ALA A 1 92  ? 22.855  3.277   -5.186  1.00 79.04 ? 440 ALA A CB  1 
ATOM   727  N N   . PRO A 1 93  ? 23.883  1.694   -7.817  1.00 89.12 ? 441 PRO A N   1 
ATOM   728  C CA  . PRO A 1 93  ? 24.135  1.693   -9.276  1.00 80.77 ? 441 PRO A CA  1 
ATOM   729  C C   . PRO A 1 93  ? 23.125  0.889   -10.084 1.00 77.86 ? 441 PRO A C   1 
ATOM   730  O O   . PRO A 1 93  ? 22.620  1.358   -11.114 1.00 78.18 ? 441 PRO A O   1 
ATOM   731  C CB  . PRO A 1 93  ? 25.552  1.093   -9.382  1.00 82.79 ? 441 PRO A CB  1 
ATOM   732  C CG  . PRO A 1 93  ? 25.871  0.520   -8.018  1.00 82.19 ? 441 PRO A CG  1 
ATOM   733  C CD  . PRO A 1 93  ? 25.130  1.415   -7.075  1.00 85.52 ? 441 PRO A CD  1 
ATOM   734  N N   . VAL A 1 94  ? 22.807  -0.316  -9.634  1.00 79.66 ? 442 VAL A N   1 
ATOM   735  C CA  . VAL A 1 94  ? 21.961  -1.218  -10.402 1.00 78.81 ? 442 VAL A CA  1 
ATOM   736  C C   . VAL A 1 94  ? 20.545  -1.266  -9.834  1.00 70.85 ? 442 VAL A C   1 
ATOM   737  O O   . VAL A 1 94  ? 19.898  -2.322  -9.854  1.00 68.34 ? 442 VAL A O   1 
ATOM   738  C CB  . VAL A 1 94  ? 22.587  -2.623  -10.426 1.00 79.48 ? 442 VAL A CB  1 
ATOM   739  C CG1 . VAL A 1 94  ? 23.660  -2.703  -11.497 1.00 81.58 ? 442 VAL A CG1 1 
ATOM   740  C CG2 . VAL A 1 94  ? 23.171  -2.961  -9.047  1.00 73.76 ? 442 VAL A CG2 1 
ATOM   741  N N   . ARG A 1 95  ? 20.039  -0.136  -9.338  1.00 64.01 ? 443 ARG A N   1 
ATOM   742  C CA  . ARG A 1 95  ? 18.777  -0.136  -8.606  1.00 62.71 ? 443 ARG A CA  1 
ATOM   743  C C   . ARG A 1 95  ? 17.670  0.579   -9.380  1.00 57.21 ? 443 ARG A C   1 
ATOM   744  O O   . ARG A 1 95  ? 17.860  1.696   -9.872  1.00 56.89 ? 443 ARG A O   1 
ATOM   745  C CB  . ARG A 1 95  ? 18.949  0.487   -7.223  1.00 62.04 ? 443 ARG A CB  1 
ATOM   746  C CG  . ARG A 1 95  ? 17.632  0.824   -6.577  1.00 60.02 ? 443 ARG A CG  1 
ATOM   747  C CD  . ARG A 1 95  ? 17.805  1.888   -5.521  1.00 72.18 ? 443 ARG A CD  1 
ATOM   748  N NE  . ARG A 1 95  ? 18.619  1.392   -4.418  1.00 80.13 ? 443 ARG A NE  1 
ATOM   749  C CZ  . ARG A 1 95  ? 19.449  2.145   -3.706  1.00 82.17 ? 443 ARG A CZ  1 
ATOM   750  N NH1 . ARG A 1 95  ? 19.582  3.438   -3.991  1.00 82.44 ? 443 ARG A NH1 1 
ATOM   751  N NH2 . ARG A 1 95  ? 20.149  1.599   -2.719  1.00 80.25 ? 443 ARG A NH2 1 
ATOM   752  N N   . GLN A 1 96  ? 16.515  -0.079  -9.484  1.00 49.49 ? 444 GLN A N   1 
ATOM   753  C CA  . GLN A 1 96  ? 15.300  0.497   -10.059 1.00 49.43 ? 444 GLN A CA  1 
ATOM   754  C C   . GLN A 1 96  ? 14.116  0.112   -9.183  1.00 49.71 ? 444 GLN A C   1 
ATOM   755  O O   . GLN A 1 96  ? 13.693  -1.048  -9.181  1.00 48.18 ? 444 GLN A O   1 
ATOM   756  C CB  . GLN A 1 96  ? 15.097  0.009   -11.480 1.00 44.20 ? 444 GLN A CB  1 
ATOM   757  C CG  . GLN A 1 96  ? 14.278  0.893   -12.379 1.00 47.01 ? 444 GLN A CG  1 
ATOM   758  C CD  . GLN A 1 96  ? 13.557  0.086   -13.465 1.00 54.95 ? 444 GLN A CD  1 
ATOM   759  O OE1 . GLN A 1 96  ? 12.925  -0.944  -13.190 1.00 61.09 ? 444 GLN A OE1 1 
ATOM   760  N NE2 . GLN A 1 96  ? 13.722  0.510   -14.709 1.00 44.69 ? 444 GLN A NE2 1 
ATOM   761  N N   . ASN A 1 97  ? 13.575  1.080   -8.449  1.00 43.80 ? 445 ASN A N   1 
ATOM   762  C CA  . ASN A 1 97  ? 12.402  0.810   -7.641  1.00 43.59 ? 445 ASN A CA  1 
ATOM   763  C C   . ASN A 1 97  ? 11.153  0.719   -8.509  1.00 41.64 ? 445 ASN A C   1 
ATOM   764  O O   . ASN A 1 97  ? 11.058  1.331   -9.573  1.00 42.91 ? 445 ASN A O   1 
ATOM   765  C CB  . ASN A 1 97  ? 12.220  1.892   -6.586  1.00 42.69 ? 445 ASN A CB  1 
ATOM   766  C CG  . ASN A 1 97  ? 13.359  1.928   -5.617  1.00 45.61 ? 445 ASN A CG  1 
ATOM   767  O OD1 . ASN A 1 97  ? 13.963  0.890   -5.336  1.00 46.07 ? 445 ASN A OD1 1 
ATOM   768  N ND2 . ASN A 1 97  ? 13.665  3.114   -5.087  1.00 45.73 ? 445 ASN A ND2 1 
ATOM   769  N N   . HIS A 1 98  ? 10.174  -0.037  -8.023  1.00 39.59 ? 446 HIS A N   1 
ATOM   770  C CA  . HIS A 1 98  ? 8.876   -0.155  -8.678  1.00 39.49 ? 446 HIS A CA  1 
ATOM   771  C C   . HIS A 1 98  ? 7.877   0.743   -7.957  1.00 42.23 ? 446 HIS A C   1 
ATOM   772  O O   . HIS A 1 98  ? 7.561   0.509   -6.781  1.00 42.82 ? 446 HIS A O   1 
ATOM   773  C CB  . HIS A 1 98  ? 8.402   -1.607  -8.687  1.00 40.67 ? 446 HIS A CB  1 
ATOM   774  C CG  . HIS A 1 98  ? 7.153   -1.818  -9.476  1.00 41.56 ? 446 HIS A CG  1 
ATOM   775  N ND1 . HIS A 1 98  ? 7.151   -1.928  -10.849 1.00 42.44 ? 446 HIS A ND1 1 
ATOM   776  C CD2 . HIS A 1 98  ? 5.860   -1.891  -9.087  1.00 37.10 ? 446 HIS A CD2 1 
ATOM   777  C CE1 . HIS A 1 98  ? 5.909   -2.078  -11.269 1.00 38.02 ? 446 HIS A CE1 1 
ATOM   778  N NE2 . HIS A 1 98  ? 5.108   -2.064  -10.220 1.00 38.96 ? 446 HIS A NE2 1 
ATOM   779  N N   . GLU A 1 99  ? 7.356   1.749   -8.663  1.00 41.63 ? 447 GLU A N   1 
ATOM   780  C CA  . GLU A 1 99  ? 6.796   2.910   -7.982  1.00 45.70 ? 447 GLU A CA  1 
ATOM   781  C C   . GLU A 1 99  ? 5.608   3.497   -8.739  1.00 44.65 ? 447 GLU A C   1 
ATOM   782  O O   . GLU A 1 99  ? 5.558   3.456   -9.971  1.00 50.26 ? 447 GLU A O   1 
ATOM   783  C CB  . GLU A 1 99  ? 7.903   3.950   -7.803  1.00 47.33 ? 447 GLU A CB  1 
ATOM   784  C CG  . GLU A 1 99  ? 7.504   5.246   -7.158  1.00 57.66 ? 447 GLU A CG  1 
ATOM   785  C CD  . GLU A 1 99  ? 8.634   6.256   -7.239  1.00 72.43 ? 447 GLU A CD  1 
ATOM   786  O OE1 . GLU A 1 99  ? 9.387   6.397   -6.241  1.00 74.15 ? 447 GLU A OE1 1 
ATOM   787  O OE2 . GLU A 1 99  ? 8.772   6.890   -8.315  1.00 76.18 ? 447 GLU A OE2 1 
ATOM   788  N N   . GLU A 1 100 ? 4.647   4.037   -7.984  1.00 43.98 ? 448 GLU A N   1 
ATOM   789  C CA  . GLU A 1 100 ? 3.482   4.740   -8.516  1.00 41.11 ? 448 GLU A CA  1 
ATOM   790  C C   . GLU A 1 100 ? 3.235   5.985   -7.680  1.00 44.52 ? 448 GLU A C   1 
ATOM   791  O O   . GLU A 1 100 ? 3.538   6.007   -6.488  1.00 45.96 ? 448 GLU A O   1 
ATOM   792  C CB  . GLU A 1 100 ? 2.210   3.888   -8.488  1.00 38.03 ? 448 GLU A CB  1 
ATOM   793  C CG  . GLU A 1 100 ? 2.263   2.619   -9.308  1.00 46.75 ? 448 GLU A CG  1 
ATOM   794  C CD  . GLU A 1 100 ? 2.198   2.860   -10.825 1.00 51.47 ? 448 GLU A CD  1 
ATOM   795  O OE1 . GLU A 1 100 ? 1.884   3.998   -11.252 1.00 50.78 ? 448 GLU A OE1 1 
ATOM   796  O OE2 . GLU A 1 100 ? 2.463   1.895   -11.580 1.00 50.02 ? 448 GLU A OE2 1 
ATOM   797  N N   . ILE A 1 101 ? 2.677   7.024   -8.299  1.00 45.78 ? 449 ILE A N   1 
ATOM   798  C CA  . ILE A 1 101 ? 2.321   8.242   -7.583  1.00 42.97 ? 449 ILE A CA  1 
ATOM   799  C C   . ILE A 1 101 ? 0.855   8.535   -7.824  1.00 42.01 ? 449 ILE A C   1 
ATOM   800  O O   . ILE A 1 101 ? 0.423   8.627   -8.975  1.00 44.36 ? 449 ILE A O   1 
ATOM   801  C CB  . ILE A 1 101 ? 3.161   9.456   -8.008  1.00 47.34 ? 449 ILE A CB  1 
ATOM   802  C CG1 . ILE A 1 101 ? 4.643   9.198   -7.764  1.00 57.16 ? 449 ILE A CG1 1 
ATOM   803  C CG2 . ILE A 1 101 ? 2.723   10.663  -7.206  1.00 53.46 ? 449 ILE A CG2 1 
ATOM   804  C CD1 . ILE A 1 101 ? 5.514   10.424  -7.970  1.00 68.42 ? 449 ILE A CD1 1 
ATOM   805  N N   . MET A 1 102 ? 0.100   8.712   -6.744  1.00 44.45 ? 450 MET A N   1 
ATOM   806  C CA  . MET A 1 102 ? -1.316  9.014   -6.833  1.00 43.07 ? 450 MET A CA  1 
ATOM   807  C C   . MET A 1 102 ? -1.626  10.329  -6.132  1.00 45.69 ? 450 MET A C   1 
ATOM   808  O O   . MET A 1 102 ? -0.874  10.806  -5.280  1.00 47.60 ? 450 MET A O   1 
ATOM   809  C CB  . MET A 1 102 ? -2.164  7.892   -6.235  1.00 43.26 ? 450 MET A CB  1 
ATOM   810  C CG  . MET A 1 102 ? -1.802  7.499   -4.822  1.00 42.69 ? 450 MET A CG  1 
ATOM   811  S SD  . MET A 1 102 ? -2.714  5.996   -4.389  1.00 49.09 ? 450 MET A SD  1 
ATOM   812  C CE  . MET A 1 102 ? -2.202  5.720   -2.694  1.00 45.42 ? 450 MET A CE  1 
ATOM   813  N N   . ASP A 1 103 ? -2.744  10.925  -6.517  1.00 48.68 ? 451 ASP A N   1 
ATOM   814  C CA  . ASP A 1 103 ? -3.234  12.140  -5.885  1.00 51.85 ? 451 ASP A CA  1 
ATOM   815  C C   . ASP A 1 103 ? -4.446  11.778  -5.048  1.00 49.74 ? 451 ASP A C   1 
ATOM   816  O O   . ASP A 1 103 ? -5.467  11.332  -5.582  1.00 53.07 ? 451 ASP A O   1 
ATOM   817  C CB  . ASP A 1 103 ? -3.590  13.207  -6.919  1.00 57.77 ? 451 ASP A CB  1 
ATOM   818  C CG  . ASP A 1 103 ? -2.384  14.005  -7.361  1.00 62.35 ? 451 ASP A CG  1 
ATOM   819  O OD1 . ASP A 1 103 ? -1.458  14.186  -6.539  1.00 58.33 ? 451 ASP A OD1 1 
ATOM   820  O OD2 . ASP A 1 103 ? -2.357  14.442  -8.532  1.00 76.28 ? 451 ASP A OD2 1 
ATOM   821  N N   . ALA A 1 104 ? -4.320  11.935  -3.738  1.00 46.77 ? 452 ALA A N   1 
ATOM   822  C CA  . ALA A 1 104 ? -5.473  11.743  -2.879  1.00 50.94 ? 452 ALA A CA  1 
ATOM   823  C C   . ALA A 1 104 ? -6.510  12.788  -3.246  1.00 52.09 ? 452 ALA A C   1 
ATOM   824  O O   . ALA A 1 104 ? -6.403  13.945  -2.828  1.00 57.36 ? 452 ALA A O   1 
ATOM   825  C CB  . ALA A 1 104 ? -5.082  11.850  -1.410  1.00 46.30 ? 452 ALA A CB  1 
ATOM   826  N N   . LYS A 1 105 ? -7.483  12.408  -4.047  1.00 49.10 ? 453 LYS A N   1 
ATOM   827  C CA  . LYS A 1 105 ? -8.531  13.354  -4.395  1.00 54.14 ? 453 LYS A CA  1 
ATOM   828  C C   . LYS A 1 105 ? -9.522  13.462  -3.237  1.00 52.47 ? 453 LYS A C   1 
ATOM   829  O O   . LYS A 1 105 ? -10.075 12.449  -2.801  1.00 52.41 ? 453 LYS A O   1 
ATOM   830  C CB  . LYS A 1 105 ? -9.248  12.927  -5.673  1.00 64.45 ? 453 LYS A CB  1 
ATOM   831  C CG  . LYS A 1 105 ? -8.396  12.910  -6.947  1.00 67.78 ? 453 LYS A CG  1 
ATOM   832  C CD  . LYS A 1 105 ? -8.627  14.158  -7.791  1.00 73.36 ? 453 LYS A CD  1 
ATOM   833  C CE  . LYS A 1 105 ? -8.581  13.841  -9.295  1.00 79.34 ? 453 LYS A CE  1 
ATOM   834  N NZ  . LYS A 1 105 ? -7.195  13.683  -9.840  1.00 81.37 ? 453 LYS A NZ  1 
ATOM   835  N N   . PRO A 1 106 ? -9.778  14.667  -2.729  1.00 49.12 ? 454 PRO A N   1 
ATOM   836  C CA  . PRO A 1 106 ? -10.603 14.806  -1.527  1.00 47.67 ? 454 PRO A CA  1 
ATOM   837  C C   . PRO A 1 106 ? -12.057 14.424  -1.714  1.00 46.71 ? 454 PRO A C   1 
ATOM   838  O O   . PRO A 1 106 ? -12.812 14.435  -0.736  1.00 48.59 ? 454 PRO A O   1 
ATOM   839  C CB  . PRO A 1 106 ? -10.472 16.300  -1.195  1.00 52.86 ? 454 PRO A CB  1 
ATOM   840  C CG  . PRO A 1 106 ? -10.199 16.936  -2.506  1.00 55.58 ? 454 PRO A CG  1 
ATOM   841  C CD  . PRO A 1 106 ? -9.367  15.965  -3.281  1.00 50.07 ? 454 PRO A CD  1 
ATOM   842  N N   . GLU A 1 107 ? -12.500 14.086  -2.911  1.00 48.92 ? 455 GLU A N   1 
ATOM   843  C CA  . GLU A 1 107 ? -13.888 13.682  -3.045  1.00 48.73 ? 455 GLU A CA  1 
ATOM   844  C C   . GLU A 1 107 ? -14.102 12.188  -2.877  1.00 46.50 ? 455 GLU A C   1 
ATOM   845  O O   . GLU A 1 107 ? -15.255 11.766  -2.799  1.00 46.39 ? 455 GLU A O   1 
ATOM   846  C CB  . GLU A 1 107 ? -14.448 14.120  -4.391  1.00 47.14 ? 455 GLU A CB  1 
ATOM   847  C CG  . GLU A 1 107 ? -13.947 13.301  -5.534  1.00 48.53 ? 455 GLU A CG  1 
ATOM   848  C CD  . GLU A 1 107 ? -12.825 13.994  -6.269  1.00 60.48 ? 455 GLU A CD  1 
ATOM   849  O OE1 . GLU A 1 107 ? -12.012 14.672  -5.597  1.00 62.60 ? 455 GLU A OE1 1 
ATOM   850  O OE2 . GLU A 1 107 ? -12.761 13.866  -7.514  1.00 63.82 ? 455 GLU A OE2 1 
ATOM   851  N N   . LEU A 1 108 ? -13.045 11.377  -2.819  1.00 47.88 ? 456 LEU A N   1 
ATOM   852  C CA  . LEU A 1 108 ? -13.248 9.950   -2.597  1.00 46.65 ? 456 LEU A CA  1 
ATOM   853  C C   . LEU A 1 108 ? -13.703 9.675   -1.169  1.00 46.04 ? 456 LEU A C   1 
ATOM   854  O O   . LEU A 1 108 ? -13.287 10.341  -0.220  1.00 45.16 ? 456 LEU A O   1 
ATOM   855  C CB  . LEU A 1 108 ? -11.975 9.141   -2.857  1.00 49.72 ? 456 LEU A CB  1 
ATOM   856  C CG  . LEU A 1 108 ? -11.338 8.893   -4.227  1.00 51.04 ? 456 LEU A CG  1 
ATOM   857  C CD1 . LEU A 1 108 ? -12.357 8.343   -5.206  1.00 49.13 ? 456 LEU A CD1 1 
ATOM   858  C CD2 . LEU A 1 108 ? -10.594 10.095  -4.764  1.00 52.15 ? 456 LEU A CD2 1 
ATOM   859  N N   . LEU A 1 109 ? -14.550 8.651   -1.023  1.00 45.04 ? 457 LEU A N   1 
ATOM   860  C CA  . LEU A 1 109 ? -14.896 8.160   0.303   1.00 46.37 ? 457 LEU A CA  1 
ATOM   861  C C   . LEU A 1 109 ? -13.655 7.808   1.109   1.00 45.58 ? 457 LEU A C   1 
ATOM   862  O O   . LEU A 1 109 ? -13.637 7.959   2.337   1.00 44.00 ? 457 LEU A O   1 
ATOM   863  C CB  . LEU A 1 109 ? -15.805 6.940   0.173   1.00 50.27 ? 457 LEU A CB  1 
ATOM   864  C CG  . LEU A 1 109 ? -17.201 7.228   -0.376  1.00 49.07 ? 457 LEU A CG  1 
ATOM   865  C CD1 . LEU A 1 109 ? -17.964 5.942   -0.612  1.00 46.56 ? 457 LEU A CD1 1 
ATOM   866  C CD2 . LEU A 1 109 ? -17.958 8.122   0.589   1.00 40.65 ? 457 LEU A CD2 1 
ATOM   867  N N   . ALA A 1 110 ? -12.597 7.374   0.424   1.00 44.95 ? 458 ALA A N   1 
ATOM   868  C CA  . ALA A 1 110 ? -11.408 6.871   1.097   1.00 43.99 ? 458 ALA A CA  1 
ATOM   869  C C   . ALA A 1 110 ? -10.718 7.954   1.910   1.00 41.00 ? 458 ALA A C   1 
ATOM   870  O O   . ALA A 1 110 ? -10.039 7.649   2.896   1.00 38.95 ? 458 ALA A O   1 
ATOM   871  C CB  . ALA A 1 110 ? -10.447 6.279   0.065   1.00 38.83 ? 458 ALA A CB  1 
ATOM   872  N N   . PHE A 1 111 ? -10.874 9.214   1.526   1.00 43.22 ? 459 PHE A N   1 
ATOM   873  C CA  . PHE A 1 111 ? -10.169 10.296  2.194   1.00 41.96 ? 459 PHE A CA  1 
ATOM   874  C C   . PHE A 1 111 ? -11.069 11.141  3.071   1.00 40.87 ? 459 PHE A C   1 
ATOM   875  O O   . PHE A 1 111 ? -10.635 12.191  3.544   1.00 43.77 ? 459 PHE A O   1 
ATOM   876  C CB  . PHE A 1 111 ? -9.457  11.159  1.163   1.00 41.77 ? 459 PHE A CB  1 
ATOM   877  C CG  . PHE A 1 111 ? -8.442  10.404  0.422   1.00 42.91 ? 459 PHE A CG  1 
ATOM   878  C CD1 . PHE A 1 111 ? -7.295  9.970   1.069   1.00 41.10 ? 459 PHE A CD1 1 
ATOM   879  C CD2 . PHE A 1 111 ? -8.659  10.033  -0.891  1.00 47.31 ? 459 PHE A CD2 1 
ATOM   880  C CE1 . PHE A 1 111 ? -6.348  9.216   0.396   1.00 43.98 ? 459 PHE A CE1 1 
ATOM   881  C CE2 . PHE A 1 111 ? -7.712  9.279   -1.580  1.00 47.67 ? 459 PHE A CE2 1 
ATOM   882  C CZ  . PHE A 1 111 ? -6.556  8.866   -0.933  1.00 43.13 ? 459 PHE A CZ  1 
ATOM   883  N N   . GLN A 1 112 ? -12.301 10.709  3.309   1.00 41.65 ? 460 GLN A N   1 
ATOM   884  C CA  . GLN A 1 112 ? -13.099 11.393  4.308   1.00 41.13 ? 460 GLN A CA  1 
ATOM   885  C C   . GLN A 1 112 ? -12.631 10.977  5.695   1.00 44.73 ? 460 GLN A C   1 
ATOM   886  O O   . GLN A 1 112 ? -11.983 9.937   5.878   1.00 42.82 ? 460 GLN A O   1 
ATOM   887  C CB  . GLN A 1 112 ? -14.583 11.089  4.135   1.00 39.46 ? 460 GLN A CB  1 
ATOM   888  C CG  . GLN A 1 112 ? -15.100 11.330  2.729   1.00 43.44 ? 460 GLN A CG  1 
ATOM   889  C CD  . GLN A 1 112 ? -14.974 12.770  2.311   1.00 43.65 ? 460 GLN A CD  1 
ATOM   890  O OE1 . GLN A 1 112 ? -15.393 13.676  3.029   1.00 46.38 ? 460 GLN A OE1 1 
ATOM   891  N NE2 . GLN A 1 112 ? -14.398 12.997  1.140   1.00 43.86 ? 460 GLN A NE2 1 
ATOM   892  N N   . ARG A 1 113 ? -12.950 11.812  6.670   1.00 43.65 ? 461 ARG A N   1 
ATOM   893  C CA  . ARG A 1 113 ? -12.522 11.565  8.033   1.00 45.45 ? 461 ARG A CA  1 
ATOM   894  C C   . ARG A 1 113 ? -13.036 10.206  8.490   1.00 48.08 ? 461 ARG A C   1 
ATOM   895  O O   . ARG A 1 113 ? -14.252 9.965   8.433   1.00 47.80 ? 461 ARG A O   1 
ATOM   896  C CB  . ARG A 1 113 ? -13.021 12.653  8.970   1.00 44.20 ? 461 ARG A CB  1 
ATOM   897  C CG  . ARG A 1 113 ? -12.578 12.413  10.389  1.00 44.40 ? 461 ARG A CG  1 
ATOM   898  C CD  . ARG A 1 113 ? -13.006 13.514  11.316  1.00 41.67 ? 461 ARG A CD  1 
ATOM   899  N NE  . ARG A 1 113 ? -12.761 13.121  12.697  1.00 46.75 ? 461 ARG A NE  1 
ATOM   900  C CZ  . ARG A 1 113 ? -12.742 13.964  13.723  1.00 46.59 ? 461 ARG A CZ  1 
ATOM   901  N NH1 . ARG A 1 113 ? -12.951 15.261  13.516  1.00 46.35 ? 461 ARG A NH1 1 
ATOM   902  N NH2 . ARG A 1 113 ? -12.502 13.512  14.951  1.00 41.59 ? 461 ARG A NH2 1 
ATOM   903  N N   . PRO A 1 114 ? -12.162 9.296   8.924   1.00 49.03 ? 462 PRO A N   1 
ATOM   904  C CA  . PRO A 1 114 ? -12.623 7.950   9.264   1.00 44.85 ? 462 PRO A CA  1 
ATOM   905  C C   . PRO A 1 114 ? -13.428 7.982   10.545  1.00 48.86 ? 462 PRO A C   1 
ATOM   906  O O   . PRO A 1 114 ? -13.137 8.748   11.466  1.00 50.52 ? 462 PRO A O   1 
ATOM   907  C CB  . PRO A 1 114 ? -11.324 7.153   9.426   1.00 41.07 ? 462 PRO A CB  1 
ATOM   908  C CG  . PRO A 1 114 ? -10.314 8.163   9.791   1.00 42.77 ? 462 PRO A CG  1 
ATOM   909  C CD  . PRO A 1 114 ? -10.724 9.479   9.195   1.00 44.72 ? 462 PRO A CD  1 
ATOM   910  N N   . THR A 1 115 ? -14.476 7.166   10.578  1.00 50.49 ? 463 THR A N   1 
ATOM   911  C CA  . THR A 1 115 ? -15.351 7.064   11.734  1.00 46.25 ? 463 THR A CA  1 
ATOM   912  C C   . THR A 1 115 ? -15.209 5.733   12.450  1.00 48.88 ? 463 THR A C   1 
ATOM   913  O O   . THR A 1 115 ? -15.904 5.503   13.443  1.00 50.74 ? 463 THR A O   1 
ATOM   914  C CB  . THR A 1 115 ? -16.804 7.263   11.309  1.00 45.14 ? 463 THR A CB  1 
ATOM   915  O OG1 . THR A 1 115 ? -17.162 6.227   10.395  1.00 43.09 ? 463 THR A OG1 1 
ATOM   916  C CG2 . THR A 1 115 ? -16.980 8.616   10.629  1.00 41.97 ? 463 THR A CG2 1 
ATOM   917  N N   . ILE A 1 116 ? -14.351 4.847   11.958  1.00 51.10 ? 464 ILE A N   1 
ATOM   918  C CA  . ILE A 1 116 ? -14.007 3.603   12.636  1.00 47.41 ? 464 ILE A CA  1 
ATOM   919  C C   . ILE A 1 116 ? -12.487 3.511   12.594  1.00 47.23 ? 464 ILE A C   1 
ATOM   920  O O   . ILE A 1 116 ? -11.851 4.361   11.954  1.00 45.35 ? 464 ILE A O   1 
ATOM   921  C CB  . ILE A 1 116 ? -14.695 2.397   11.983  1.00 45.73 ? 464 ILE A CB  1 
ATOM   922  C CG1 . ILE A 1 116 ? -14.331 2.310   10.504  1.00 43.53 ? 464 ILE A CG1 1 
ATOM   923  C CG2 . ILE A 1 116 ? -16.192 2.492   12.167  1.00 44.14 ? 464 ILE A CG2 1 
ATOM   924  C CD1 . ILE A 1 116 ? -14.701 0.988   9.874   1.00 45.53 ? 464 ILE A CD1 1 
ATOM   925  N N   . PRO A 1 117 ? -11.864 2.545   13.277  1.00 47.69 ? 465 PRO A N   1 
ATOM   926  C CA  . PRO A 1 117 ? -10.386 2.503   13.312  1.00 43.72 ? 465 PRO A CA  1 
ATOM   927  C C   . PRO A 1 117 ? -9.704  2.598   11.960  1.00 40.23 ? 465 PRO A C   1 
ATOM   928  O O   . PRO A 1 117 ? -8.748  3.367   11.802  1.00 42.43 ? 465 PRO A O   1 
ATOM   929  C CB  . PRO A 1 117 ? -10.120 1.166   13.998  1.00 40.83 ? 465 PRO A CB  1 
ATOM   930  C CG  . PRO A 1 117 ? -11.249 1.086   15.002  1.00 39.59 ? 465 PRO A CG  1 
ATOM   931  C CD  . PRO A 1 117 ? -12.454 1.676   14.314  1.00 40.43 ? 465 PRO A CD  1 
ATOM   932  N N   . ARG A 1 118 ? -10.164 1.848   10.974  1.00 42.85 ? 466 ARG A N   1 
ATOM   933  C CA  . ARG A 1 118 ? -9.630  1.979   9.628   1.00 42.25 ? 466 ARG A CA  1 
ATOM   934  C C   . ARG A 1 118 ? -10.782 2.143   8.659   1.00 42.27 ? 466 ARG A C   1 
ATOM   935  O O   . ARG A 1 118 ? -11.753 1.380   8.709   1.00 44.22 ? 466 ARG A O   1 
ATOM   936  C CB  . ARG A 1 118 ? -8.774  0.783   9.238   1.00 40.14 ? 466 ARG A CB  1 
ATOM   937  C CG  . ARG A 1 118 ? -8.163  0.915   7.865   1.00 42.06 ? 466 ARG A CG  1 
ATOM   938  C CD  . ARG A 1 118 ? -7.854  -0.449  7.303   1.00 42.71 ? 466 ARG A CD  1 
ATOM   939  N NE  . ARG A 1 118 ? -7.239  -1.271  8.332   1.00 49.23 ? 466 ARG A NE  1 
ATOM   940  C CZ  . ARG A 1 118 ? -7.672  -2.472  8.691   1.00 47.78 ? 466 ARG A CZ  1 
ATOM   941  N NH1 . ARG A 1 118 ? -7.043  -3.132  9.653   1.00 48.39 ? 466 ARG A NH1 1 
ATOM   942  N NH2 . ARG A 1 118 ? -8.728  -3.008  8.090   1.00 44.68 ? 466 ARG A NH2 1 
ATOM   943  N N   . ASN A 1 119 ? -10.679 3.147   7.805   1.00 39.39 ? 467 ASN A N   1 
ATOM   944  C CA  . ASN A 1 119 ? -11.636 3.350   6.733   1.00 39.25 ? 467 ASN A CA  1 
ATOM   945  C C   . ASN A 1 119 ? -11.590 2.138   5.808   1.00 46.04 ? 467 ASN A C   1 
ATOM   946  O O   . ASN A 1 119 ? -10.507 1.797   5.300   1.00 44.89 ? 467 ASN A O   1 
ATOM   947  C CB  . ASN A 1 119 ? -11.286 4.634   5.987   1.00 42.52 ? 467 ASN A CB  1 
ATOM   948  C CG  . ASN A 1 119 ? -12.401 5.129   5.091   1.00 44.52 ? 467 ASN A CG  1 
ATOM   949  O OD1 . ASN A 1 119 ? -13.140 4.343   4.502   1.00 45.84 ? 467 ASN A OD1 1 
ATOM   950  N ND2 . ASN A 1 119 ? -12.508 6.448   4.960   1.00 43.57 ? 467 ASN A ND2 1 
ATOM   951  N N   . PRO A 1 120 ? -12.712 1.445   5.583   1.00 49.24 ? 468 PRO A N   1 
ATOM   952  C CA  . PRO A 1 120 ? -12.676 0.263   4.709   1.00 44.32 ? 468 PRO A CA  1 
ATOM   953  C C   . PRO A 1 120 ? -12.400 0.609   3.265   1.00 44.43 ? 468 PRO A C   1 
ATOM   954  O O   . PRO A 1 120 ? -11.916 -0.244  2.511   1.00 45.95 ? 468 PRO A O   1 
ATOM   955  C CB  . PRO A 1 120 ? -14.077 -0.324  4.874   1.00 46.64 ? 468 PRO A CB  1 
ATOM   956  C CG  . PRO A 1 120 ? -14.916 0.881   5.091   1.00 43.92 ? 468 PRO A CG  1 
ATOM   957  C CD  . PRO A 1 120 ? -14.087 1.763   5.997   1.00 42.27 ? 468 PRO A CD  1 
ATOM   958  N N   . LYS A 1 121 ? -12.709 1.825   2.850   1.00 42.73 ? 469 LYS A N   1 
ATOM   959  C CA  . LYS A 1 121 ? -12.439 2.261   1.492   1.00 44.46 ? 469 LYS A CA  1 
ATOM   960  C C   . LYS A 1 121 ? -10.977 2.668   1.398   1.00 42.20 ? 469 LYS A C   1 
ATOM   961  O O   . LYS A 1 121 ? -10.584 3.737   1.866   1.00 40.31 ? 469 LYS A O   1 
ATOM   962  C CB  . LYS A 1 121 ? -13.362 3.409   1.114   1.00 45.91 ? 469 LYS A CB  1 
ATOM   963  C CG  . LYS A 1 121 ? -14.370 3.017   0.077   1.00 54.61 ? 469 LYS A CG  1 
ATOM   964  C CD  . LYS A 1 121 ? -15.460 2.185   0.710   1.00 55.37 ? 469 LYS A CD  1 
ATOM   965  C CE  . LYS A 1 121 ? -16.545 1.857   -0.305  1.00 60.82 ? 469 LYS A CE  1 
ATOM   966  N NZ  . LYS A 1 121 ? -17.765 1.391   0.409   1.00 60.13 ? 469 LYS A NZ  1 
ATOM   967  N N   . GLY A 1 122 ? -10.164 1.810   0.790   1.00 40.03 ? 470 GLY A N   1 
ATOM   968  C CA  . GLY A 1 122 ? -8.799  2.165   0.483   1.00 33.11 ? 470 GLY A CA  1 
ATOM   969  C C   . GLY A 1 122 ? -8.675  2.714   -0.914  1.00 40.25 ? 470 GLY A C   1 
ATOM   970  O O   . GLY A 1 122 ? -9.629  2.745   -1.691  1.00 41.78 ? 470 GLY A O   1 
ATOM   971  N N   . PHE A 1 123 ? -7.461  3.138   -1.240  1.00 38.60 ? 471 PHE A N   1 
ATOM   972  C CA  . PHE A 1 123 ? -7.198  3.811   -2.501  1.00 34.74 ? 471 PHE A CA  1 
ATOM   973  C C   . PHE A 1 123 ? -5.805  3.422   -2.965  1.00 36.54 ? 471 PHE A C   1 
ATOM   974  O O   . PHE A 1 123 ? -4.825  3.646   -2.252  1.00 37.00 ? 471 PHE A O   1 
ATOM   975  C CB  . PHE A 1 123 ? -7.317  5.317   -2.318  1.00 38.57 ? 471 PHE A CB  1 
ATOM   976  C CG  . PHE A 1 123 ? -7.208  6.101   -3.582  1.00 40.08 ? 471 PHE A CG  1 
ATOM   977  C CD1 . PHE A 1 123 ? -8.181  5.998   -4.565  1.00 43.89 ? 471 PHE A CD1 1 
ATOM   978  C CD2 . PHE A 1 123 ? -6.151  6.976   -3.776  1.00 41.32 ? 471 PHE A CD2 1 
ATOM   979  C CE1 . PHE A 1 123 ? -8.089  6.746   -5.729  1.00 43.15 ? 471 PHE A CE1 1 
ATOM   980  C CE2 . PHE A 1 123 ? -6.060  7.735   -4.931  1.00 43.27 ? 471 PHE A CE2 1 
ATOM   981  C CZ  . PHE A 1 123 ? -7.032  7.620   -5.907  1.00 38.67 ? 471 PHE A CZ  1 
ATOM   982  N N   . GLY A 1 124 ? -5.718  2.833   -4.148  1.00 40.06 ? 472 GLY A N   1 
ATOM   983  C CA  . GLY A 1 124 ? -4.449  2.348   -4.641  1.00 38.51 ? 472 GLY A CA  1 
ATOM   984  C C   . GLY A 1 124 ? -4.565  1.561   -5.929  1.00 40.74 ? 472 GLY A C   1 
ATOM   985  O O   . GLY A 1 124 ? -5.324  1.929   -6.831  1.00 42.52 ? 472 GLY A O   1 
ATOM   986  N N   . TYR A 1 125 ? -3.827  0.460   -6.016  1.00 37.96 ? 473 TYR A N   1 
ATOM   987  C CA  . TYR A 1 125 ? -3.614  -0.250  -7.269  1.00 35.17 ? 473 TYR A CA  1 
ATOM   988  C C   . TYR A 1 125 ? -3.927  -1.718  -7.056  1.00 39.85 ? 473 TYR A C   1 
ATOM   989  O O   . TYR A 1 125 ? -3.250  -2.391  -6.273  1.00 42.90 ? 473 TYR A O   1 
ATOM   990  C CB  . TYR A 1 125 ? -2.184  -0.058  -7.751  1.00 33.32 ? 473 TYR A CB  1 
ATOM   991  C CG  . TYR A 1 125 ? -1.873  1.388   -7.964  1.00 37.79 ? 473 TYR A CG  1 
ATOM   992  C CD1 . TYR A 1 125 ? -2.117  1.989   -9.185  1.00 40.55 ? 473 TYR A CD1 1 
ATOM   993  C CD2 . TYR A 1 125 ? -1.372  2.170   -6.932  1.00 39.38 ? 473 TYR A CD2 1 
ATOM   994  C CE1 . TYR A 1 125 ? -1.857  3.326   -9.383  1.00 43.14 ? 473 TYR A CE1 1 
ATOM   995  C CE2 . TYR A 1 125 ? -1.107  3.510   -7.124  1.00 39.81 ? 473 TYR A CE2 1 
ATOM   996  C CZ  . TYR A 1 125 ? -1.355  4.080   -8.352  1.00 43.01 ? 473 TYR A CZ  1 
ATOM   997  O OH  . TYR A 1 125 ? -1.088  5.407   -8.558  1.00 50.21 ? 473 TYR A OH  1 
ATOM   998  N N   . VAL A 1 126 ? -4.962  -2.211  -7.735  1.00 38.40 ? 474 VAL A N   1 
ATOM   999  C CA  . VAL A 1 126 ? -5.210  -3.648  -7.726  1.00 39.23 ? 474 VAL A CA  1 
ATOM   1000 C C   . VAL A 1 126 ? -4.057  -4.369  -8.402  1.00 38.26 ? 474 VAL A C   1 
ATOM   1001 O O   . VAL A 1 126 ? -3.569  -5.396  -7.918  1.00 38.70 ? 474 VAL A O   1 
ATOM   1002 C CB  . VAL A 1 126 ? -6.559  -3.965  -8.404  1.00 40.97 ? 474 VAL A CB  1 
ATOM   1003 C CG1 . VAL A 1 126 ? -6.912  -5.446  -8.227  1.00 37.45 ? 474 VAL A CG1 1 
ATOM   1004 C CG2 . VAL A 1 126 ? -7.664  -3.068  -7.833  1.00 37.12 ? 474 VAL A CG2 1 
ATOM   1005 N N   . THR A 1 127 ? -3.592  -3.834  -9.521  1.00 39.15 ? 475 THR A N   1 
ATOM   1006 C CA  . THR A 1 127 ? -2.504  -4.466  -10.243 1.00 41.76 ? 475 THR A CA  1 
ATOM   1007 C C   . THR A 1 127 ? -1.242  -3.628  -10.077 1.00 40.47 ? 475 THR A C   1 
ATOM   1008 O O   . THR A 1 127 ? -0.685  -3.133  -11.060 1.00 40.83 ? 475 THR A O   1 
ATOM   1009 C CB  . THR A 1 127 ? -2.890  -4.650  -11.714 1.00 35.78 ? 475 THR A CB  1 
ATOM   1010 O OG1 . THR A 1 127 ? -3.198  -3.381  -12.288 1.00 42.48 ? 475 THR A OG1 1 
ATOM   1011 C CG2 . THR A 1 127 ? -4.122  -5.516  -11.817 1.00 29.16 ? 475 THR A CG2 1 
ATOM   1012 N N   . PHE A 1 128 ? -0.786  -3.474  -8.830  1.00 33.81 ? 476 PHE A N   1 
ATOM   1013 C CA  . PHE A 1 128 ? 0.342   -2.591  -8.559  1.00 35.24 ? 476 PHE A CA  1 
ATOM   1014 C C   . PHE A 1 128 ? 1.642   -3.158  -9.117  1.00 34.82 ? 476 PHE A C   1 
ATOM   1015 O O   . PHE A 1 128 ? 2.479   -2.412  -9.641  1.00 32.19 ? 476 PHE A O   1 
ATOM   1016 C CB  . PHE A 1 128 ? 0.461   -2.339  -7.045  1.00 37.93 ? 476 PHE A CB  1 
ATOM   1017 C CG  . PHE A 1 128 ? 1.682   -1.537  -6.657  1.00 33.63 ? 476 PHE A CG  1 
ATOM   1018 C CD1 . PHE A 1 128 ? 1.669   -0.157  -6.726  1.00 35.57 ? 476 PHE A CD1 1 
ATOM   1019 C CD2 . PHE A 1 128 ? 2.848   -2.168  -6.268  1.00 33.10 ? 476 PHE A CD2 1 
ATOM   1020 C CE1 . PHE A 1 128 ? 2.787   0.579   -6.397  1.00 36.50 ? 476 PHE A CE1 1 
ATOM   1021 C CE2 . PHE A 1 128 ? 3.963   -1.439  -5.944  1.00 34.31 ? 476 PHE A CE2 1 
ATOM   1022 C CZ  . PHE A 1 128 ? 3.934   -0.061  -6.010  1.00 36.13 ? 476 PHE A CZ  1 
ATOM   1023 N N   . MET A 1 129 ? 1.840   -4.471  -8.991  1.00 35.82 ? 477 MET A N   1 
ATOM   1024 C CA  . MET A 1 129 ? 3.061   -5.125  -9.443  1.00 33.85 ? 477 MET A CA  1 
ATOM   1025 C C   . MET A 1 129 ? 2.762   -6.602  -9.607  1.00 36.51 ? 477 MET A C   1 
ATOM   1026 O O   . MET A 1 129 ? 2.193   -7.211  -8.700  1.00 39.48 ? 477 MET A O   1 
ATOM   1027 C CB  . MET A 1 129 ? 4.207   -4.931  -8.444  1.00 33.25 ? 477 MET A CB  1 
ATOM   1028 C CG  . MET A 1 129 ? 5.573   -5.254  -9.021  1.00 35.73 ? 477 MET A CG  1 
ATOM   1029 S SD  . MET A 1 129 ? 6.921   -5.312  -7.814  1.00 44.73 ? 477 MET A SD  1 
ATOM   1030 C CE  . MET A 1 129 ? 8.291   -5.601  -8.894  1.00 43.20 ? 477 MET A CE  1 
ATOM   1031 N N   . HIS A 1 130 ? 3.152   -7.176  -10.747 1.00 34.43 ? 478 HIS A N   1 
ATOM   1032 C CA  . HIS A 1 130 ? 2.975   -8.605  -10.953 1.00 33.76 ? 478 HIS A CA  1 
ATOM   1033 C C   . HIS A 1 130 ? 4.047   -9.395  -10.207 1.00 36.16 ? 478 HIS A C   1 
ATOM   1034 O O   . HIS A 1 130 ? 5.212   -8.981  -10.134 1.00 33.58 ? 478 HIS A O   1 
ATOM   1035 C CB  . HIS A 1 130 ? 3.001   -8.949  -12.443 1.00 37.51 ? 478 HIS A CB  1 
ATOM   1036 C CG  . HIS A 1 130 ? 2.447   -10.306 -12.746 1.00 35.25 ? 478 HIS A CG  1 
ATOM   1037 N ND1 . HIS A 1 130 ? 3.185   -11.460 -12.599 1.00 32.82 ? 478 HIS A ND1 1 
ATOM   1038 C CD2 . HIS A 1 130 ? 1.215   -10.697 -13.150 1.00 34.08 ? 478 HIS A CD2 1 
ATOM   1039 C CE1 . HIS A 1 130 ? 2.435   -12.503 -12.909 1.00 33.96 ? 478 HIS A CE1 1 
ATOM   1040 N NE2 . HIS A 1 130 ? 1.235   -12.068 -13.244 1.00 32.35 ? 478 HIS A NE2 1 
ATOM   1041 N N   . LEU A 1 131 ? 3.641   -10.545 -9.645  1.00 32.87 ? 479 LEU A N   1 
ATOM   1042 C CA  . LEU A 1 131 ? 4.564   -11.337 -8.840  1.00 33.16 ? 479 LEU A CA  1 
ATOM   1043 C C   . LEU A 1 131 ? 5.776   -11.778 -9.638  1.00 36.66 ? 479 LEU A C   1 
ATOM   1044 O O   . LEU A 1 131 ? 6.835   -12.012 -9.056  1.00 42.86 ? 479 LEU A O   1 
ATOM   1045 C CB  . LEU A 1 131 ? 3.870   -12.566 -8.267  1.00 33.01 ? 479 LEU A CB  1 
ATOM   1046 C CG  . LEU A 1 131 ? 2.954   -12.379 -7.067  1.00 39.69 ? 479 LEU A CG  1 
ATOM   1047 C CD1 . LEU A 1 131 ? 2.239   -13.690 -6.808  1.00 39.89 ? 479 LEU A CD1 1 
ATOM   1048 C CD2 . LEU A 1 131 ? 3.715   -11.899 -5.820  1.00 33.72 ? 479 LEU A CD2 1 
ATOM   1049 N N   . GLU A 1 132 ? 5.642   -11.927 -10.953 1.00 34.22 ? 480 GLU A N   1 
ATOM   1050 C CA  . GLU A 1 132 ? 6.787   -12.345 -11.751 1.00 39.75 ? 480 GLU A CA  1 
ATOM   1051 C C   . GLU A 1 132 ? 7.773   -11.208 -11.966 1.00 39.57 ? 480 GLU A C   1 
ATOM   1052 O O   . GLU A 1 132 ? 8.974   -11.454 -12.132 1.00 40.06 ? 480 GLU A O   1 
ATOM   1053 C CB  . GLU A 1 132 ? 6.321   -12.903 -13.095 1.00 42.72 ? 480 GLU A CB  1 
ATOM   1054 C CG  . GLU A 1 132 ? 5.554   -14.202 -12.979 1.00 44.63 ? 480 GLU A CG  1 
ATOM   1055 C CD  . GLU A 1 132 ? 6.442   -15.370 -12.593 1.00 52.08 ? 480 GLU A CD  1 
ATOM   1056 O OE1 . GLU A 1 132 ? 7.215   -15.834 -13.469 1.00 55.06 ? 480 GLU A OE1 1 
ATOM   1057 O OE2 . GLU A 1 132 ? 6.358   -15.824 -11.423 1.00 54.05 ? 480 GLU A OE2 1 
ATOM   1058 N N   . ALA A 1 133 ? 7.290   -9.965  -11.974 1.00 39.88 ? 481 ALA A N   1 
ATOM   1059 C CA  . ALA A 1 133 ? 8.203   -8.826  -11.992 1.00 42.43 ? 481 ALA A CA  1 
ATOM   1060 C C   . ALA A 1 133 ? 9.145   -8.855  -10.793 1.00 41.14 ? 481 ALA A C   1 
ATOM   1061 O O   . ALA A 1 133 ? 10.286  -8.395  -10.895 1.00 41.50 ? 481 ALA A O   1 
ATOM   1062 C CB  . ALA A 1 133 ? 7.415   -7.516  -12.026 1.00 38.85 ? 481 ALA A CB  1 
ATOM   1063 N N   . LEU A 1 134 ? 8.685   -9.401  -9.660  1.00 41.17 ? 482 LEU A N   1 
ATOM   1064 C CA  . LEU A 1 134 ? 9.525   -9.538  -8.473  1.00 38.99 ? 482 LEU A CA  1 
ATOM   1065 C C   . LEU A 1 134 ? 10.836  -10.245 -8.781  1.00 42.33 ? 482 LEU A C   1 
ATOM   1066 O O   . LEU A 1 134 ? 11.890  -9.878  -8.251  1.00 44.33 ? 482 LEU A O   1 
ATOM   1067 C CB  . LEU A 1 134 ? 8.777   -10.312 -7.393  1.00 36.81 ? 482 LEU A CB  1 
ATOM   1068 C CG  . LEU A 1 134 ? 7.815   -9.518  -6.528  1.00 43.03 ? 482 LEU A CG  1 
ATOM   1069 C CD1 . LEU A 1 134 ? 7.230   -10.421 -5.456  1.00 43.79 ? 482 LEU A CD1 1 
ATOM   1070 C CD2 . LEU A 1 134 ? 8.523   -8.330  -5.914  1.00 36.98 ? 482 LEU A CD2 1 
ATOM   1071 N N   . ARG A 1 135 ? 10.787  -11.283 -9.609  1.00 40.29 ? 483 ARG A N   1 
ATOM   1072 C CA  . ARG A 1 135 ? 11.967  -12.083 -9.914  1.00 44.82 ? 483 ARG A CA  1 
ATOM   1073 C C   . ARG A 1 135 ? 12.909  -11.415 -10.909 1.00 39.33 ? 483 ARG A C   1 
ATOM   1074 O O   . ARG A 1 135 ? 13.967  -11.964 -11.209 1.00 39.28 ? 483 ARG A O   1 
ATOM   1075 C CB  . ARG A 1 135 ? 11.525  -13.452 -10.439 1.00 46.48 ? 483 ARG A CB  1 
ATOM   1076 C CG  . ARG A 1 135 ? 10.206  -13.889 -9.829  1.00 50.91 ? 483 ARG A CG  1 
ATOM   1077 C CD  . ARG A 1 135 ? 10.097  -15.391 -9.665  1.00 56.33 ? 483 ARG A CD  1 
ATOM   1078 N NE  . ARG A 1 135 ? 10.366  -16.118 -10.896 1.00 53.75 ? 483 ARG A NE  1 
ATOM   1079 C CZ  . ARG A 1 135 ? 9.716   -17.221 -11.251 1.00 68.00 ? 483 ARG A CZ  1 
ATOM   1080 N NH1 . ARG A 1 135 ? 8.754   -17.696 -10.459 1.00 65.25 ? 483 ARG A NH1 1 
ATOM   1081 N NH2 . ARG A 1 135 ? 10.016  -17.850 -12.393 1.00 73.46 ? 483 ARG A NH2 1 
ATOM   1082 N N   . GLN A 1 136 ? 12.567  -10.244 -11.403 1.00 40.65 ? 484 GLN A N   1 
ATOM   1083 C CA  . GLN A 1 136 ? 13.363  -9.572  -12.410 1.00 39.72 ? 484 GLN A CA  1 
ATOM   1084 C C   . GLN A 1 136 ? 14.472  -8.717  -11.804 1.00 39.44 ? 484 GLN A C   1 
ATOM   1085 O O   . GLN A 1 136 ? 15.479  -8.462  -12.472 1.00 40.22 ? 484 GLN A O   1 
ATOM   1086 C CB  . GLN A 1 136 ? 12.420  -8.733  -13.274 1.00 40.82 ? 484 GLN A CB  1 
ATOM   1087 C CG  . GLN A 1 136 ? 12.736  -8.653  -14.746 1.00 46.54 ? 484 GLN A CG  1 
ATOM   1088 C CD  . GLN A 1 136 ? 13.040  -9.979  -15.392 1.00 42.96 ? 484 GLN A CD  1 
ATOM   1089 O OE1 . GLN A 1 136 ? 12.215  -10.893 -15.417 1.00 44.65 ? 484 GLN A OE1 1 
ATOM   1090 N NE2 . GLN A 1 136 ? 14.246  -10.090 -15.921 1.00 45.85 ? 484 GLN A NE2 1 
ATOM   1091 N N   . ARG A 1 137 ? 14.315  -8.280  -10.555 1.00 41.78 ? 485 ARG A N   1 
ATOM   1092 C CA  . ARG A 1 137 ? 15.347  -7.587  -9.794  1.00 40.15 ? 485 ARG A CA  1 
ATOM   1093 C C   . ARG A 1 137 ? 15.325  -8.112  -8.366  1.00 42.97 ? 485 ARG A C   1 
ATOM   1094 O O   . ARG A 1 137 ? 14.473  -8.920  -7.990  1.00 42.92 ? 485 ARG A O   1 
ATOM   1095 C CB  . ARG A 1 137 ? 15.141  -6.073  -9.792  1.00 37.53 ? 485 ARG A CB  1 
ATOM   1096 C CG  . ARG A 1 137 ? 15.238  -5.461  -11.135 1.00 41.23 ? 485 ARG A CG  1 
ATOM   1097 C CD  . ARG A 1 137 ? 14.968  -3.981  -11.076 1.00 43.03 ? 485 ARG A CD  1 
ATOM   1098 N NE  . ARG A 1 137 ? 15.091  -3.390  -12.400 1.00 44.66 ? 485 ARG A NE  1 
ATOM   1099 C CZ  . ARG A 1 137 ? 16.239  -2.986  -12.930 1.00 44.35 ? 485 ARG A CZ  1 
ATOM   1100 N NH1 . ARG A 1 137 ? 17.367  -3.089  -12.240 1.00 50.95 ? 485 ARG A NH1 1 
ATOM   1101 N NH2 . ARG A 1 137 ? 16.258  -2.470  -14.144 1.00 45.67 ? 485 ARG A NH2 1 
ATOM   1102 N N   . THR A 1 138 ? 16.250  -7.629  -7.546  1.00 43.92 ? 486 THR A N   1 
ATOM   1103 C CA  . THR A 1 138 ? 16.359  -8.130  -6.179  1.00 42.18 ? 486 THR A CA  1 
ATOM   1104 C C   . THR A 1 138 ? 15.431  -7.316  -5.280  1.00 46.93 ? 486 THR A C   1 
ATOM   1105 O O   . THR A 1 138 ? 15.834  -6.438  -4.517  1.00 51.07 ? 486 THR A O   1 
ATOM   1106 C CB  . THR A 1 138 ? 17.813  -8.102  -5.729  1.00 51.84 ? 486 THR A CB  1 
ATOM   1107 O OG1 . THR A 1 138 ? 18.433  -6.931  -6.271  1.00 63.79 ? 486 THR A OG1 1 
ATOM   1108 C CG2 . THR A 1 138 ? 18.571  -9.341  -6.288  1.00 44.31 ? 486 THR A CG2 1 
ATOM   1109 N N   . PHE A 1 139 ? 14.134  -7.603  -5.424  1.00 46.92 ? 487 PHE A N   1 
ATOM   1110 C CA  . PHE A 1 139 ? 13.133  -6.948  -4.592  1.00 40.21 ? 487 PHE A CA  1 
ATOM   1111 C C   . PHE A 1 139 ? 12.975  -7.657  -3.267  1.00 44.13 ? 487 PHE A C   1 
ATOM   1112 O O   . PHE A 1 139 ? 12.701  -7.017  -2.241  1.00 48.94 ? 487 PHE A O   1 
ATOM   1113 C CB  . PHE A 1 139 ? 11.780  -6.904  -5.296  1.00 36.65 ? 487 PHE A CB  1 
ATOM   1114 C CG  . PHE A 1 139 ? 11.728  -5.957  -6.448  1.00 37.91 ? 487 PHE A CG  1 
ATOM   1115 C CD1 . PHE A 1 139 ? 11.798  -4.599  -6.243  1.00 37.07 ? 487 PHE A CD1 1 
ATOM   1116 C CD2 . PHE A 1 139 ? 11.600  -6.429  -7.745  1.00 40.08 ? 487 PHE A CD2 1 
ATOM   1117 C CE1 . PHE A 1 139 ? 11.745  -3.720  -7.305  1.00 39.81 ? 487 PHE A CE1 1 
ATOM   1118 C CE2 . PHE A 1 139 ? 11.564  -5.553  -8.816  1.00 42.19 ? 487 PHE A CE2 1 
ATOM   1119 C CZ  . PHE A 1 139 ? 11.621  -4.193  -8.591  1.00 39.35 ? 487 PHE A CZ  1 
ATOM   1120 N N   . ILE A 1 140 ? 13.112  -8.971  -3.275  1.00 44.54 ? 488 ILE A N   1 
ATOM   1121 C CA  . ILE A 1 140 ? 13.126  -9.757  -2.054  1.00 47.19 ? 488 ILE A CA  1 
ATOM   1122 C C   . ILE A 1 140 ? 14.578  -9.998  -1.701  1.00 47.47 ? 488 ILE A C   1 
ATOM   1123 O O   . ILE A 1 140 ? 15.334  -10.550 -2.505  1.00 51.97 ? 488 ILE A O   1 
ATOM   1124 C CB  . ILE A 1 140 ? 12.365  -11.077 -2.220  1.00 39.66 ? 488 ILE A CB  1 
ATOM   1125 C CG1 . ILE A 1 140 ? 10.872  -10.779 -2.254  1.00 42.20 ? 488 ILE A CG1 1 
ATOM   1126 C CG2 . ILE A 1 140 ? 12.700  -12.006 -1.074  1.00 42.45 ? 488 ILE A CG2 1 
ATOM   1127 C CD1 . ILE A 1 140 ? 10.191  -11.379 -3.396  1.00 38.46 ? 488 ILE A CD1 1 
ATOM   1128 N N   . LYS A 1 141 ? 14.978  -9.555  -0.519  1.00 51.32 ? 489 LYS A N   1 
ATOM   1129 C CA  . LYS A 1 141 ? 16.321  -9.807  -0.034  1.00 50.49 ? 489 LYS A CA  1 
ATOM   1130 C C   . LYS A 1 141 ? 16.193  -10.222 1.416   1.00 49.69 ? 489 LYS A C   1 
ATOM   1131 O O   . LYS A 1 141 ? 15.526  -9.541  2.198   1.00 50.75 ? 489 LYS A O   1 
ATOM   1132 C CB  . LYS A 1 141 ? 17.228  -8.577  -0.180  1.00 49.76 ? 489 LYS A CB  1 
ATOM   1133 C CG  . LYS A 1 141 ? 18.475  -8.670  0.657   1.00 54.67 ? 489 LYS A CG  1 
ATOM   1134 C CD  . LYS A 1 141 ? 19.387  -7.476  0.503   1.00 62.40 ? 489 LYS A CD  1 
ATOM   1135 C CE  . LYS A 1 141 ? 20.814  -7.936  0.227   1.00 71.30 ? 489 LYS A CE  1 
ATOM   1136 N NZ  . LYS A 1 141 ? 21.661  -6.843  -0.336  1.00 83.20 ? 489 LYS A NZ  1 
ATOM   1137 N N   . ASP A 1 142 ? 16.817  -11.341 1.763   1.00 54.29 ? 490 ASP A N   1 
ATOM   1138 C CA  . ASP A 1 142 ? 16.694  -11.926 3.098   1.00 55.77 ? 490 ASP A CA  1 
ATOM   1139 C C   . ASP A 1 142 ? 15.227  -12.105 3.468   1.00 51.76 ? 490 ASP A C   1 
ATOM   1140 O O   . ASP A 1 142 ? 14.785  -11.731 4.554   1.00 51.19 ? 490 ASP A O   1 
ATOM   1141 C CB  . ASP A 1 142 ? 17.429  -11.089 4.149   1.00 55.60 ? 490 ASP A CB  1 
ATOM   1142 C CG  . ASP A 1 142 ? 18.925  -11.036 3.903   1.00 67.57 ? 490 ASP A CG  1 
ATOM   1143 O OD1 . ASP A 1 142 ? 19.466  -12.000 3.306   1.00 69.64 ? 490 ASP A OD1 1 
ATOM   1144 O OD2 . ASP A 1 142 ? 19.556  -10.023 4.287   1.00 71.68 ? 490 ASP A OD2 1 
ATOM   1145 N N   . ASP A 1 143 ? 14.463  -12.657 2.521   1.00 50.72 ? 491 ASP A N   1 
ATOM   1146 C CA  . ASP A 1 143 ? 13.071  -13.030 2.747   1.00 46.96 ? 491 ASP A CA  1 
ATOM   1147 C C   . ASP A 1 143 ? 12.207  -11.826 3.118   1.00 44.86 ? 491 ASP A C   1 
ATOM   1148 O O   . ASP A 1 143 ? 11.172  -11.973 3.764   1.00 45.83 ? 491 ASP A O   1 
ATOM   1149 C CB  . ASP A 1 143 ? 12.981  -14.112 3.824   1.00 47.87 ? 491 ASP A CB  1 
ATOM   1150 C CG  . ASP A 1 143 ? 11.840  -15.080 3.596   1.00 52.66 ? 491 ASP A CG  1 
ATOM   1151 O OD1 . ASP A 1 143 ? 11.510  -15.364 2.423   1.00 48.75 ? 491 ASP A OD1 1 
ATOM   1152 O OD2 . ASP A 1 143 ? 11.273  -15.561 4.605   1.00 55.54 ? 491 ASP A OD2 1 
ATOM   1153 N N   . THR A 1 144 ? 12.603  -10.623 2.707   1.00 43.42 ? 492 THR A N   1 
ATOM   1154 C CA  . THR A 1 144 ? 11.898  -9.415  3.115   1.00 46.03 ? 492 THR A CA  1 
ATOM   1155 C C   . THR A 1 144 ? 11.609  -8.512  1.926   1.00 43.71 ? 492 THR A C   1 
ATOM   1156 O O   . THR A 1 144 ? 12.519  -8.130  1.187   1.00 48.20 ? 492 THR A O   1 
ATOM   1157 C CB  . THR A 1 144 ? 12.702  -8.638  4.160   1.00 46.94 ? 492 THR A CB  1 
ATOM   1158 O OG1 . THR A 1 144 ? 12.918  -9.470  5.307   1.00 51.13 ? 492 THR A OG1 1 
ATOM   1159 C CG2 . THR A 1 144 ? 11.936  -7.401  4.584   1.00 42.60 ? 492 THR A CG2 1 
ATOM   1160 N N   . LEU A 1 145 ? 10.344  -8.155  1.767   1.00 40.73 ? 493 LEU A N   1 
ATOM   1161 C CA  . LEU A 1 145 ? 9.936   -7.102  0.856   1.00 38.15 ? 493 LEU A CA  1 
ATOM   1162 C C   . LEU A 1 145 ? 9.831   -5.795  1.621   1.00 40.66 ? 493 LEU A C   1 
ATOM   1163 O O   . LEU A 1 145 ? 9.382   -5.772  2.773   1.00 41.39 ? 493 LEU A O   1 
ATOM   1164 C CB  . LEU A 1 145 ? 8.586   -7.445  0.227   1.00 40.40 ? 493 LEU A CB  1 
ATOM   1165 C CG  . LEU A 1 145 ? 8.137   -6.601  -0.952  1.00 42.39 ? 493 LEU A CG  1 
ATOM   1166 C CD1 . LEU A 1 145 ? 8.884   -7.047  -2.202  1.00 40.82 ? 493 LEU A CD1 1 
ATOM   1167 C CD2 . LEU A 1 145 ? 6.652   -6.763  -1.133  1.00 39.59 ? 493 LEU A CD2 1 
ATOM   1168 N N   . LEU A 1 146 ? 10.238  -4.705  0.979   1.00 38.20 ? 494 LEU A N   1 
ATOM   1169 C CA  . LEU A 1 146 ? 10.167  -3.375  1.576   1.00 36.49 ? 494 LEU A CA  1 
ATOM   1170 C C   . LEU A 1 146 ? 9.207   -2.524  0.764   1.00 38.81 ? 494 LEU A C   1 
ATOM   1171 O O   . LEU A 1 146 ? 9.429   -2.301  -0.432  1.00 39.63 ? 494 LEU A O   1 
ATOM   1172 C CB  . LEU A 1 146 ? 11.534  -2.698  1.620   1.00 37.93 ? 494 LEU A CB  1 
ATOM   1173 C CG  . LEU A 1 146 ? 12.704  -3.440  2.233   1.00 39.79 ? 494 LEU A CG  1 
ATOM   1174 C CD1 . LEU A 1 146 ? 13.937  -2.677  1.848   1.00 41.39 ? 494 LEU A CD1 1 
ATOM   1175 C CD2 . LEU A 1 146 ? 12.560  -3.537  3.753   1.00 40.40 ? 494 LEU A CD2 1 
ATOM   1176 N N   . VAL A 1 147 ? 8.159   -2.033  1.414   1.00 35.74 ? 495 VAL A N   1 
ATOM   1177 C CA  . VAL A 1 147 ? 7.160   -1.196  0.768   1.00 39.35 ? 495 VAL A CA  1 
ATOM   1178 C C   . VAL A 1 147 ? 7.249   0.175   1.414   1.00 37.59 ? 495 VAL A C   1 
ATOM   1179 O O   . VAL A 1 147 ? 6.955   0.321   2.603   1.00 40.17 ? 495 VAL A O   1 
ATOM   1180 C CB  . VAL A 1 147 ? 5.749   -1.785  0.897   1.00 39.34 ? 495 VAL A CB  1 
ATOM   1181 C CG1 . VAL A 1 147 ? 4.748   -0.883  0.234   1.00 40.73 ? 495 VAL A CG1 1 
ATOM   1182 C CG2 . VAL A 1 147 ? 5.703   -3.148  0.270   1.00 34.72 ? 495 VAL A CG2 1 
ATOM   1183 N N   . ARG A 1 148 ? 7.663   1.176   0.643   1.00 37.33 ? 496 ARG A N   1 
ATOM   1184 C CA  . ARG A 1 148 ? 7.797   2.538   1.137   1.00 38.58 ? 496 ARG A CA  1 
ATOM   1185 C C   . ARG A 1 148 ? 6.579   3.353   0.732   1.00 41.69 ? 496 ARG A C   1 
ATOM   1186 O O   . ARG A 1 148 ? 6.128   3.282   -0.417  1.00 42.32 ? 496 ARG A O   1 
ATOM   1187 C CB  . ARG A 1 148 ? 9.059   3.216   0.606   1.00 42.63 ? 496 ARG A CB  1 
ATOM   1188 C CG  . ARG A 1 148 ? 9.106   4.702   0.962   1.00 47.67 ? 496 ARG A CG  1 
ATOM   1189 C CD  . ARG A 1 148 ? 10.478  5.334   0.760   1.00 53.10 ? 496 ARG A CD  1 
ATOM   1190 N NE  . ARG A 1 148 ? 10.512  6.104   -0.481  1.00 66.40 ? 496 ARG A NE  1 
ATOM   1191 C CZ  . ARG A 1 148 ? 11.226  5.769   -1.554  1.00 69.30 ? 496 ARG A CZ  1 
ATOM   1192 N NH1 . ARG A 1 148 ? 11.984  4.694   -1.518  1.00 65.86 ? 496 ARG A NH1 1 
ATOM   1193 N NH2 . ARG A 1 148 ? 11.205  6.512   -2.656  1.00 71.88 ? 496 ARG A NH2 1 
ATOM   1194 N N   . CYS A 1 149 ? 6.053   4.125   1.679   1.00 41.08 ? 497 CYS A N   1 
ATOM   1195 C CA  . CYS A 1 149 ? 4.974   5.072   1.437   1.00 40.68 ? 497 CYS A CA  1 
ATOM   1196 C C   . CYS A 1 149 ? 5.436   6.473   1.815   1.00 45.10 ? 497 CYS A C   1 
ATOM   1197 O O   . CYS A 1 149 ? 5.937   6.689   2.919   1.00 42.33 ? 497 CYS A O   1 
ATOM   1198 C CB  . CYS A 1 149 ? 3.725   4.712   2.234   1.00 39.94 ? 497 CYS A CB  1 
ATOM   1199 S SG  . CYS A 1 149 ? 2.370   5.858   1.946   1.00 45.33 ? 497 CYS A SG  1 
ATOM   1200 N N   . GLU A 1 150 ? 5.263   7.421   0.903   1.00 49.50 ? 498 GLU A N   1 
ATOM   1201 C CA  . GLU A 1 150 ? 5.682   8.793   1.130   1.00 48.50 ? 498 GLU A CA  1 
ATOM   1202 C C   . GLU A 1 150 ? 4.499   9.715   0.883   1.00 48.41 ? 498 GLU A C   1 
ATOM   1203 O O   . GLU A 1 150 ? 3.984   9.786   -0.237  1.00 41.37 ? 498 GLU A O   1 
ATOM   1204 C CB  . GLU A 1 150 ? 6.855   9.154   0.228   1.00 52.34 ? 498 GLU A CB  1 
ATOM   1205 C CG  . GLU A 1 150 ? 7.588   10.386  0.683   1.00 63.79 ? 498 GLU A CG  1 
ATOM   1206 C CD  . GLU A 1 150 ? 8.681   10.767  -0.282  1.00 77.92 ? 498 GLU A CD  1 
ATOM   1207 O OE1 . GLU A 1 150 ? 9.052   9.904   -1.123  1.00 73.10 ? 498 GLU A OE1 1 
ATOM   1208 O OE2 . GLU A 1 150 ? 9.158   11.924  -0.191  1.00 79.17 ? 498 GLU A OE2 1 
ATOM   1209 N N   . VAL A 1 151 ? 4.070   10.421  1.927   1.00 51.21 ? 499 VAL A N   1 
ATOM   1210 C CA  . VAL A 1 151 ? 2.901   11.286  1.850   1.00 45.85 ? 499 VAL A CA  1 
ATOM   1211 C C   . VAL A 1 151 ? 3.370   12.725  1.870   1.00 48.88 ? 499 VAL A C   1 
ATOM   1212 O O   . VAL A 1 151 ? 4.027   13.162  2.820   1.00 56.76 ? 499 VAL A O   1 
ATOM   1213 C CB  . VAL A 1 151 ? 1.915   11.020  2.989   1.00 40.59 ? 499 VAL A CB  1 
ATOM   1214 C CG1 . VAL A 1 151 ? 0.645   11.814  2.757   1.00 44.12 ? 499 VAL A CG1 1 
ATOM   1215 C CG2 . VAL A 1 151 ? 1.607   9.546   3.059   1.00 43.24 ? 499 VAL A CG2 1 
ATOM   1216 N N   . SER A 1 152 ? 3.051   13.447  0.815   1.00 51.12 ? 500 SER A N   1 
ATOM   1217 C CA  . SER A 1 152 ? 3.264   14.881  0.744   1.00 51.04 ? 500 SER A CA  1 
ATOM   1218 C C   . SER A 1 152 ? 1.917   15.522  1.034   1.00 52.03 ? 500 SER A C   1 
ATOM   1219 O O   . SER A 1 152 ? 0.965   15.354  0.269   1.00 51.15 ? 500 SER A O   1 
ATOM   1220 C CB  . SER A 1 152 ? 3.805   15.281  -0.624  1.00 54.08 ? 500 SER A CB  1 
ATOM   1221 O OG  . SER A 1 152 ? 3.398   16.596  -0.948  1.00 67.35 ? 500 SER A OG  1 
ATOM   1222 N N   . THR A 1 153 ? 1.817   16.214  2.165   1.00 65.50 ? 501 THR A N   1 
ATOM   1223 C CA  . THR A 1 153 ? 0.532   16.763  2.577   1.00 61.68 ? 501 THR A CA  1 
ATOM   1224 C C   . THR A 1 153 ? 0.691   18.259  2.885   1.00 69.48 ? 501 THR A C   1 
ATOM   1225 O O   . THR A 1 153 ? 0.759   19.061  1.946   1.00 71.75 ? 501 THR A O   1 
ATOM   1226 C CB  . THR A 1 153 ? -0.033  15.914  3.730   1.00 56.18 ? 501 THR A CB  1 
ATOM   1227 O OG1 . THR A 1 153 ? -1.323  16.396  4.115   1.00 59.39 ? 501 THR A OG1 1 
ATOM   1228 C CG2 . THR A 1 153 ? 0.935   15.818  4.944   1.00 57.77 ? 501 THR A CG2 1 
ATOM   1229 N N   . LEU A 1 154 ? 0.756   18.662  4.155   1.00 74.62 ? 502 LEU A N   1 
ATOM   1230 C CA  . LEU A 1 154 ? 1.136   20.038  4.510   1.00 75.83 ? 502 LEU A CA  1 
ATOM   1231 C C   . LEU A 1 154 ? 1.368   20.193  6.012   1.00 76.56 ? 502 LEU A C   1 
ATOM   1232 O O   . LEU A 1 154 ? 2.215   20.989  6.442   1.00 79.87 ? 502 LEU A O   1 
ATOM   1233 C CB  . LEU A 1 154 ? 0.081   21.053  4.045   1.00 75.55 ? 502 LEU A CB  1 
ATOM   1234 C CG  . LEU A 1 154 ? 0.608   22.486  3.858   1.00 79.23 ? 502 LEU A CG  1 
ATOM   1235 C CD1 . LEU A 1 154 ? 2.068   22.494  3.386   1.00 78.77 ? 502 LEU A CD1 1 
ATOM   1236 C CD2 . LEU A 1 154 ? -0.263  23.292  2.900   1.00 71.03 ? 502 LEU A CD2 1 
ATOM   1237 N N   . SER B 2 4   ? 1.269   6.272   -15.829 1.00 79.94 ? 173 SER I N   1 
ATOM   1238 C CA  . SER B 2 4   ? 0.179   5.932   -16.734 1.00 75.72 ? 173 SER I CA  1 
ATOM   1239 C C   . SER B 2 4   ? -0.496  4.629   -16.294 1.00 74.36 ? 173 SER I C   1 
ATOM   1240 O O   . SER B 2 4   ? -0.626  3.682   -17.076 1.00 77.81 ? 173 SER I O   1 
ATOM   1241 C CB  . SER B 2 4   ? 0.684   5.821   -18.180 1.00 78.09 ? 173 SER I CB  1 
ATOM   1242 O OG  . SER B 2 4   ? 1.364   4.595   -18.399 1.00 83.69 ? 173 SER I OG  1 
ATOM   1243 N N   . GLN B 2 5   ? -0.889  4.590   -15.021 1.00 70.28 ? 174 GLN I N   1 
ATOM   1244 C CA  . GLN B 2 5   ? -1.801  3.587   -14.479 1.00 59.83 ? 174 GLN I CA  1 
ATOM   1245 C C   . GLN B 2 5   ? -2.620  4.282   -13.403 1.00 52.46 ? 174 GLN I C   1 
ATOM   1246 O O   . GLN B 2 5   ? -2.051  4.993   -12.572 1.00 57.34 ? 174 GLN I O   1 
ATOM   1247 C CB  . GLN B 2 5   ? -1.053  2.383   -13.898 1.00 55.51 ? 174 GLN I CB  1 
ATOM   1248 C CG  . GLN B 2 5   ? -1.940  1.165   -13.702 1.00 54.87 ? 174 GLN I CG  1 
ATOM   1249 C CD  . GLN B 2 5   ? -1.395  0.175   -12.673 1.00 53.28 ? 174 GLN I CD  1 
ATOM   1250 O OE1 . GLN B 2 5   ? -2.095  -0.756  -12.280 1.00 53.35 ? 174 GLN I OE1 1 
ATOM   1251 N NE2 . GLN B 2 5   ? -0.148  0.372   -12.234 1.00 47.78 ? 174 GLN I NE2 1 
ATOM   1252 N N   . SER B 2 6   ? -3.947  4.105   -13.430 1.00 54.43 ? 175 SER I N   1 
ATOM   1253 C CA  . SER B 2 6   ? -4.815  4.881   -12.537 1.00 46.50 ? 175 SER I CA  1 
ATOM   1254 C C   . SER B 2 6   ? -5.071  4.139   -11.231 1.00 46.03 ? 175 SER I C   1 
ATOM   1255 O O   . SER B 2 6   ? -5.280  2.918   -11.238 1.00 47.38 ? 175 SER I O   1 
ATOM   1256 C CB  . SER B 2 6   ? -6.154  5.180   -13.197 1.00 49.77 ? 175 SER I CB  1 
ATOM   1257 O OG  . SER B 2 6   ? -6.036  6.192   -14.183 1.00 62.25 ? 175 SER I OG  1 
ATOM   1258 N N   . PRO B 2 7   ? -5.049  4.872   -10.120 1.00 46.83 ? 176 PRO I N   1 
ATOM   1259 C CA  . PRO B 2 7   ? -5.454  4.302   -8.832  1.00 40.44 ? 176 PRO I CA  1 
ATOM   1260 C C   . PRO B 2 7   ? -6.965  4.167   -8.713  1.00 42.29 ? 176 PRO I C   1 
ATOM   1261 O O   . PRO B 2 7   ? -7.734  4.809   -9.424  1.00 40.69 ? 176 PRO I O   1 
ATOM   1262 C CB  . PRO B 2 7   ? -4.926  5.325   -7.830  1.00 42.39 ? 176 PRO I CB  1 
ATOM   1263 C CG  . PRO B 2 7   ? -4.999  6.606   -8.585  1.00 40.37 ? 176 PRO I CG  1 
ATOM   1264 C CD  . PRO B 2 7   ? -4.547  6.246   -9.969  1.00 46.56 ? 176 PRO I CD  1 
ATOM   1265 N N   . THR B 2 8   ? -7.380  3.356   -7.743  1.00 45.49 ? 177 THR I N   1 
ATOM   1266 C CA  . THR B 2 8   ? -8.761  2.915   -7.629  1.00 40.31 ? 177 THR I CA  1 
ATOM   1267 C C   . THR B 2 8   ? -9.187  2.855   -6.171  1.00 40.35 ? 177 THR I C   1 
ATOM   1268 O O   . THR B 2 8   ? -8.401  2.470   -5.306  1.00 41.03 ? 177 THR I O   1 
ATOM   1269 C CB  . THR B 2 8   ? -8.916  1.543   -8.311  1.00 39.76 ? 177 THR I CB  1 
ATOM   1270 O OG1 . THR B 2 8   ? -9.029  1.754   -9.713  1.00 52.74 ? 177 THR I OG1 1 
ATOM   1271 C CG2 . THR B 2 8   ? -10.110 0.730   -7.816  1.00 35.02 ? 177 THR I CG2 1 
ATOM   1272 N N   . GLU B 2 9   ? -10.424 3.258   -5.910  1.00 37.83 ? 178 GLU I N   1 
ATOM   1273 C CA  . GLU B 2 9   ? -11.043 2.990   -4.628  1.00 39.42 ? 178 GLU I CA  1 
ATOM   1274 C C   . GLU B 2 9   ? -11.362 1.507   -4.532  1.00 43.20 ? 178 GLU I C   1 
ATOM   1275 O O   . GLU B 2 9   ? -11.914 0.922   -5.465  1.00 52.78 ? 178 GLU I O   1 
ATOM   1276 C CB  . GLU B 2 9   ? -12.319 3.813   -4.475  1.00 44.05 ? 178 GLU I CB  1 
ATOM   1277 C CG  . GLU B 2 9   ? -12.137 5.118   -3.735  1.00 52.34 ? 178 GLU I CG  1 
ATOM   1278 C CD  . GLU B 2 9   ? -13.351 5.507   -2.899  1.00 56.83 ? 178 GLU I CD  1 
ATOM   1279 O OE1 . GLU B 2 9   ? -14.507 5.331   -3.360  1.00 59.46 ? 178 GLU I OE1 1 
ATOM   1280 O OE2 . GLU B 2 9   ? -13.141 5.992   -1.768  1.00 57.74 ? 178 GLU I OE2 1 
ATOM   1281 N N   . ASP B 2 10  ? -11.033 0.896   -3.401  1.00 43.86 ? 179 ASP I N   1 
ATOM   1282 C CA  . ASP B 2 10  ? -11.233 -0.533  -3.200  1.00 41.87 ? 179 ASP I CA  1 
ATOM   1283 C C   . ASP B 2 10  ? -11.725 -0.747  -1.781  1.00 43.83 ? 179 ASP I C   1 
ATOM   1284 O O   . ASP B 2 10  ? -11.010 -0.426  -0.829  1.00 45.74 ? 179 ASP I O   1 
ATOM   1285 C CB  . ASP B 2 10  ? -9.930  -1.303  -3.435  1.00 40.48 ? 179 ASP I CB  1 
ATOM   1286 C CG  . ASP B 2 10  ? -10.117 -2.809  -3.383  1.00 47.04 ? 179 ASP I CG  1 
ATOM   1287 O OD1 . ASP B 2 10  ? -10.325 -3.390  -2.278  1.00 47.99 ? 179 ASP I OD1 1 
ATOM   1288 O OD2 . ASP B 2 10  ? -10.055 -3.421  -4.468  1.00 55.57 ? 179 ASP I OD2 1 
ATOM   1289 N N   . ASP B 2 11  ? -12.934 -1.276  -1.632  1.00 46.20 ? 180 ASP I N   1 
ATOM   1290 C CA  . ASP B 2 11  ? -13.447 -1.589  -0.307  1.00 49.84 ? 180 ASP I CA  1 
ATOM   1291 C C   . ASP B 2 11  ? -12.843 -2.910  0.146   1.00 48.40 ? 180 ASP I C   1 
ATOM   1292 O O   . ASP B 2 11  ? -12.977 -3.923  -0.539  1.00 49.80 ? 180 ASP I O   1 
ATOM   1293 C CB  . ASP B 2 11  ? -14.975 -1.648  -0.307  1.00 50.80 ? 180 ASP I CB  1 
ATOM   1294 C CG  . ASP B 2 11  ? -15.553 -1.626  1.101   1.00 57.31 ? 180 ASP I CG  1 
ATOM   1295 O OD1 . ASP B 2 11  ? -15.249 -2.553  1.879   1.00 59.02 ? 180 ASP I OD1 1 
ATOM   1296 O OD2 . ASP B 2 11  ? -16.295 -0.684  1.452   1.00 58.78 ? 180 ASP I OD2 1 
ATOM   1297 N N   . GLU B 2 12  ? -12.170 -2.901  1.296   1.00 52.95 ? 181 GLU I N   1 
ATOM   1298 C CA  . GLU B 2 12  ? -11.540 -4.117  1.802   1.00 49.61 ? 181 GLU I CA  1 
ATOM   1299 C C   . GLU B 2 12  ? -12.541 -5.175  2.241   1.00 54.55 ? 181 GLU I C   1 
ATOM   1300 O O   . GLU B 2 12  ? -12.144 -6.328  2.418   1.00 60.72 ? 181 GLU I O   1 
ATOM   1301 C CB  . GLU B 2 12  ? -10.619 -3.785  2.970   1.00 49.41 ? 181 GLU I CB  1 
ATOM   1302 C CG  . GLU B 2 12  ? -11.339 -3.443  4.266   1.00 47.32 ? 181 GLU I CG  1 
ATOM   1303 C CD  . GLU B 2 12  ? -10.376 -2.981  5.350   1.00 49.81 ? 181 GLU I CD  1 
ATOM   1304 O OE1 . GLU B 2 12  ? -10.838 -2.430  6.371   1.00 56.02 ? 181 GLU I OE1 1 
ATOM   1305 O OE2 . GLU B 2 12  ? -9.153  -3.173  5.191   1.00 47.65 ? 181 GLU I OE2 1 
ATOM   1306 N N   . ASN B 2 13  ? -13.812 -4.818  2.423   1.00 58.16 ? 182 ASN I N   1 
ATOM   1307 C CA  . ASN B 2 13  ? -14.845 -5.766  2.822   1.00 59.62 ? 182 ASN I CA  1 
ATOM   1308 C C   . ASN B 2 13  ? -15.536 -6.441  1.647   1.00 67.68 ? 182 ASN I C   1 
ATOM   1309 O O   . ASN B 2 13  ? -16.277 -7.407  1.861   1.00 72.51 ? 182 ASN I O   1 
ATOM   1310 C CB  . ASN B 2 13  ? -15.900 -5.070  3.671   1.00 57.07 ? 182 ASN I CB  1 
ATOM   1311 C CG  . ASN B 2 13  ? -15.323 -4.487  4.913   1.00 55.58 ? 182 ASN I CG  1 
ATOM   1312 O OD1 . ASN B 2 13  ? -14.448 -5.085  5.540   1.00 58.44 ? 182 ASN I OD1 1 
ATOM   1313 N ND2 . ASN B 2 13  ? -15.778 -3.297  5.273   1.00 56.32 ? 182 ASN I ND2 1 
ATOM   1314 N N   . GLU B 2 14  ? -15.332 -5.956  0.423   1.00 64.95 ? 183 GLU I N   1 
ATOM   1315 C CA  . GLU B 2 14  ? -15.792 -6.671  -0.766  1.00 72.33 ? 183 GLU I CA  1 
ATOM   1316 C C   . GLU B 2 14  ? -14.801 -7.781  -1.120  1.00 78.04 ? 183 GLU I C   1 
ATOM   1317 O O   . GLU B 2 14  ? -14.128 -7.757  -2.150  1.00 84.09 ? 183 GLU I O   1 
ATOM   1318 C CB  . GLU B 2 14  ? -15.977 -5.703  -1.925  1.00 75.81 ? 183 GLU I CB  1 
ATOM   1319 C CG  . GLU B 2 14  ? -16.756 -4.462  -1.555  1.00 75.07 ? 183 GLU I CG  1 
ATOM   1320 C CD  . GLU B 2 14  ? -18.216 -4.557  -1.938  1.00 92.66 ? 183 GLU I CD  1 
ATOM   1321 O OE1 . GLU B 2 14  ? -18.574 -4.070  -3.034  1.00 96.53 ? 183 GLU I OE1 1 
ATOM   1322 O OE2 . GLU B 2 14  ? -19.007 -5.114  -1.142  1.00 98.02 ? 183 GLU I OE2 1 
ATOM   1323 N N   . SER B 2 15  ? -14.716 -8.762  -0.219  1.00 84.46 ? 184 SER I N   1 
ATOM   1324 C CA  . SER B 2 15  ? -13.792 -9.892  -0.349  1.00 87.39 ? 184 SER I CA  1 
ATOM   1325 C C   . SER B 2 15  ? -14.548 -11.223 -0.371  1.00 92.68 ? 184 SER I C   1 
ATOM   1326 O O   . SER B 2 15  ? -14.914 -11.727 -1.436  1.00 99.15 ? 184 SER I O   1 
ATOM   1327 C CB  . SER B 2 15  ? -12.768 -9.887  0.794   1.00 72.52 ? 184 SER I CB  1 
HETATM 1328 O O   . HOH C 3 .   ? -8.160  14.879  17.772  1.00 48.49 ? 601 HOH A O   1 
HETATM 1329 O O   . HOH C 3 .   ? 1.373   22.044  8.499   1.00 61.61 ? 602 HOH A O   1 
HETATM 1330 O O   . HOH C 3 .   ? 15.479  -7.304  3.309   1.00 53.29 ? 603 HOH A O   1 
HETATM 1331 O O   . HOH C 3 .   ? -9.221  4.948   3.602   1.00 38.08 ? 604 HOH A O   1 
HETATM 1332 O O   . HOH C 3 .   ? 11.372  -1.116  -11.164 1.00 47.03 ? 605 HOH A O   1 
HETATM 1333 O O   . HOH C 3 .   ? -7.485  -12.654 -5.053  1.00 36.85 ? 606 HOH A O   1 
HETATM 1334 O O   . HOH C 3 .   ? -5.765  10.081  10.570  1.00 38.40 ? 607 HOH A O   1 
HETATM 1335 O O   . HOH C 3 .   ? 16.070  -3.515  6.207   1.00 60.18 ? 608 HOH A O   1 
HETATM 1336 O O   . HOH C 3 .   ? -15.449 7.128   3.990   1.00 43.57 ? 609 HOH A O   1 
HETATM 1337 O O   . HOH C 3 .   ? 9.327   -17.642 4.385   1.00 47.16 ? 610 HOH A O   1 
HETATM 1338 O O   . HOH C 3 .   ? 2.925   18.393  11.983  1.00 34.25 ? 611 HOH A O   1 
HETATM 1339 O O   . HOH C 3 .   ? 4.893   16.650  12.597  1.00 37.87 ? 612 HOH A O   1 
HETATM 1340 O O   . HOH C 3 .   ? 13.756  6.444   -3.351  1.00 60.00 ? 613 HOH A O   1 
HETATM 1341 O O   . HOH C 3 .   ? 1.451   7.564   -11.195 1.00 38.41 ? 614 HOH A O   1 
HETATM 1342 O O   . HOH C 3 .   ? -12.870 19.674  15.005  1.00 53.87 ? 615 HOH A O   1 
HETATM 1343 O O   . HOH C 3 .   ? 21.975  -9.184  3.473   1.00 72.56 ? 616 HOH A O   1 
HETATM 1344 O O   . HOH C 3 .   ? 3.896   -5.481  -12.716 1.00 35.68 ? 617 HOH A O   1 
HETATM 1345 O O   . HOH C 3 .   ? 1.429   18.446  -0.761  1.00 58.40 ? 618 HOH A O   1 
HETATM 1346 O O   . HOH C 3 .   ? 0.566   16.193  8.398   1.00 41.86 ? 619 HOH A O   1 
HETATM 1347 O O   . HOH C 3 .   ? 6.612   0.183   12.399  1.00 48.61 ? 620 HOH A O   1 
HETATM 1348 O O   . HOH C 3 .   ? -17.580 7.225   7.884   1.00 46.04 ? 621 HOH A O   1 
HETATM 1349 O O   . HOH C 3 .   ? 8.003   -19.364 -1.504  1.00 42.82 ? 622 HOH A O   1 
HETATM 1350 O O   . HOH C 3 .   ? -14.285 14.228  5.493   1.00 48.42 ? 623 HOH A O   1 
HETATM 1351 O O   . HOH C 3 .   ? -1.397  -9.010  -16.677 1.00 36.98 ? 624 HOH A O   1 
HETATM 1352 O O   . HOH C 3 .   ? -4.533  12.036  13.488  1.00 36.11 ? 625 HOH A O   1 
HETATM 1353 O O   . HOH C 3 .   ? -5.355  -12.794 -1.656  1.00 42.77 ? 626 HOH A O   1 
HETATM 1354 O O   . HOH C 3 .   ? -0.204  -14.335 -14.261 1.00 35.88 ? 627 HOH A O   1 
HETATM 1355 O O   . HOH C 3 .   ? -11.688 -0.533  11.343  1.00 53.46 ? 628 HOH A O   1 
HETATM 1356 O O   . HOH C 3 .   ? -3.490  -11.763 -14.363 1.00 41.71 ? 629 HOH A O   1 
HETATM 1357 O O   . HOH C 3 .   ? -17.075 11.469  -0.595  1.00 47.20 ? 630 HOH A O   1 
HETATM 1358 O O   . HOH C 3 .   ? 1.958   -11.464 7.971   1.00 46.10 ? 631 HOH A O   1 
HETATM 1359 O O   . HOH C 3 .   ? 7.613   5.808   -1.667  1.00 50.43 ? 632 HOH A O   1 
HETATM 1360 O O   . HOH C 3 .   ? 1.022   10.233  18.542  1.00 52.99 ? 633 HOH A O   1 
HETATM 1361 O O   . HOH C 3 .   ? 23.501  -5.248  -5.612  1.00 65.89 ? 634 HOH A O   1 
HETATM 1362 O O   . HOH C 3 .   ? -15.270 7.693   6.902   1.00 42.94 ? 635 HOH A O   1 
HETATM 1363 O O   . HOH C 3 .   ? 7.585   -2.245  9.131   1.00 47.27 ? 636 HOH A O   1 
HETATM 1364 O O   . HOH C 3 .   ? 10.271  -12.979 -14.599 1.00 36.68 ? 637 HOH A O   1 
HETATM 1365 O O   . HOH C 3 .   ? 13.170  -10.753 -5.647  1.00 39.87 ? 638 HOH A O   1 
HETATM 1366 O O   . HOH C 3 .   ? 8.271   1.942   -11.480 1.00 43.13 ? 639 HOH A O   1 
HETATM 1367 O O   . HOH C 3 .   ? -4.630  -1.334  10.266  1.00 51.51 ? 640 HOH A O   1 
HETATM 1368 O O   . HOH C 3 .   ? 5.797   1.279   -12.205 1.00 45.94 ? 641 HOH A O   1 
HETATM 1369 O O   . HOH C 3 .   ? 2.162   -17.460 -8.603  1.00 53.95 ? 642 HOH A O   1 
HETATM 1370 O O   . HOH C 3 .   ? 15.526  -14.044 -0.118  1.00 47.40 ? 643 HOH A O   1 
HETATM 1371 O O   . HOH C 3 .   ? 9.539   -0.507  -12.379 1.00 44.98 ? 644 HOH A O   1 
HETATM 1372 O O   . HOH C 3 .   ? 4.821   12.368  -2.520  1.00 50.48 ? 645 HOH A O   1 
HETATM 1373 O O   . HOH C 3 .   ? 7.688   10.362  8.954   1.00 49.23 ? 646 HOH A O   1 
HETATM 1374 O O   . HOH C 3 .   ? 7.250   -14.801 -7.370  1.00 48.21 ? 647 HOH A O   1 
HETATM 1375 O O   . HOH C 3 .   ? 5.470   -10.053 8.138   1.00 47.98 ? 648 HOH A O   1 
HETATM 1376 O O   . HOH C 3 .   ? 21.529  -8.085  -5.802  1.00 71.32 ? 649 HOH A O   1 
HETATM 1377 O O   . HOH C 3 .   ? 6.998   -19.187 -13.536 1.00 52.84 ? 650 HOH A O   1 
HETATM 1378 O O   . HOH C 3 .   ? 2.956   -15.805 -10.591 1.00 39.84 ? 651 HOH A O   1 
HETATM 1379 O O   . HOH C 3 .   ? 4.893   19.928  8.527   1.00 66.57 ? 652 HOH A O   1 
HETATM 1380 O O   . HOH C 3 .   ? -2.480  -4.648  -16.024 1.00 46.02 ? 653 HOH A O   1 
HETATM 1381 O O   . HOH C 3 .   ? 11.025  -19.373 7.218   1.00 64.91 ? 654 HOH A O   1 
HETATM 1382 O O   . HOH C 3 .   ? 7.149   -9.830  9.564   1.00 44.01 ? 655 HOH A O   1 
HETATM 1383 O O   . HOH C 3 .   ? 5.117   -12.429 8.898   1.00 48.92 ? 656 HOH A O   1 
HETATM 1384 O O   . HOH C 3 .   ? -0.072  18.030  -2.551  1.00 55.86 ? 657 HOH A O   1 
HETATM 1385 O O   . HOH C 3 .   ? 25.408  -3.800  -7.053  1.00 75.75 ? 658 HOH A O   1 
HETATM 1386 O O   . HOH C 3 .   ? -1.167  18.366  9.143   1.00 43.96 ? 659 HOH A O   1 
HETATM 1387 O O   . HOH C 3 .   ? -10.407 -7.882  -6.376  1.00 65.05 ? 660 HOH A O   1 
HETATM 1388 O O   . HOH C 3 .   ? 3.702   -8.580  8.163   1.00 49.47 ? 661 HOH A O   1 
HETATM 1389 O O   . HOH D 3 .   ? -12.444 -1.457  8.542   1.00 45.10 ? 201 HOH I O   1 
HETATM 1390 O O   . HOH D 3 .   ? -3.818  8.264   -14.034 1.00 59.77 ? 202 HOH I O   1 
# 
loop_
_pdbx_poly_seq_scheme.asym_id 
_pdbx_poly_seq_scheme.entity_id 
_pdbx_poly_seq_scheme.seq_id 
_pdbx_poly_seq_scheme.mon_id 
_pdbx_poly_seq_scheme.ndb_seq_num 
_pdbx_poly_seq_scheme.pdb_seq_num 
_pdbx_poly_seq_scheme.auth_seq_num 
_pdbx_poly_seq_scheme.pdb_mon_id 
_pdbx_poly_seq_scheme.auth_mon_id 
_pdbx_poly_seq_scheme.pdb_strand_id 
_pdbx_poly_seq_scheme.pdb_ins_code 
_pdbx_poly_seq_scheme.hetero 
A 1 1   MET 1   349 ?   ?   ?   A . n 
A 1 2   ASN 2   350 350 ASN ASN A . n 
A 1 3   GLY 3   351 351 GLY GLY A . n 
A 1 4   ILE 4   352 352 ILE ILE A . n 
A 1 5   TYR 5   353 353 TYR TYR A . n 
A 1 6   ILE 6   354 354 ILE ILE A . n 
A 1 7   TRP 7   355 355 TRP TRP A . n 
A 1 8   LYS 8   356 356 LYS LYS A . n 
A 1 9   ILE 9   357 357 ILE ILE A . n 
A 1 10  GLY 10  358 358 GLY GLY A . n 
A 1 11  ASN 11  359 359 ASN ASN A . n 
A 1 12  PHE 12  360 360 PHE PHE A . n 
A 1 13  GLY 13  361 361 GLY GLY A . n 
A 1 14  MET 14  362 362 MET MET A . n 
A 1 15  HIS 15  363 363 HIS HIS A . n 
A 1 16  LEU 16  364 364 LEU LEU A . n 
A 1 17  LYS 17  365 365 LYS LYS A . n 
A 1 18  CYS 18  366 366 CYS CYS A . n 
A 1 19  GLN 19  367 367 GLN GLN A . n 
A 1 20  GLU 20  368 368 GLU GLU A . n 
A 1 21  GLU 21  369 369 GLU GLU A . n 
A 1 22  GLU 22  370 370 GLU GLU A . n 
A 1 23  LYS 23  371 371 LYS LYS A . n 
A 1 24  PRO 24  372 372 PRO PRO A . n 
A 1 25  VAL 25  373 373 VAL VAL A . n 
A 1 26  VAL 26  374 374 VAL VAL A . n 
A 1 27  ILE 27  375 375 ILE ILE A . n 
A 1 28  HIS 28  376 376 HIS HIS A . n 
A 1 29  SER 29  377 377 SER SER A . n 
A 1 30  PRO 30  378 378 PRO PRO A . n 
A 1 31  GLY 31  379 379 GLY GLY A . n 
A 1 32  PHE 32  380 380 PHE PHE A . n 
A 1 33  TYR 33  381 381 TYR TYR A . n 
A 1 34  THR 34  382 382 THR THR A . n 
A 1 35  GLY 35  383 383 GLY GLY A . n 
A 1 36  LYS 36  384 384 LYS LYS A . n 
A 1 37  PRO 37  385 385 PRO PRO A . n 
A 1 38  GLY 38  386 386 GLY GLY A . n 
A 1 39  TYR 39  387 387 TYR TYR A . n 
A 1 40  LYS 40  388 388 LYS LYS A . n 
A 1 41  LEU 41  389 389 LEU LEU A . n 
A 1 42  CYS 42  390 390 CYS CYS A . n 
A 1 43  MET 43  391 391 MET MET A . n 
A 1 44  ARG 44  392 392 ARG ARG A . n 
A 1 45  LEU 45  393 393 LEU LEU A . n 
A 1 46  HIS 46  394 394 HIS HIS A . n 
A 1 47  LEU 47  395 395 LEU LEU A . n 
A 1 48  GLN 48  396 396 GLN GLN A . n 
A 1 49  LEU 49  397 397 LEU LEU A . n 
A 1 50  PRO 50  398 398 PRO PRO A . n 
A 1 51  THR 51  399 399 THR THR A . n 
A 1 52  ALA 52  400 400 ALA ALA A . n 
A 1 53  GLN 53  401 401 GLN GLN A . n 
A 1 54  ARG 54  402 402 ARG ARG A . n 
A 1 55  CYS 55  403 403 CYS CYS A . n 
A 1 56  ALA 56  404 404 ALA ALA A . n 
A 1 57  ASN 57  405 405 ASN ASN A . n 
A 1 58  TYR 58  406 406 TYR TYR A . n 
A 1 59  ILE 59  407 407 ILE ILE A . n 
A 1 60  SER 60  408 408 SER SER A . n 
A 1 61  LEU 61  409 409 LEU LEU A . n 
A 1 62  PHE 62  410 410 PHE PHE A . n 
A 1 63  VAL 63  411 411 VAL VAL A . n 
A 1 64  HIS 64  412 412 HIS HIS A . n 
A 1 65  THR 65  413 413 THR THR A . n 
A 1 66  MET 66  414 414 MET MET A . n 
A 1 67  GLN 67  415 415 GLN GLN A . n 
A 1 68  GLY 68  416 416 GLY GLY A . n 
A 1 69  GLU 69  417 417 GLU GLU A . n 
A 1 70  TYR 70  418 418 TYR TYR A . n 
A 1 71  ASP 71  419 419 ASP ASP A . n 
A 1 72  SER 72  420 420 SER SER A . n 
A 1 73  HIS 73  421 421 HIS HIS A . n 
A 1 74  LEU 74  422 422 LEU LEU A . n 
A 1 75  PRO 75  423 423 PRO PRO A . n 
A 1 76  TRP 76  424 424 TRP TRP A . n 
A 1 77  PRO 77  425 425 PRO PRO A . n 
A 1 78  PHE 78  426 426 PHE PHE A . n 
A 1 79  GLN 79  427 427 GLN GLN A . n 
A 1 80  GLY 80  428 428 GLY GLY A . n 
A 1 81  THR 81  429 429 THR THR A . n 
A 1 82  ILE 82  430 430 ILE ILE A . n 
A 1 83  ARG 83  431 431 ARG ARG A . n 
A 1 84  LEU 84  432 432 LEU LEU A . n 
A 1 85  THR 85  433 433 THR THR A . n 
A 1 86  ILE 86  434 434 ILE ILE A . n 
A 1 87  LEU 87  435 435 LEU LEU A . n 
A 1 88  ASP 88  436 436 ASP ASP A . n 
A 1 89  GLN 89  437 437 GLN GLN A . n 
A 1 90  SER 90  438 438 SER SER A . n 
A 1 91  GLU 91  439 439 GLU GLU A . n 
A 1 92  ALA 92  440 440 ALA ALA A . n 
A 1 93  PRO 93  441 441 PRO PRO A . n 
A 1 94  VAL 94  442 442 VAL VAL A . n 
A 1 95  ARG 95  443 443 ARG ARG A . n 
A 1 96  GLN 96  444 444 GLN GLN A . n 
A 1 97  ASN 97  445 445 ASN ASN A . n 
A 1 98  HIS 98  446 446 HIS HIS A . n 
A 1 99  GLU 99  447 447 GLU GLU A . n 
A 1 100 GLU 100 448 448 GLU GLU A . n 
A 1 101 ILE 101 449 449 ILE ILE A . n 
A 1 102 MET 102 450 450 MET MET A . n 
A 1 103 ASP 103 451 451 ASP ASP A . n 
A 1 104 ALA 104 452 452 ALA ALA A . n 
A 1 105 LYS 105 453 453 LYS LYS A . n 
A 1 106 PRO 106 454 454 PRO PRO A . n 
A 1 107 GLU 107 455 455 GLU GLU A . n 
A 1 108 LEU 108 456 456 LEU LEU A . n 
A 1 109 LEU 109 457 457 LEU LEU A . n 
A 1 110 ALA 110 458 458 ALA ALA A . n 
A 1 111 PHE 111 459 459 PHE PHE A . n 
A 1 112 GLN 112 460 460 GLN GLN A . n 
A 1 113 ARG 113 461 461 ARG ARG A . n 
A 1 114 PRO 114 462 462 PRO PRO A . n 
A 1 115 THR 115 463 463 THR THR A . n 
A 1 116 ILE 116 464 464 ILE ILE A . n 
A 1 117 PRO 117 465 465 PRO PRO A . n 
A 1 118 ARG 118 466 466 ARG ARG A . n 
A 1 119 ASN 119 467 467 ASN ASN A . n 
A 1 120 PRO 120 468 468 PRO PRO A . n 
A 1 121 LYS 121 469 469 LYS LYS A . n 
A 1 122 GLY 122 470 470 GLY GLY A . n 
A 1 123 PHE 123 471 471 PHE PHE A . n 
A 1 124 GLY 124 472 472 GLY GLY A . n 
A 1 125 TYR 125 473 473 TYR TYR A . n 
A 1 126 VAL 126 474 474 VAL VAL A . n 
A 1 127 THR 127 475 475 THR THR A . n 
A 1 128 PHE 128 476 476 PHE PHE A . n 
A 1 129 MET 129 477 477 MET MET A . n 
A 1 130 HIS 130 478 478 HIS HIS A . n 
A 1 131 LEU 131 479 479 LEU LEU A . n 
A 1 132 GLU 132 480 480 GLU GLU A . n 
A 1 133 ALA 133 481 481 ALA ALA A . n 
A 1 134 LEU 134 482 482 LEU LEU A . n 
A 1 135 ARG 135 483 483 ARG ARG A . n 
A 1 136 GLN 136 484 484 GLN GLN A . n 
A 1 137 ARG 137 485 485 ARG ARG A . n 
A 1 138 THR 138 486 486 THR THR A . n 
A 1 139 PHE 139 487 487 PHE PHE A . n 
A 1 140 ILE 140 488 488 ILE ILE A . n 
A 1 141 LYS 141 489 489 LYS LYS A . n 
A 1 142 ASP 142 490 490 ASP ASP A . n 
A 1 143 ASP 143 491 491 ASP ASP A . n 
A 1 144 THR 144 492 492 THR THR A . n 
A 1 145 LEU 145 493 493 LEU LEU A . n 
A 1 146 LEU 146 494 494 LEU LEU A . n 
A 1 147 VAL 147 495 495 VAL VAL A . n 
A 1 148 ARG 148 496 496 ARG ARG A . n 
A 1 149 CYS 149 497 497 CYS CYS A . n 
A 1 150 GLU 150 498 498 GLU GLU A . n 
A 1 151 VAL 151 499 499 VAL VAL A . n 
A 1 152 SER 152 500 500 SER SER A . n 
A 1 153 THR 153 501 501 THR THR A . n 
A 1 154 LEU 154 502 502 LEU LEU A . n 
A 1 155 GLU 155 503 ?   ?   ?   A . n 
A 1 156 HIS 156 504 ?   ?   ?   A . n 
A 1 157 HIS 157 505 ?   ?   ?   A . n 
A 1 158 HIS 158 506 ?   ?   ?   A . n 
A 1 159 HIS 159 507 ?   ?   ?   A . n 
A 1 160 HIS 160 508 ?   ?   ?   A . n 
A 1 161 HIS 161 509 ?   ?   ?   A . n 
B 2 1   SER 1   170 ?   ?   ?   I . n 
B 2 2   SER 2   171 ?   ?   ?   I . n 
B 2 3   GLN 3   172 ?   ?   ?   I . n 
B 2 4   SER 4   173 173 SER SER I . n 
B 2 5   GLN 5   174 174 GLN GLN I . n 
B 2 6   SER 6   175 175 SER SER I . n 
B 2 7   PRO 7   176 176 PRO PRO I . n 
B 2 8   THR 8   177 177 THR THR I . n 
B 2 9   GLU 9   178 178 GLU GLU I . n 
B 2 10  ASP 10  179 179 ASP ASP I . n 
B 2 11  ASP 11  180 180 ASP ASP I . n 
B 2 12  GLU 12  181 181 GLU GLU I . n 
B 2 13  ASN 13  182 182 ASN ASN I . n 
B 2 14  GLU 14  183 183 GLU GLU I . n 
B 2 15  SER 15  184 184 SER SER I . n 
# 
loop_
_pdbx_nonpoly_scheme.asym_id 
_pdbx_nonpoly_scheme.entity_id 
_pdbx_nonpoly_scheme.mon_id 
_pdbx_nonpoly_scheme.ndb_seq_num 
_pdbx_nonpoly_scheme.pdb_seq_num 
_pdbx_nonpoly_scheme.auth_seq_num 
_pdbx_nonpoly_scheme.pdb_mon_id 
_pdbx_nonpoly_scheme.auth_mon_id 
_pdbx_nonpoly_scheme.pdb_strand_id 
_pdbx_nonpoly_scheme.pdb_ins_code 
C 3 HOH 1  601 19 HOH HOH A . 
C 3 HOH 2  602 59 HOH HOH A . 
C 3 HOH 3  603 32 HOH HOH A . 
C 3 HOH 4  604 16 HOH HOH A . 
C 3 HOH 5  605 34 HOH HOH A . 
C 3 HOH 6  606 12 HOH HOH A . 
C 3 HOH 7  607 10 HOH HOH A . 
C 3 HOH 8  608 41 HOH HOH A . 
C 3 HOH 9  609 9  HOH HOH A . 
C 3 HOH 10 610 45 HOH HOH A . 
C 3 HOH 11 611 15 HOH HOH A . 
C 3 HOH 12 612 7  HOH HOH A . 
C 3 HOH 13 613 42 HOH HOH A . 
C 3 HOH 14 614 11 HOH HOH A . 
C 3 HOH 15 615 60 HOH HOH A . 
C 3 HOH 16 616 56 HOH HOH A . 
C 3 HOH 17 617 6  HOH HOH A . 
C 3 HOH 18 618 26 HOH HOH A . 
C 3 HOH 19 619 17 HOH HOH A . 
C 3 HOH 20 620 24 HOH HOH A . 
C 3 HOH 21 621 18 HOH HOH A . 
C 3 HOH 22 622 33 HOH HOH A . 
C 3 HOH 23 623 37 HOH HOH A . 
C 3 HOH 24 624 31 HOH HOH A . 
C 3 HOH 25 625 1  HOH HOH A . 
C 3 HOH 26 626 14 HOH HOH A . 
C 3 HOH 27 627 2  HOH HOH A . 
C 3 HOH 28 628 38 HOH HOH A . 
C 3 HOH 29 629 44 HOH HOH A . 
C 3 HOH 30 630 25 HOH HOH A . 
C 3 HOH 31 631 4  HOH HOH A . 
C 3 HOH 32 632 30 HOH HOH A . 
C 3 HOH 33 633 29 HOH HOH A . 
C 3 HOH 34 634 55 HOH HOH A . 
C 3 HOH 35 635 13 HOH HOH A . 
C 3 HOH 36 636 5  HOH HOH A . 
C 3 HOH 37 637 39 HOH HOH A . 
C 3 HOH 38 638 40 HOH HOH A . 
C 3 HOH 39 639 27 HOH HOH A . 
C 3 HOH 40 640 47 HOH HOH A . 
C 3 HOH 41 641 22 HOH HOH A . 
C 3 HOH 42 642 54 HOH HOH A . 
C 3 HOH 43 643 43 HOH HOH A . 
C 3 HOH 44 644 35 HOH HOH A . 
C 3 HOH 45 645 62 HOH HOH A . 
C 3 HOH 46 646 63 HOH HOH A . 
C 3 HOH 47 647 53 HOH HOH A . 
C 3 HOH 48 648 3  HOH HOH A . 
C 3 HOH 49 649 57 HOH HOH A . 
C 3 HOH 50 650 50 HOH HOH A . 
C 3 HOH 51 651 36 HOH HOH A . 
C 3 HOH 52 652 48 HOH HOH A . 
C 3 HOH 53 653 49 HOH HOH A . 
C 3 HOH 54 654 52 HOH HOH A . 
C 3 HOH 55 655 28 HOH HOH A . 
C 3 HOH 56 656 23 HOH HOH A . 
C 3 HOH 57 657 8  HOH HOH A . 
C 3 HOH 58 658 64 HOH HOH A . 
C 3 HOH 59 659 46 HOH HOH A . 
C 3 HOH 60 660 51 HOH HOH A . 
C 3 HOH 61 661 21 HOH HOH A . 
D 3 HOH 1  201 20 HOH HOH I . 
D 3 HOH 2  202 61 HOH HOH I . 
# 
_pdbx_struct_assembly.id                   1 
_pdbx_struct_assembly.details              author_and_software_defined_assembly 
_pdbx_struct_assembly.method_details       PISA 
_pdbx_struct_assembly.oligomeric_details   dimeric 
_pdbx_struct_assembly.oligomeric_count     2 
# 
_pdbx_struct_assembly_gen.assembly_id       1 
_pdbx_struct_assembly_gen.oper_expression   1 
_pdbx_struct_assembly_gen.asym_id_list      A,B,C,D 
# 
loop_
_pdbx_struct_assembly_prop.biol_id 
_pdbx_struct_assembly_prop.type 
_pdbx_struct_assembly_prop.value 
_pdbx_struct_assembly_prop.details 
1 'ABSA (A^2)' 1150 ? 
1 MORE         -1   ? 
1 'SSA (A^2)'  8710 ? 
# 
_pdbx_struct_oper_list.id                   1 
_pdbx_struct_oper_list.type                 'identity operation' 
_pdbx_struct_oper_list.name                 1_555 
_pdbx_struct_oper_list.symmetry_operation   x,y,z 
_pdbx_struct_oper_list.matrix[1][1]         1.0000000000 
_pdbx_struct_oper_list.matrix[1][2]         0.0000000000 
_pdbx_struct_oper_list.matrix[1][3]         0.0000000000 
_pdbx_struct_oper_list.vector[1]            0.0000000000 
_pdbx_struct_oper_list.matrix[2][1]         0.0000000000 
_pdbx_struct_oper_list.matrix[2][2]         1.0000000000 
_pdbx_struct_oper_list.matrix[2][3]         0.0000000000 
_pdbx_struct_oper_list.vector[2]            0.0000000000 
_pdbx_struct_oper_list.matrix[3][1]         0.0000000000 
_pdbx_struct_oper_list.matrix[3][2]         0.0000000000 
_pdbx_struct_oper_list.matrix[3][3]         1.0000000000 
_pdbx_struct_oper_list.vector[3]            0.0000000000 
# 
loop_
_pdbx_audit_revision_history.ordinal 
_pdbx_audit_revision_history.data_content_type 
_pdbx_audit_revision_history.major_revision 
_pdbx_audit_revision_history.minor_revision 
_pdbx_audit_revision_history.revision_date 
1 'Structure model' 1 0 2018-12-05 
2 'Structure model' 1 1 2019-02-06 
3 'Structure model' 1 2 2023-11-22 
# 
_pdbx_audit_revision_details.ordinal             1 
_pdbx_audit_revision_details.revision_ordinal    1 
_pdbx_audit_revision_details.data_content_type   'Structure model' 
_pdbx_audit_revision_details.provider            repository 
_pdbx_audit_revision_details.type                'Initial release' 
_pdbx_audit_revision_details.description         ? 
_pdbx_audit_revision_details.details             ? 
# 
loop_
_pdbx_audit_revision_group.ordinal 
_pdbx_audit_revision_group.revision_ordinal 
_pdbx_audit_revision_group.data_content_type 
_pdbx_audit_revision_group.group 
1 2 'Structure model' 'Data collection'        
2 2 'Structure model' 'Database references'    
3 3 'Structure model' 'Data collection'        
4 3 'Structure model' 'Database references'    
5 3 'Structure model' 'Refinement description' 
# 
loop_
_pdbx_audit_revision_category.ordinal 
_pdbx_audit_revision_category.revision_ordinal 
_pdbx_audit_revision_category.data_content_type 
_pdbx_audit_revision_category.category 
1 2 'Structure model' citation                      
2 2 'Structure model' citation_author               
3 3 'Structure model' chem_comp_atom                
4 3 'Structure model' chem_comp_bond                
5 3 'Structure model' database_2                    
6 3 'Structure model' pdbx_initial_refinement_model 
# 
loop_
_pdbx_audit_revision_item.ordinal 
_pdbx_audit_revision_item.revision_ordinal 
_pdbx_audit_revision_item.data_content_type 
_pdbx_audit_revision_item.item 
1 2 'Structure model' '_citation.journal_volume'            
2 2 'Structure model' '_citation.page_first'                
3 2 'Structure model' '_citation.page_last'                 
4 2 'Structure model' '_citation.year'                      
5 2 'Structure model' '_citation_author.identifier_ORCID'   
6 3 'Structure model' '_database_2.pdbx_DOI'                
7 3 'Structure model' '_database_2.pdbx_database_accession' 
# 
loop_
_software.citation_id 
_software.classification 
_software.compiler_name 
_software.compiler_version 
_software.contact_author 
_software.contact_author_email 
_software.date 
_software.description 
_software.dependencies 
_software.hardware 
_software.language 
_software.location 
_software.mods 
_software.name 
_software.os 
_software.os_version 
_software.type 
_software.version 
_software.pdbx_ordinal 
? 'data collection' ? ? ? ? ? ? ? ? ? ? ? Blu-Ice ? ? ? .         1 
? 'data reduction'  ? ? ? ? ? ? ? ? ? ? ? XDS     ? ? ? .         2 
? 'data scaling'    ? ? ? ? ? ? ? ? ? ? ? XSCALE  ? ? ? .         3 
? 'model building'  ? ? ? ? ? ? ? ? ? ? ? PHENIX  ? ? ? .         4 
? refinement        ? ? ? ? ? ? ? ? ? ? ? PHENIX  ? ? ? 1.12_2829 5 
# 
loop_
_pdbx_validate_torsion.id 
_pdbx_validate_torsion.PDB_model_num 
_pdbx_validate_torsion.auth_comp_id 
_pdbx_validate_torsion.auth_asym_id 
_pdbx_validate_torsion.auth_seq_id 
_pdbx_validate_torsion.PDB_ins_code 
_pdbx_validate_torsion.label_alt_id 
_pdbx_validate_torsion.phi 
_pdbx_validate_torsion.psi 
1 1 ALA A 400 ? ? -94.71  46.70   
2 1 GLN A 401 ? ? 58.56   -126.14 
3 1 GLN A 437 ? ? -89.19  40.83   
4 1 ALA A 452 ? ? -63.06  98.54   
5 1 THR A 475 ? ? -108.29 61.38   
6 1 THR A 501 ? ? -128.09 -102.36 
# 
loop_
_pdbx_unobs_or_zero_occ_atoms.id 
_pdbx_unobs_or_zero_occ_atoms.PDB_model_num 
_pdbx_unobs_or_zero_occ_atoms.polymer_flag 
_pdbx_unobs_or_zero_occ_atoms.occupancy_flag 
_pdbx_unobs_or_zero_occ_atoms.auth_asym_id 
_pdbx_unobs_or_zero_occ_atoms.auth_comp_id 
_pdbx_unobs_or_zero_occ_atoms.auth_seq_id 
_pdbx_unobs_or_zero_occ_atoms.PDB_ins_code 
_pdbx_unobs_or_zero_occ_atoms.auth_atom_id 
_pdbx_unobs_or_zero_occ_atoms.label_alt_id 
_pdbx_unobs_or_zero_occ_atoms.label_asym_id 
_pdbx_unobs_or_zero_occ_atoms.label_comp_id 
_pdbx_unobs_or_zero_occ_atoms.label_seq_id 
_pdbx_unobs_or_zero_occ_atoms.label_atom_id 
1  1 Y 1 A GLN 401 ? OE1 ? A GLN 53 OE1 
2  1 Y 1 A GLN 401 ? NE2 ? A GLN 53 NE2 
3  1 Y 1 A ARG 402 ? CG  ? A ARG 54 CG  
4  1 Y 1 A ARG 402 ? CD  ? A ARG 54 CD  
5  1 Y 1 A ARG 402 ? NE  ? A ARG 54 NE  
6  1 Y 1 A ARG 402 ? CZ  ? A ARG 54 CZ  
7  1 Y 1 A ARG 402 ? NH1 ? A ARG 54 NH1 
8  1 Y 1 A ARG 402 ? NH2 ? A ARG 54 NH2 
9  1 Y 1 A GLU 439 ? CG  ? A GLU 91 CG  
10 1 Y 1 A GLU 439 ? CD  ? A GLU 91 CD  
11 1 Y 1 A GLU 439 ? OE1 ? A GLU 91 OE1 
12 1 Y 1 A GLU 439 ? OE2 ? A GLU 91 OE2 
13 1 Y 1 I SER 184 ? OG  ? B SER 15 OG  
# 
loop_
_pdbx_unobs_or_zero_occ_residues.id 
_pdbx_unobs_or_zero_occ_residues.PDB_model_num 
_pdbx_unobs_or_zero_occ_residues.polymer_flag 
_pdbx_unobs_or_zero_occ_residues.occupancy_flag 
_pdbx_unobs_or_zero_occ_residues.auth_asym_id 
_pdbx_unobs_or_zero_occ_residues.auth_comp_id 
_pdbx_unobs_or_zero_occ_residues.auth_seq_id 
_pdbx_unobs_or_zero_occ_residues.PDB_ins_code 
_pdbx_unobs_or_zero_occ_residues.label_asym_id 
_pdbx_unobs_or_zero_occ_residues.label_comp_id 
_pdbx_unobs_or_zero_occ_residues.label_seq_id 
1  1 Y 1 A MET 349 ? A MET 1   
2  1 Y 1 A GLU 503 ? A GLU 155 
3  1 Y 1 A HIS 504 ? A HIS 156 
4  1 Y 1 A HIS 505 ? A HIS 157 
5  1 Y 1 A HIS 506 ? A HIS 158 
6  1 Y 1 A HIS 507 ? A HIS 159 
7  1 Y 1 A HIS 508 ? A HIS 160 
8  1 Y 1 A HIS 509 ? A HIS 161 
9  1 Y 1 I SER 170 ? B SER 1   
10 1 Y 1 I SER 171 ? B SER 2   
11 1 Y 1 I GLN 172 ? B GLN 3   
# 
loop_
_chem_comp_atom.comp_id 
_chem_comp_atom.atom_id 
_chem_comp_atom.type_symbol 
_chem_comp_atom.pdbx_aromatic_flag 
_chem_comp_atom.pdbx_stereo_config 
_chem_comp_atom.pdbx_ordinal 
ALA N    N N N 1   
ALA CA   C N S 2   
ALA C    C N N 3   
ALA O    O N N 4   
ALA CB   C N N 5   
ALA OXT  O N N 6   
ALA H    H N N 7   
ALA H2   H N N 8   
ALA HA   H N N 9   
ALA HB1  H N N 10  
ALA HB2  H N N 11  
ALA HB3  H N N 12  
ALA HXT  H N N 13  
ARG N    N N N 14  
ARG CA   C N S 15  
ARG C    C N N 16  
ARG O    O N N 17  
ARG CB   C N N 18  
ARG CG   C N N 19  
ARG CD   C N N 20  
ARG NE   N N N 21  
ARG CZ   C N N 22  
ARG NH1  N N N 23  
ARG NH2  N N N 24  
ARG OXT  O N N 25  
ARG H    H N N 26  
ARG H2   H N N 27  
ARG HA   H N N 28  
ARG HB2  H N N 29  
ARG HB3  H N N 30  
ARG HG2  H N N 31  
ARG HG3  H N N 32  
ARG HD2  H N N 33  
ARG HD3  H N N 34  
ARG HE   H N N 35  
ARG HH11 H N N 36  
ARG HH12 H N N 37  
ARG HH21 H N N 38  
ARG HH22 H N N 39  
ARG HXT  H N N 40  
ASN N    N N N 41  
ASN CA   C N S 42  
ASN C    C N N 43  
ASN O    O N N 44  
ASN CB   C N N 45  
ASN CG   C N N 46  
ASN OD1  O N N 47  
ASN ND2  N N N 48  
ASN OXT  O N N 49  
ASN H    H N N 50  
ASN H2   H N N 51  
ASN HA   H N N 52  
ASN HB2  H N N 53  
ASN HB3  H N N 54  
ASN HD21 H N N 55  
ASN HD22 H N N 56  
ASN HXT  H N N 57  
ASP N    N N N 58  
ASP CA   C N S 59  
ASP C    C N N 60  
ASP O    O N N 61  
ASP CB   C N N 62  
ASP CG   C N N 63  
ASP OD1  O N N 64  
ASP OD2  O N N 65  
ASP OXT  O N N 66  
ASP H    H N N 67  
ASP H2   H N N 68  
ASP HA   H N N 69  
ASP HB2  H N N 70  
ASP HB3  H N N 71  
ASP HD2  H N N 72  
ASP HXT  H N N 73  
CYS N    N N N 74  
CYS CA   C N R 75  
CYS C    C N N 76  
CYS O    O N N 77  
CYS CB   C N N 78  
CYS SG   S N N 79  
CYS OXT  O N N 80  
CYS H    H N N 81  
CYS H2   H N N 82  
CYS HA   H N N 83  
CYS HB2  H N N 84  
CYS HB3  H N N 85  
CYS HG   H N N 86  
CYS HXT  H N N 87  
GLN N    N N N 88  
GLN CA   C N S 89  
GLN C    C N N 90  
GLN O    O N N 91  
GLN CB   C N N 92  
GLN CG   C N N 93  
GLN CD   C N N 94  
GLN OE1  O N N 95  
GLN NE2  N N N 96  
GLN OXT  O N N 97  
GLN H    H N N 98  
GLN H2   H N N 99  
GLN HA   H N N 100 
GLN HB2  H N N 101 
GLN HB3  H N N 102 
GLN HG2  H N N 103 
GLN HG3  H N N 104 
GLN HE21 H N N 105 
GLN HE22 H N N 106 
GLN HXT  H N N 107 
GLU N    N N N 108 
GLU CA   C N S 109 
GLU C    C N N 110 
GLU O    O N N 111 
GLU CB   C N N 112 
GLU CG   C N N 113 
GLU CD   C N N 114 
GLU OE1  O N N 115 
GLU OE2  O N N 116 
GLU OXT  O N N 117 
GLU H    H N N 118 
GLU H2   H N N 119 
GLU HA   H N N 120 
GLU HB2  H N N 121 
GLU HB3  H N N 122 
GLU HG2  H N N 123 
GLU HG3  H N N 124 
GLU HE2  H N N 125 
GLU HXT  H N N 126 
GLY N    N N N 127 
GLY CA   C N N 128 
GLY C    C N N 129 
GLY O    O N N 130 
GLY OXT  O N N 131 
GLY H    H N N 132 
GLY H2   H N N 133 
GLY HA2  H N N 134 
GLY HA3  H N N 135 
GLY HXT  H N N 136 
HIS N    N N N 137 
HIS CA   C N S 138 
HIS C    C N N 139 
HIS O    O N N 140 
HIS CB   C N N 141 
HIS CG   C Y N 142 
HIS ND1  N Y N 143 
HIS CD2  C Y N 144 
HIS CE1  C Y N 145 
HIS NE2  N Y N 146 
HIS OXT  O N N 147 
HIS H    H N N 148 
HIS H2   H N N 149 
HIS HA   H N N 150 
HIS HB2  H N N 151 
HIS HB3  H N N 152 
HIS HD1  H N N 153 
HIS HD2  H N N 154 
HIS HE1  H N N 155 
HIS HE2  H N N 156 
HIS HXT  H N N 157 
HOH O    O N N 158 
HOH H1   H N N 159 
HOH H2   H N N 160 
ILE N    N N N 161 
ILE CA   C N S 162 
ILE C    C N N 163 
ILE O    O N N 164 
ILE CB   C N S 165 
ILE CG1  C N N 166 
ILE CG2  C N N 167 
ILE CD1  C N N 168 
ILE OXT  O N N 169 
ILE H    H N N 170 
ILE H2   H N N 171 
ILE HA   H N N 172 
ILE HB   H N N 173 
ILE HG12 H N N 174 
ILE HG13 H N N 175 
ILE HG21 H N N 176 
ILE HG22 H N N 177 
ILE HG23 H N N 178 
ILE HD11 H N N 179 
ILE HD12 H N N 180 
ILE HD13 H N N 181 
ILE HXT  H N N 182 
LEU N    N N N 183 
LEU CA   C N S 184 
LEU C    C N N 185 
LEU O    O N N 186 
LEU CB   C N N 187 
LEU CG   C N N 188 
LEU CD1  C N N 189 
LEU CD2  C N N 190 
LEU OXT  O N N 191 
LEU H    H N N 192 
LEU H2   H N N 193 
LEU HA   H N N 194 
LEU HB2  H N N 195 
LEU HB3  H N N 196 
LEU HG   H N N 197 
LEU HD11 H N N 198 
LEU HD12 H N N 199 
LEU HD13 H N N 200 
LEU HD21 H N N 201 
LEU HD22 H N N 202 
LEU HD23 H N N 203 
LEU HXT  H N N 204 
LYS N    N N N 205 
LYS CA   C N S 206 
LYS C    C N N 207 
LYS O    O N N 208 
LYS CB   C N N 209 
LYS CG   C N N 210 
LYS CD   C N N 211 
LYS CE   C N N 212 
LYS NZ   N N N 213 
LYS OXT  O N N 214 
LYS H    H N N 215 
LYS H2   H N N 216 
LYS HA   H N N 217 
LYS HB2  H N N 218 
LYS HB3  H N N 219 
LYS HG2  H N N 220 
LYS HG3  H N N 221 
LYS HD2  H N N 222 
LYS HD3  H N N 223 
LYS HE2  H N N 224 
LYS HE3  H N N 225 
LYS HZ1  H N N 226 
LYS HZ2  H N N 227 
LYS HZ3  H N N 228 
LYS HXT  H N N 229 
MET N    N N N 230 
MET CA   C N S 231 
MET C    C N N 232 
MET O    O N N 233 
MET CB   C N N 234 
MET CG   C N N 235 
MET SD   S N N 236 
MET CE   C N N 237 
MET OXT  O N N 238 
MET H    H N N 239 
MET H2   H N N 240 
MET HA   H N N 241 
MET HB2  H N N 242 
MET HB3  H N N 243 
MET HG2  H N N 244 
MET HG3  H N N 245 
MET HE1  H N N 246 
MET HE2  H N N 247 
MET HE3  H N N 248 
MET HXT  H N N 249 
PHE N    N N N 250 
PHE CA   C N S 251 
PHE C    C N N 252 
PHE O    O N N 253 
PHE CB   C N N 254 
PHE CG   C Y N 255 
PHE CD1  C Y N 256 
PHE CD2  C Y N 257 
PHE CE1  C Y N 258 
PHE CE2  C Y N 259 
PHE CZ   C Y N 260 
PHE OXT  O N N 261 
PHE H    H N N 262 
PHE H2   H N N 263 
PHE HA   H N N 264 
PHE HB2  H N N 265 
PHE HB3  H N N 266 
PHE HD1  H N N 267 
PHE HD2  H N N 268 
PHE HE1  H N N 269 
PHE HE2  H N N 270 
PHE HZ   H N N 271 
PHE HXT  H N N 272 
PRO N    N N N 273 
PRO CA   C N S 274 
PRO C    C N N 275 
PRO O    O N N 276 
PRO CB   C N N 277 
PRO CG   C N N 278 
PRO CD   C N N 279 
PRO OXT  O N N 280 
PRO H    H N N 281 
PRO HA   H N N 282 
PRO HB2  H N N 283 
PRO HB3  H N N 284 
PRO HG2  H N N 285 
PRO HG3  H N N 286 
PRO HD2  H N N 287 
PRO HD3  H N N 288 
PRO HXT  H N N 289 
SER N    N N N 290 
SER CA   C N S 291 
SER C    C N N 292 
SER O    O N N 293 
SER CB   C N N 294 
SER OG   O N N 295 
SER OXT  O N N 296 
SER H    H N N 297 
SER H2   H N N 298 
SER HA   H N N 299 
SER HB2  H N N 300 
SER HB3  H N N 301 
SER HG   H N N 302 
SER HXT  H N N 303 
THR N    N N N 304 
THR CA   C N S 305 
THR C    C N N 306 
THR O    O N N 307 
THR CB   C N R 308 
THR OG1  O N N 309 
THR CG2  C N N 310 
THR OXT  O N N 311 
THR H    H N N 312 
THR H2   H N N 313 
THR HA   H N N 314 
THR HB   H N N 315 
THR HG1  H N N 316 
THR HG21 H N N 317 
THR HG22 H N N 318 
THR HG23 H N N 319 
THR HXT  H N N 320 
TRP N    N N N 321 
TRP CA   C N S 322 
TRP C    C N N 323 
TRP O    O N N 324 
TRP CB   C N N 325 
TRP CG   C Y N 326 
TRP CD1  C Y N 327 
TRP CD2  C Y N 328 
TRP NE1  N Y N 329 
TRP CE2  C Y N 330 
TRP CE3  C Y N 331 
TRP CZ2  C Y N 332 
TRP CZ3  C Y N 333 
TRP CH2  C Y N 334 
TRP OXT  O N N 335 
TRP H    H N N 336 
TRP H2   H N N 337 
TRP HA   H N N 338 
TRP HB2  H N N 339 
TRP HB3  H N N 340 
TRP HD1  H N N 341 
TRP HE1  H N N 342 
TRP HE3  H N N 343 
TRP HZ2  H N N 344 
TRP HZ3  H N N 345 
TRP HH2  H N N 346 
TRP HXT  H N N 347 
TYR N    N N N 348 
TYR CA   C N S 349 
TYR C    C N N 350 
TYR O    O N N 351 
TYR CB   C N N 352 
TYR CG   C Y N 353 
TYR CD1  C Y N 354 
TYR CD2  C Y N 355 
TYR CE1  C Y N 356 
TYR CE2  C Y N 357 
TYR CZ   C Y N 358 
TYR OH   O N N 359 
TYR OXT  O N N 360 
TYR H    H N N 361 
TYR H2   H N N 362 
TYR HA   H N N 363 
TYR HB2  H N N 364 
TYR HB3  H N N 365 
TYR HD1  H N N 366 
TYR HD2  H N N 367 
TYR HE1  H N N 368 
TYR HE2  H N N 369 
TYR HH   H N N 370 
TYR HXT  H N N 371 
VAL N    N N N 372 
VAL CA   C N S 373 
VAL C    C N N 374 
VAL O    O N N 375 
VAL CB   C N N 376 
VAL CG1  C N N 377 
VAL CG2  C N N 378 
VAL OXT  O N N 379 
VAL H    H N N 380 
VAL H2   H N N 381 
VAL HA   H N N 382 
VAL HB   H N N 383 
VAL HG11 H N N 384 
VAL HG12 H N N 385 
VAL HG13 H N N 386 
VAL HG21 H N N 387 
VAL HG22 H N N 388 
VAL HG23 H N N 389 
VAL HXT  H N N 390 
# 
loop_
_chem_comp_bond.comp_id 
_chem_comp_bond.atom_id_1 
_chem_comp_bond.atom_id_2 
_chem_comp_bond.value_order 
_chem_comp_bond.pdbx_aromatic_flag 
_chem_comp_bond.pdbx_stereo_config 
_chem_comp_bond.pdbx_ordinal 
ALA N   CA   sing N N 1   
ALA N   H    sing N N 2   
ALA N   H2   sing N N 3   
ALA CA  C    sing N N 4   
ALA CA  CB   sing N N 5   
ALA CA  HA   sing N N 6   
ALA C   O    doub N N 7   
ALA C   OXT  sing N N 8   
ALA CB  HB1  sing N N 9   
ALA CB  HB2  sing N N 10  
ALA CB  HB3  sing N N 11  
ALA OXT HXT  sing N N 12  
ARG N   CA   sing N N 13  
ARG N   H    sing N N 14  
ARG N   H2   sing N N 15  
ARG CA  C    sing N N 16  
ARG CA  CB   sing N N 17  
ARG CA  HA   sing N N 18  
ARG C   O    doub N N 19  
ARG C   OXT  sing N N 20  
ARG CB  CG   sing N N 21  
ARG CB  HB2  sing N N 22  
ARG CB  HB3  sing N N 23  
ARG CG  CD   sing N N 24  
ARG CG  HG2  sing N N 25  
ARG CG  HG3  sing N N 26  
ARG CD  NE   sing N N 27  
ARG CD  HD2  sing N N 28  
ARG CD  HD3  sing N N 29  
ARG NE  CZ   sing N N 30  
ARG NE  HE   sing N N 31  
ARG CZ  NH1  sing N N 32  
ARG CZ  NH2  doub N N 33  
ARG NH1 HH11 sing N N 34  
ARG NH1 HH12 sing N N 35  
ARG NH2 HH21 sing N N 36  
ARG NH2 HH22 sing N N 37  
ARG OXT HXT  sing N N 38  
ASN N   CA   sing N N 39  
ASN N   H    sing N N 40  
ASN N   H2   sing N N 41  
ASN CA  C    sing N N 42  
ASN CA  CB   sing N N 43  
ASN CA  HA   sing N N 44  
ASN C   O    doub N N 45  
ASN C   OXT  sing N N 46  
ASN CB  CG   sing N N 47  
ASN CB  HB2  sing N N 48  
ASN CB  HB3  sing N N 49  
ASN CG  OD1  doub N N 50  
ASN CG  ND2  sing N N 51  
ASN ND2 HD21 sing N N 52  
ASN ND2 HD22 sing N N 53  
ASN OXT HXT  sing N N 54  
ASP N   CA   sing N N 55  
ASP N   H    sing N N 56  
ASP N   H2   sing N N 57  
ASP CA  C    sing N N 58  
ASP CA  CB   sing N N 59  
ASP CA  HA   sing N N 60  
ASP C   O    doub N N 61  
ASP C   OXT  sing N N 62  
ASP CB  CG   sing N N 63  
ASP CB  HB2  sing N N 64  
ASP CB  HB3  sing N N 65  
ASP CG  OD1  doub N N 66  
ASP CG  OD2  sing N N 67  
ASP OD2 HD2  sing N N 68  
ASP OXT HXT  sing N N 69  
CYS N   CA   sing N N 70  
CYS N   H    sing N N 71  
CYS N   H2   sing N N 72  
CYS CA  C    sing N N 73  
CYS CA  CB   sing N N 74  
CYS CA  HA   sing N N 75  
CYS C   O    doub N N 76  
CYS C   OXT  sing N N 77  
CYS CB  SG   sing N N 78  
CYS CB  HB2  sing N N 79  
CYS CB  HB3  sing N N 80  
CYS SG  HG   sing N N 81  
CYS OXT HXT  sing N N 82  
GLN N   CA   sing N N 83  
GLN N   H    sing N N 84  
GLN N   H2   sing N N 85  
GLN CA  C    sing N N 86  
GLN CA  CB   sing N N 87  
GLN CA  HA   sing N N 88  
GLN C   O    doub N N 89  
GLN C   OXT  sing N N 90  
GLN CB  CG   sing N N 91  
GLN CB  HB2  sing N N 92  
GLN CB  HB3  sing N N 93  
GLN CG  CD   sing N N 94  
GLN CG  HG2  sing N N 95  
GLN CG  HG3  sing N N 96  
GLN CD  OE1  doub N N 97  
GLN CD  NE2  sing N N 98  
GLN NE2 HE21 sing N N 99  
GLN NE2 HE22 sing N N 100 
GLN OXT HXT  sing N N 101 
GLU N   CA   sing N N 102 
GLU N   H    sing N N 103 
GLU N   H2   sing N N 104 
GLU CA  C    sing N N 105 
GLU CA  CB   sing N N 106 
GLU CA  HA   sing N N 107 
GLU C   O    doub N N 108 
GLU C   OXT  sing N N 109 
GLU CB  CG   sing N N 110 
GLU CB  HB2  sing N N 111 
GLU CB  HB3  sing N N 112 
GLU CG  CD   sing N N 113 
GLU CG  HG2  sing N N 114 
GLU CG  HG3  sing N N 115 
GLU CD  OE1  doub N N 116 
GLU CD  OE2  sing N N 117 
GLU OE2 HE2  sing N N 118 
GLU OXT HXT  sing N N 119 
GLY N   CA   sing N N 120 
GLY N   H    sing N N 121 
GLY N   H2   sing N N 122 
GLY CA  C    sing N N 123 
GLY CA  HA2  sing N N 124 
GLY CA  HA3  sing N N 125 
GLY C   O    doub N N 126 
GLY C   OXT  sing N N 127 
GLY OXT HXT  sing N N 128 
HIS N   CA   sing N N 129 
HIS N   H    sing N N 130 
HIS N   H2   sing N N 131 
HIS CA  C    sing N N 132 
HIS CA  CB   sing N N 133 
HIS CA  HA   sing N N 134 
HIS C   O    doub N N 135 
HIS C   OXT  sing N N 136 
HIS CB  CG   sing N N 137 
HIS CB  HB2  sing N N 138 
HIS CB  HB3  sing N N 139 
HIS CG  ND1  sing Y N 140 
HIS CG  CD2  doub Y N 141 
HIS ND1 CE1  doub Y N 142 
HIS ND1 HD1  sing N N 143 
HIS CD2 NE2  sing Y N 144 
HIS CD2 HD2  sing N N 145 
HIS CE1 NE2  sing Y N 146 
HIS CE1 HE1  sing N N 147 
HIS NE2 HE2  sing N N 148 
HIS OXT HXT  sing N N 149 
HOH O   H1   sing N N 150 
HOH O   H2   sing N N 151 
ILE N   CA   sing N N 152 
ILE N   H    sing N N 153 
ILE N   H2   sing N N 154 
ILE CA  C    sing N N 155 
ILE CA  CB   sing N N 156 
ILE CA  HA   sing N N 157 
ILE C   O    doub N N 158 
ILE C   OXT  sing N N 159 
ILE CB  CG1  sing N N 160 
ILE CB  CG2  sing N N 161 
ILE CB  HB   sing N N 162 
ILE CG1 CD1  sing N N 163 
ILE CG1 HG12 sing N N 164 
ILE CG1 HG13 sing N N 165 
ILE CG2 HG21 sing N N 166 
ILE CG2 HG22 sing N N 167 
ILE CG2 HG23 sing N N 168 
ILE CD1 HD11 sing N N 169 
ILE CD1 HD12 sing N N 170 
ILE CD1 HD13 sing N N 171 
ILE OXT HXT  sing N N 172 
LEU N   CA   sing N N 173 
LEU N   H    sing N N 174 
LEU N   H2   sing N N 175 
LEU CA  C    sing N N 176 
LEU CA  CB   sing N N 177 
LEU CA  HA   sing N N 178 
LEU C   O    doub N N 179 
LEU C   OXT  sing N N 180 
LEU CB  CG   sing N N 181 
LEU CB  HB2  sing N N 182 
LEU CB  HB3  sing N N 183 
LEU CG  CD1  sing N N 184 
LEU CG  CD2  sing N N 185 
LEU CG  HG   sing N N 186 
LEU CD1 HD11 sing N N 187 
LEU CD1 HD12 sing N N 188 
LEU CD1 HD13 sing N N 189 
LEU CD2 HD21 sing N N 190 
LEU CD2 HD22 sing N N 191 
LEU CD2 HD23 sing N N 192 
LEU OXT HXT  sing N N 193 
LYS N   CA   sing N N 194 
LYS N   H    sing N N 195 
LYS N   H2   sing N N 196 
LYS CA  C    sing N N 197 
LYS CA  CB   sing N N 198 
LYS CA  HA   sing N N 199 
LYS C   O    doub N N 200 
LYS C   OXT  sing N N 201 
LYS CB  CG   sing N N 202 
LYS CB  HB2  sing N N 203 
LYS CB  HB3  sing N N 204 
LYS CG  CD   sing N N 205 
LYS CG  HG2  sing N N 206 
LYS CG  HG3  sing N N 207 
LYS CD  CE   sing N N 208 
LYS CD  HD2  sing N N 209 
LYS CD  HD3  sing N N 210 
LYS CE  NZ   sing N N 211 
LYS CE  HE2  sing N N 212 
LYS CE  HE3  sing N N 213 
LYS NZ  HZ1  sing N N 214 
LYS NZ  HZ2  sing N N 215 
LYS NZ  HZ3  sing N N 216 
LYS OXT HXT  sing N N 217 
MET N   CA   sing N N 218 
MET N   H    sing N N 219 
MET N   H2   sing N N 220 
MET CA  C    sing N N 221 
MET CA  CB   sing N N 222 
MET CA  HA   sing N N 223 
MET C   O    doub N N 224 
MET C   OXT  sing N N 225 
MET CB  CG   sing N N 226 
MET CB  HB2  sing N N 227 
MET CB  HB3  sing N N 228 
MET CG  SD   sing N N 229 
MET CG  HG2  sing N N 230 
MET CG  HG3  sing N N 231 
MET SD  CE   sing N N 232 
MET CE  HE1  sing N N 233 
MET CE  HE2  sing N N 234 
MET CE  HE3  sing N N 235 
MET OXT HXT  sing N N 236 
PHE N   CA   sing N N 237 
PHE N   H    sing N N 238 
PHE N   H2   sing N N 239 
PHE CA  C    sing N N 240 
PHE CA  CB   sing N N 241 
PHE CA  HA   sing N N 242 
PHE C   O    doub N N 243 
PHE C   OXT  sing N N 244 
PHE CB  CG   sing N N 245 
PHE CB  HB2  sing N N 246 
PHE CB  HB3  sing N N 247 
PHE CG  CD1  doub Y N 248 
PHE CG  CD2  sing Y N 249 
PHE CD1 CE1  sing Y N 250 
PHE CD1 HD1  sing N N 251 
PHE CD2 CE2  doub Y N 252 
PHE CD2 HD2  sing N N 253 
PHE CE1 CZ   doub Y N 254 
PHE CE1 HE1  sing N N 255 
PHE CE2 CZ   sing Y N 256 
PHE CE2 HE2  sing N N 257 
PHE CZ  HZ   sing N N 258 
PHE OXT HXT  sing N N 259 
PRO N   CA   sing N N 260 
PRO N   CD   sing N N 261 
PRO N   H    sing N N 262 
PRO CA  C    sing N N 263 
PRO CA  CB   sing N N 264 
PRO CA  HA   sing N N 265 
PRO C   O    doub N N 266 
PRO C   OXT  sing N N 267 
PRO CB  CG   sing N N 268 
PRO CB  HB2  sing N N 269 
PRO CB  HB3  sing N N 270 
PRO CG  CD   sing N N 271 
PRO CG  HG2  sing N N 272 
PRO CG  HG3  sing N N 273 
PRO CD  HD2  sing N N 274 
PRO CD  HD3  sing N N 275 
PRO OXT HXT  sing N N 276 
SER N   CA   sing N N 277 
SER N   H    sing N N 278 
SER N   H2   sing N N 279 
SER CA  C    sing N N 280 
SER CA  CB   sing N N 281 
SER CA  HA   sing N N 282 
SER C   O    doub N N 283 
SER C   OXT  sing N N 284 
SER CB  OG   sing N N 285 
SER CB  HB2  sing N N 286 
SER CB  HB3  sing N N 287 
SER OG  HG   sing N N 288 
SER OXT HXT  sing N N 289 
THR N   CA   sing N N 290 
THR N   H    sing N N 291 
THR N   H2   sing N N 292 
THR CA  C    sing N N 293 
THR CA  CB   sing N N 294 
THR CA  HA   sing N N 295 
THR C   O    doub N N 296 
THR C   OXT  sing N N 297 
THR CB  OG1  sing N N 298 
THR CB  CG2  sing N N 299 
THR CB  HB   sing N N 300 
THR OG1 HG1  sing N N 301 
THR CG2 HG21 sing N N 302 
THR CG2 HG22 sing N N 303 
THR CG2 HG23 sing N N 304 
THR OXT HXT  sing N N 305 
TRP N   CA   sing N N 306 
TRP N   H    sing N N 307 
TRP N   H2   sing N N 308 
TRP CA  C    sing N N 309 
TRP CA  CB   sing N N 310 
TRP CA  HA   sing N N 311 
TRP C   O    doub N N 312 
TRP C   OXT  sing N N 313 
TRP CB  CG   sing N N 314 
TRP CB  HB2  sing N N 315 
TRP CB  HB3  sing N N 316 
TRP CG  CD1  doub Y N 317 
TRP CG  CD2  sing Y N 318 
TRP CD1 NE1  sing Y N 319 
TRP CD1 HD1  sing N N 320 
TRP CD2 CE2  doub Y N 321 
TRP CD2 CE3  sing Y N 322 
TRP NE1 CE2  sing Y N 323 
TRP NE1 HE1  sing N N 324 
TRP CE2 CZ2  sing Y N 325 
TRP CE3 CZ3  doub Y N 326 
TRP CE3 HE3  sing N N 327 
TRP CZ2 CH2  doub Y N 328 
TRP CZ2 HZ2  sing N N 329 
TRP CZ3 CH2  sing Y N 330 
TRP CZ3 HZ3  sing N N 331 
TRP CH2 HH2  sing N N 332 
TRP OXT HXT  sing N N 333 
TYR N   CA   sing N N 334 
TYR N   H    sing N N 335 
TYR N   H2   sing N N 336 
TYR CA  C    sing N N 337 
TYR CA  CB   sing N N 338 
TYR CA  HA   sing N N 339 
TYR C   O    doub N N 340 
TYR C   OXT  sing N N 341 
TYR CB  CG   sing N N 342 
TYR CB  HB2  sing N N 343 
TYR CB  HB3  sing N N 344 
TYR CG  CD1  doub Y N 345 
TYR CG  CD2  sing Y N 346 
TYR CD1 CE1  sing Y N 347 
TYR CD1 HD1  sing N N 348 
TYR CD2 CE2  doub Y N 349 
TYR CD2 HD2  sing N N 350 
TYR CE1 CZ   doub Y N 351 
TYR CE1 HE1  sing N N 352 
TYR CE2 CZ   sing Y N 353 
TYR CE2 HE2  sing N N 354 
TYR CZ  OH   sing N N 355 
TYR OH  HH   sing N N 356 
TYR OXT HXT  sing N N 357 
VAL N   CA   sing N N 358 
VAL N   H    sing N N 359 
VAL N   H2   sing N N 360 
VAL CA  C    sing N N 361 
VAL CA  CB   sing N N 362 
VAL CA  HA   sing N N 363 
VAL C   O    doub N N 364 
VAL C   OXT  sing N N 365 
VAL CB  CG1  sing N N 366 
VAL CB  CG2  sing N N 367 
VAL CB  HB   sing N N 368 
VAL CG1 HG11 sing N N 369 
VAL CG1 HG12 sing N N 370 
VAL CG1 HG13 sing N N 371 
VAL CG2 HG21 sing N N 372 
VAL CG2 HG22 sing N N 373 
VAL CG2 HG23 sing N N 374 
VAL OXT HXT  sing N N 375 
# 
loop_
_pdbx_audit_support.funding_organization 
_pdbx_audit_support.country 
_pdbx_audit_support.grant_number 
_pdbx_audit_support.ordinal 
? Taiwan MOST105-0210-01-12-01 1 
? Taiwan MOST106-0210-01-15-04 2 
? Taiwan MOST107-0210-01-19-02 3 
# 
_pdbx_entity_nonpoly.entity_id   3 
_pdbx_entity_nonpoly.name        water 
_pdbx_entity_nonpoly.comp_id     HOH 
# 
_pdbx_initial_refinement_model.id               1 
_pdbx_initial_refinement_model.entity_id_list   ? 
_pdbx_initial_refinement_model.type             'experimental model' 
_pdbx_initial_refinement_model.source_name      PDB 
_pdbx_initial_refinement_model.accession_code   1LB5 
_pdbx_initial_refinement_model.details          ? 
# 
_pdbx_struct_assembly_auth_evidence.id                     1 
_pdbx_struct_assembly_auth_evidence.assembly_id            1 
_pdbx_struct_assembly_auth_evidence.experimental_support   none 
_pdbx_struct_assembly_auth_evidence.details                ? 
# 
